data_3I6T
#
_entry.id   3I6T
#
_cell.length_a   134.196
_cell.length_b   134.196
_cell.length_c   89.740
_cell.angle_alpha   90.000
_cell.angle_beta   90.000
_cell.angle_gamma   90.000
#
_symmetry.space_group_name_H-M   'P 4'
#
loop_
_entity.id
_entity.type
_entity.pdbx_description
1 polymer 'Muconate cycloisomerase'
2 non-polymer 'POTASSIUM ION'
3 non-polymer 'MAGNESIUM ION'
4 water water
#
_entity_poly.entity_id   1
_entity_poly.type   'polypeptide(L)'
_entity_poly.pdbx_seq_one_letter_code
;MSLSDQSQIIAGFTLWHLSLPVTARRDHGIGSVAGAVEVVVLRLQADSGAVGYGEASPWVVFTGSVEATYAALDRYLRPL
VLGRAVGDHAAIMEDARAAVAHCTEAKAALDTALYDLRARIAGVPVWALLGGRCRDRIPLSCSIADPDFDKDLALMQRLQ
DDDVRIIKLKTGFKDHAFDMMRLERLRADFPAFDIRVDYNQGLHHDVALARVRDVATFKPTFIEQPVKAHLRGLMARIRD
AVDVPLLADESIFGPEDMAEHPEIADGVSIKIMKSGGLTRAQTVARMAAARGLSAYGGDMFEAGLAHLAGAHMIAATPEI
TLGCEFYQATYFLCDDILAAPFPVADGHVLVPDTPGLGVDVDEDALARFAVAREGHHHHHH
;
_entity_poly.pdbx_strand_id   A,B,C,D
#
loop_
_chem_comp.id
_chem_comp.type
_chem_comp.name
_chem_comp.formula
K non-polymer 'POTASSIUM ION' 'K 1'
MG non-polymer 'MAGNESIUM ION' 'Mg 2'
#
# COMPACT_ATOMS: atom_id res chain seq x y z
N ASP A 5 -6.32 -10.99 5.34
CA ASP A 5 -5.44 -12.17 5.24
C ASP A 5 -5.11 -12.38 3.76
N GLN A 6 -6.03 -12.01 2.87
CA GLN A 6 -5.79 -12.11 1.43
C GLN A 6 -4.69 -11.15 0.95
N SER A 7 -4.35 -10.15 1.76
CA SER A 7 -3.25 -9.26 1.36
C SER A 7 -1.97 -9.64 2.06
N GLN A 8 -1.93 -10.78 2.76
CA GLN A 8 -0.64 -11.23 3.34
C GLN A 8 0.36 -11.51 2.22
N ILE A 9 1.62 -11.17 2.49
CA ILE A 9 2.60 -11.13 1.47
C ILE A 9 3.32 -12.45 1.30
N ILE A 10 3.94 -12.60 0.14
CA ILE A 10 4.79 -13.73 -0.13
C ILE A 10 6.18 -13.32 0.38
N ALA A 11 6.69 -14.06 1.36
CA ALA A 11 7.92 -13.70 2.09
C ALA A 11 9.11 -14.60 1.78
N GLY A 12 8.85 -15.74 1.15
CA GLY A 12 9.87 -16.68 0.80
C GLY A 12 9.65 -17.24 -0.60
N PHE A 13 10.77 -17.50 -1.28
CA PHE A 13 10.81 -17.99 -2.67
C PHE A 13 12.08 -18.82 -2.78
N THR A 14 11.92 -20.13 -2.85
CA THR A 14 13.01 -21.07 -2.76
C THR A 14 12.97 -22.07 -3.92
N LEU A 15 14.13 -22.32 -4.52
CA LEU A 15 14.26 -23.22 -5.68
C LEU A 15 15.19 -24.37 -5.37
N TRP A 16 14.85 -25.55 -5.90
CA TRP A 16 15.75 -26.69 -5.98
C TRP A 16 15.83 -27.18 -7.42
N HIS A 17 17.02 -27.38 -7.95
CA HIS A 17 17.21 -28.07 -9.24
C HIS A 17 17.51 -29.53 -8.91
N LEU A 18 16.61 -30.45 -9.27
CA LEU A 18 16.76 -31.85 -8.93
C LEU A 18 17.18 -32.66 -10.13
N SER A 19 17.86 -33.77 -9.84
CA SER A 19 18.08 -34.83 -10.80
C SER A 19 17.54 -36.09 -10.14
N LEU A 20 16.57 -36.71 -10.82
CA LEU A 20 15.85 -37.85 -10.28
C LEU A 20 16.11 -39.07 -11.15
N PRO A 21 16.73 -40.13 -10.57
CA PRO A 21 16.95 -41.33 -11.35
C PRO A 21 15.64 -41.99 -11.73
N VAL A 22 15.66 -42.64 -12.89
CA VAL A 22 14.49 -43.32 -13.43
C VAL A 22 14.91 -44.76 -13.72
N THR A 23 13.95 -45.67 -13.89
CA THR A 23 14.28 -46.96 -14.50
C THR A 23 14.56 -46.67 -15.99
N GLY A 35 19.62 -43.52 -16.52
CA GLY A 35 18.99 -42.23 -16.80
C GLY A 35 18.50 -41.46 -15.56
N ALA A 36 18.27 -40.16 -15.76
CA ALA A 36 17.69 -39.30 -14.75
C ALA A 36 16.88 -38.27 -15.44
N VAL A 37 15.89 -37.73 -14.72
CA VAL A 37 15.18 -36.56 -15.24
C VAL A 37 15.36 -35.37 -14.32
N GLU A 38 15.54 -34.21 -14.92
CA GLU A 38 15.81 -33.01 -14.18
C GLU A 38 14.52 -32.18 -14.09
N VAL A 39 14.18 -31.72 -12.89
CA VAL A 39 13.04 -30.82 -12.68
C VAL A 39 13.50 -29.70 -11.76
N VAL A 40 12.70 -28.64 -11.69
CA VAL A 40 12.89 -27.58 -10.72
C VAL A 40 11.69 -27.51 -9.78
N VAL A 41 11.93 -27.43 -8.48
CA VAL A 41 10.86 -27.28 -7.52
C VAL A 41 10.94 -25.89 -6.93
N LEU A 42 9.77 -25.26 -6.80
CA LEU A 42 9.61 -23.93 -6.20
C LEU A 42 8.80 -24.10 -4.92
N ARG A 43 9.23 -23.46 -3.83
CA ARG A 43 8.41 -23.27 -2.64
C ARG A 43 8.20 -21.79 -2.38
N LEU A 44 6.94 -21.41 -2.17
CA LEU A 44 6.58 -20.10 -1.79
C LEU A 44 6.18 -20.15 -0.31
N GLN A 45 6.53 -19.11 0.41
CA GLN A 45 6.20 -19.01 1.83
C GLN A 45 5.49 -17.69 2.06
N ALA A 46 4.33 -17.77 2.70
CA ALA A 46 3.59 -16.58 3.05
C ALA A 46 4.10 -16.01 4.39
N ASP A 47 3.71 -14.78 4.64
CA ASP A 47 3.98 -13.99 5.87
C ASP A 47 3.63 -14.80 7.12
N SER A 48 2.52 -15.58 7.06
CA SER A 48 2.03 -16.41 8.17
C SER A 48 2.89 -17.62 8.43
N GLY A 49 3.76 -17.97 7.47
CA GLY A 49 4.55 -19.20 7.52
C GLY A 49 4.03 -20.36 6.67
N ALA A 50 2.81 -20.24 6.16
CA ALA A 50 2.24 -21.26 5.29
C ALA A 50 3.11 -21.35 4.04
N VAL A 51 3.15 -22.56 3.46
CA VAL A 51 3.93 -22.83 2.27
C VAL A 51 3.09 -23.49 1.19
N GLY A 52 3.56 -23.33 -0.04
CA GLY A 52 3.02 -24.02 -1.22
C GLY A 52 4.17 -24.33 -2.16
N TYR A 53 4.01 -25.43 -2.91
CA TYR A 53 5.03 -25.90 -3.78
C TYR A 53 4.54 -26.08 -5.21
N GLY A 54 5.46 -25.93 -6.12
CA GLY A 54 5.18 -26.17 -7.55
C GLY A 54 6.38 -26.81 -8.23
N GLU A 55 6.11 -27.51 -9.34
CA GLU A 55 7.17 -28.17 -10.08
C GLU A 55 7.23 -27.68 -11.52
N ALA A 56 8.46 -27.48 -12.05
CA ALA A 56 8.70 -27.18 -13.48
C ALA A 56 9.44 -28.37 -14.05
N SER A 57 8.91 -28.93 -15.16
CA SER A 57 9.47 -30.19 -15.69
C SER A 57 9.78 -30.06 -17.18
N PRO A 58 10.89 -29.41 -17.51
CA PRO A 58 11.26 -29.07 -18.88
C PRO A 58 11.79 -30.24 -19.67
N TRP A 59 11.63 -30.19 -20.98
CA TRP A 59 12.26 -31.09 -21.92
C TRP A 59 12.96 -30.23 -22.93
N VAL A 60 14.28 -30.30 -22.96
CA VAL A 60 15.08 -29.30 -23.65
C VAL A 60 14.73 -29.20 -25.14
N VAL A 61 14.37 -30.31 -25.76
CA VAL A 61 14.12 -30.27 -27.21
C VAL A 61 12.73 -29.69 -27.60
N PHE A 62 11.83 -29.57 -26.64
CA PHE A 62 10.35 -29.38 -26.79
CA PHE A 62 10.47 -29.22 -26.96
C PHE A 62 9.95 -28.05 -26.12
N THR A 63 10.08 -28.01 -24.78
CA THR A 63 9.63 -26.83 -24.02
C THR A 63 10.77 -25.81 -23.73
N GLY A 64 12.01 -26.29 -23.60
CA GLY A 64 13.16 -25.40 -23.24
C GLY A 64 14.01 -26.11 -22.21
N SER A 65 15.21 -25.61 -21.95
CA SER A 65 16.12 -26.27 -21.02
C SER A 65 15.73 -26.06 -19.55
N VAL A 66 16.26 -26.93 -18.71
CA VAL A 66 16.12 -26.77 -17.29
C VAL A 66 16.79 -25.47 -16.81
N GLU A 67 17.93 -25.11 -17.42
CA GLU A 67 18.62 -23.88 -17.07
C GLU A 67 17.78 -22.66 -17.41
N ALA A 68 17.06 -22.72 -18.54
CA ALA A 68 16.19 -21.58 -18.90
C ALA A 68 15.09 -21.40 -17.89
N THR A 69 14.48 -22.52 -17.51
CA THR A 69 13.41 -22.50 -16.55
C THR A 69 13.92 -22.05 -15.15
N TYR A 70 15.06 -22.56 -14.75
CA TYR A 70 15.63 -22.13 -13.46
C TYR A 70 15.86 -20.63 -13.42
N ALA A 71 16.45 -20.08 -14.48
CA ALA A 71 16.76 -18.66 -14.57
C ALA A 71 15.52 -17.83 -14.62
N ALA A 72 14.50 -18.32 -15.33
CA ALA A 72 13.25 -17.60 -15.40
C ALA A 72 12.73 -17.39 -13.97
N LEU A 73 12.73 -18.44 -13.15
CA LEU A 73 12.28 -18.32 -11.77
C LEU A 73 13.22 -17.45 -10.89
N ASP A 74 14.50 -17.77 -10.94
CA ASP A 74 15.51 -17.24 -10.04
C ASP A 74 15.77 -15.73 -10.24
N ARG A 75 15.89 -15.29 -11.48
CA ARG A 75 16.22 -13.92 -11.80
C ARG A 75 15.03 -13.07 -12.16
N TYR A 76 14.05 -13.60 -12.90
CA TYR A 76 13.03 -12.74 -13.55
C TYR A 76 11.68 -12.82 -12.87
N LEU A 77 11.30 -13.97 -12.32
CA LEU A 77 10.03 -14.05 -11.62
C LEU A 77 10.13 -13.70 -10.12
N ARG A 78 11.19 -14.16 -9.49
CA ARG A 78 11.43 -13.88 -8.08
C ARG A 78 11.16 -12.42 -7.66
N PRO A 79 11.73 -11.42 -8.37
CA PRO A 79 11.48 -10.03 -7.93
C PRO A 79 10.07 -9.55 -8.16
N LEU A 80 9.33 -10.29 -8.98
CA LEU A 80 7.95 -9.94 -9.28
C LEU A 80 7.04 -10.65 -8.32
N VAL A 81 7.53 -11.63 -7.56
CA VAL A 81 6.68 -12.44 -6.68
C VAL A 81 6.89 -12.07 -5.18
N LEU A 82 8.15 -11.88 -4.80
CA LEU A 82 8.49 -11.61 -3.40
C LEU A 82 7.87 -10.31 -2.99
N GLY A 83 7.19 -10.30 -1.86
CA GLY A 83 6.55 -9.07 -1.38
C GLY A 83 5.17 -8.75 -1.90
N ARG A 84 4.70 -9.52 -2.89
CA ARG A 84 3.33 -9.35 -3.38
C ARG A 84 2.31 -9.92 -2.42
N ALA A 85 1.10 -9.39 -2.52
CA ALA A 85 -0.06 -9.94 -1.85
C ALA A 85 -0.41 -11.26 -2.52
N VAL A 86 -0.63 -12.29 -1.73
CA VAL A 86 -0.84 -13.59 -2.30
C VAL A 86 -2.22 -13.65 -2.99
N GLY A 87 -3.16 -12.83 -2.52
CA GLY A 87 -4.45 -12.72 -3.19
C GLY A 87 -4.38 -12.15 -4.59
N ASP A 88 -3.26 -11.55 -4.97
CA ASP A 88 -3.11 -10.92 -6.28
C ASP A 88 -2.60 -11.95 -7.34
N HIS A 89 -2.77 -13.23 -7.02
CA HIS A 89 -2.42 -14.36 -7.87
C HIS A 89 -2.63 -14.03 -9.35
N ALA A 90 -3.82 -13.57 -9.72
CA ALA A 90 -4.13 -13.36 -11.12
C ALA A 90 -3.24 -12.28 -11.73
N ALA A 91 -3.02 -11.17 -11.01
CA ALA A 91 -2.08 -10.14 -11.48
C ALA A 91 -0.62 -10.62 -11.47
N ILE A 92 -0.21 -11.41 -10.49
CA ILE A 92 1.17 -11.94 -10.50
C ILE A 92 1.44 -12.74 -11.79
N MET A 93 0.45 -13.54 -12.20
CA MET A 93 0.65 -14.40 -13.36
C MET A 93 0.61 -13.64 -14.67
N GLU A 94 -0.21 -12.58 -14.77
CA GLU A 94 -0.10 -11.71 -15.96
C GLU A 94 1.31 -11.11 -16.04
N ASP A 95 1.81 -10.65 -14.90
CA ASP A 95 3.18 -10.06 -14.86
C ASP A 95 4.22 -11.11 -15.21
N ALA A 96 3.99 -12.33 -14.73
CA ALA A 96 4.90 -13.43 -14.96
C ALA A 96 4.99 -13.76 -16.45
N ARG A 97 3.84 -13.78 -17.13
CA ARG A 97 3.85 -14.04 -18.58
C ARG A 97 4.57 -12.96 -19.38
N ALA A 98 4.36 -11.70 -19.01
CA ALA A 98 5.07 -10.55 -19.64
C ALA A 98 6.58 -10.50 -19.37
N ALA A 99 7.05 -11.13 -18.30
CA ALA A 99 8.43 -10.88 -17.85
C ALA A 99 9.53 -11.64 -18.55
N VAL A 100 9.21 -12.80 -19.08
CA VAL A 100 10.19 -13.69 -19.66
C VAL A 100 9.48 -14.49 -20.80
N ALA A 101 10.12 -14.57 -21.96
CA ALA A 101 9.56 -15.32 -23.07
C ALA A 101 9.72 -16.83 -22.79
N HIS A 102 8.79 -17.63 -23.31
CA HIS A 102 8.92 -19.07 -23.16
C HIS A 102 8.88 -19.45 -21.66
N CYS A 103 9.60 -20.51 -21.26
CA CYS A 103 9.64 -20.97 -19.87
C CYS A 103 8.23 -21.14 -19.33
N THR A 104 7.40 -21.80 -20.13
CA THR A 104 6.07 -22.11 -19.68
C THR A 104 6.10 -23.03 -18.48
N GLU A 105 7.17 -23.81 -18.34
CA GLU A 105 7.30 -24.79 -17.23
C GLU A 105 7.50 -24.03 -15.92
N ALA A 106 8.34 -22.99 -16.01
CA ALA A 106 8.61 -22.08 -14.89
C ALA A 106 7.32 -21.39 -14.48
N LYS A 107 6.59 -20.85 -15.44
CA LYS A 107 5.30 -20.25 -15.15
C LYS A 107 4.29 -21.22 -14.49
N ALA A 108 4.25 -22.47 -14.97
CA ALA A 108 3.42 -23.49 -14.39
C ALA A 108 3.79 -23.76 -12.92
N ALA A 109 5.10 -23.77 -12.60
CA ALA A 109 5.56 -23.99 -11.24
C ALA A 109 5.06 -22.88 -10.32
N LEU A 110 5.15 -21.65 -10.78
CA LEU A 110 4.69 -20.50 -10.04
C LEU A 110 3.16 -20.55 -9.81
N ASP A 111 2.41 -20.81 -10.87
CA ASP A 111 0.96 -20.92 -10.75
C ASP A 111 0.59 -22.02 -9.78
N THR A 112 1.26 -23.17 -9.87
CA THR A 112 0.99 -24.31 -9.02
C THR A 112 1.24 -23.94 -7.54
N ALA A 113 2.42 -23.35 -7.26
CA ALA A 113 2.78 -22.94 -5.90
C ALA A 113 1.86 -21.90 -5.34
N LEU A 114 1.41 -20.96 -6.16
CA LEU A 114 0.44 -19.97 -5.70
C LEU A 114 -0.91 -20.65 -5.33
N TYR A 115 -1.35 -21.61 -6.14
CA TYR A 115 -2.61 -22.29 -5.84
C TYR A 115 -2.48 -23.15 -4.58
N ASP A 116 -1.34 -23.83 -4.45
CA ASP A 116 -1.10 -24.74 -3.35
C ASP A 116 -1.06 -23.89 -2.08
N LEU A 117 -0.37 -22.77 -2.16
CA LEU A 117 -0.25 -21.82 -1.02
C LEU A 117 -1.60 -21.24 -0.59
N ARG A 118 -2.36 -20.67 -1.53
CA ARG A 118 -3.67 -20.11 -1.15
C ARG A 118 -4.64 -21.19 -0.68
N ALA A 119 -4.55 -22.39 -1.25
CA ALA A 119 -5.42 -23.49 -0.89
C ALA A 119 -5.13 -23.90 0.58
N ARG A 120 -3.84 -24.01 0.89
CA ARG A 120 -3.43 -24.45 2.24
C ARG A 120 -3.79 -23.39 3.29
N ILE A 121 -3.64 -22.12 2.95
CA ILE A 121 -4.05 -21.03 3.80
C ILE A 121 -5.55 -21.14 4.08
N ALA A 122 -6.32 -21.35 3.01
CA ALA A 122 -7.76 -21.47 3.14
C ALA A 122 -8.22 -22.80 3.73
N GLY A 123 -7.36 -23.80 3.77
CA GLY A 123 -7.77 -25.12 4.27
C GLY A 123 -8.63 -25.91 3.30
N VAL A 124 -8.44 -25.69 2.00
CA VAL A 124 -9.16 -26.40 0.96
C VAL A 124 -8.21 -27.07 -0.05
N PRO A 125 -8.70 -28.10 -0.74
CA PRO A 125 -7.89 -28.70 -1.79
C PRO A 125 -7.74 -27.75 -2.97
N VAL A 126 -6.69 -27.92 -3.75
CA VAL A 126 -6.47 -27.04 -4.89
C VAL A 126 -7.67 -27.01 -5.86
N TRP A 127 -8.32 -28.14 -6.09
CA TRP A 127 -9.41 -28.13 -7.07
C TRP A 127 -10.51 -27.19 -6.65
N ALA A 128 -10.65 -26.98 -5.35
CA ALA A 128 -11.65 -26.06 -4.81
C ALA A 128 -11.36 -24.65 -5.20
N LEU A 129 -10.15 -24.37 -5.66
CA LEU A 129 -9.82 -23.02 -6.18
C LEU A 129 -9.93 -22.91 -7.71
N LEU A 130 -10.28 -24.01 -8.34
CA LEU A 130 -10.40 -24.11 -9.82
C LEU A 130 -11.83 -24.38 -10.31
N GLY A 131 -12.81 -24.13 -9.45
CA GLY A 131 -14.21 -24.30 -9.82
C GLY A 131 -14.90 -25.43 -9.10
N GLY A 132 -14.20 -26.12 -8.22
CA GLY A 132 -14.70 -27.29 -7.55
C GLY A 132 -14.46 -28.52 -8.39
N ARG A 133 -15.10 -29.61 -8.01
CA ARG A 133 -14.77 -30.97 -8.45
CA ARG A 133 -14.74 -30.94 -8.50
C ARG A 133 -15.87 -31.48 -9.37
N CYS A 134 -15.50 -32.14 -10.47
CA CYS A 134 -16.43 -32.92 -11.29
C CYS A 134 -16.16 -34.42 -11.24
N ARG A 135 -14.97 -34.82 -10.81
CA ARG A 135 -14.59 -36.21 -10.67
C ARG A 135 -13.57 -36.37 -9.54
N ASP A 136 -13.55 -37.54 -8.90
CA ASP A 136 -12.59 -37.78 -7.84
C ASP A 136 -11.56 -38.82 -8.18
N ARG A 137 -11.70 -39.39 -9.36
CA ARG A 137 -10.79 -40.37 -9.91
C ARG A 137 -10.56 -40.02 -11.39
N ILE A 138 -9.40 -40.36 -11.90
CA ILE A 138 -9.05 -40.10 -13.29
C ILE A 138 -8.38 -41.32 -13.88
N PRO A 139 -8.95 -41.89 -14.95
CA PRO A 139 -8.29 -43.08 -15.51
C PRO A 139 -6.85 -42.81 -15.94
N LEU A 140 -5.95 -43.74 -15.64
CA LEU A 140 -4.53 -43.62 -15.87
C LEU A 140 -4.05 -44.37 -17.12
N SER A 141 -3.19 -43.70 -17.87
CA SER A 141 -2.52 -44.29 -18.99
C SER A 141 -1.03 -44.38 -18.63
N CYS A 142 -0.42 -45.52 -18.96
CA CYS A 142 1.04 -45.67 -18.85
C CYS A 142 1.66 -45.72 -20.25
N SER A 143 2.79 -45.08 -20.45
CA SER A 143 3.46 -45.11 -21.75
C SER A 143 4.34 -46.34 -21.93
N ILE A 144 4.34 -46.85 -23.17
CA ILE A 144 5.02 -48.06 -23.55
C ILE A 144 6.07 -47.58 -24.56
N ALA A 145 7.29 -47.37 -24.07
CA ALA A 145 8.34 -46.59 -24.77
C ALA A 145 9.72 -47.23 -24.80
N ASP A 146 9.84 -48.44 -24.27
CA ASP A 146 11.16 -49.11 -24.16
C ASP A 146 11.64 -49.64 -25.52
N PRO A 147 12.88 -49.32 -25.88
CA PRO A 147 13.45 -49.97 -27.06
C PRO A 147 13.54 -51.48 -26.92
N ASP A 148 13.64 -51.97 -25.67
CA ASP A 148 13.62 -53.40 -25.38
C ASP A 148 12.16 -53.83 -25.08
N PHE A 149 11.44 -54.27 -26.12
CA PHE A 149 10.00 -54.45 -25.99
C PHE A 149 9.67 -55.56 -24.95
N ASP A 150 10.56 -56.55 -24.76
CA ASP A 150 10.32 -57.58 -23.71
C ASP A 150 10.18 -56.94 -22.34
N LYS A 151 10.93 -55.88 -22.09
CA LYS A 151 10.80 -55.16 -20.82
C LYS A 151 9.39 -54.53 -20.66
N ASP A 152 8.85 -53.98 -21.75
CA ASP A 152 7.51 -53.43 -21.70
C ASP A 152 6.45 -54.50 -21.65
N LEU A 153 6.70 -55.68 -22.22
CA LEU A 153 5.76 -56.80 -22.07
C LEU A 153 5.66 -57.23 -20.57
N ALA A 154 6.78 -57.23 -19.86
CA ALA A 154 6.86 -57.41 -18.39
C ALA A 154 6.01 -56.35 -17.65
N LEU A 155 6.19 -55.10 -18.04
CA LEU A 155 5.45 -53.96 -17.49
C LEU A 155 3.98 -54.12 -17.70
N MET A 156 3.59 -54.61 -18.87
CA MET A 156 2.16 -54.83 -19.18
C MET A 156 1.49 -55.84 -18.23
N GLN A 157 2.22 -56.88 -17.81
CA GLN A 157 1.68 -57.82 -16.80
C GLN A 157 1.39 -57.12 -15.50
N ARG A 158 2.29 -56.23 -15.08
CA ARG A 158 2.12 -55.44 -13.88
C ARG A 158 0.99 -54.44 -14.01
N LEU A 159 0.84 -53.83 -15.20
CA LEU A 159 -0.21 -52.87 -15.42
C LEU A 159 -1.55 -53.59 -15.35
N GLN A 160 -1.65 -54.73 -16.00
CA GLN A 160 -2.86 -55.51 -16.03
C GLN A 160 -3.27 -55.91 -14.60
N ASP A 161 -2.31 -56.39 -13.82
CA ASP A 161 -2.61 -56.78 -12.42
C ASP A 161 -2.98 -55.55 -11.58
N ASP A 162 -2.44 -54.37 -11.92
CA ASP A 162 -2.76 -53.12 -11.21
C ASP A 162 -4.08 -52.50 -11.66
N ASP A 163 -4.76 -53.16 -12.60
CA ASP A 163 -6.04 -52.73 -13.18
C ASP A 163 -5.94 -51.45 -14.02
N VAL A 164 -4.73 -51.09 -14.43
CA VAL A 164 -4.54 -50.07 -15.48
C VAL A 164 -5.04 -50.67 -16.80
N ARG A 165 -5.81 -49.89 -17.57
CA ARG A 165 -6.38 -50.36 -18.79
C ARG A 165 -6.23 -49.38 -19.95
N ILE A 166 -5.29 -48.44 -19.82
CA ILE A 166 -4.93 -47.56 -20.93
C ILE A 166 -3.41 -47.53 -21.04
N ILE A 167 -2.90 -47.61 -22.28
CA ILE A 167 -1.52 -47.36 -22.56
C ILE A 167 -1.38 -46.42 -23.78
N LYS A 168 -0.24 -45.75 -23.89
CA LYS A 168 0.14 -44.99 -25.04
C LYS A 168 1.49 -45.48 -25.55
N LEU A 169 1.49 -46.01 -26.75
CA LEU A 169 2.67 -46.52 -27.38
C LEU A 169 3.46 -45.36 -27.96
N LYS A 170 4.69 -45.20 -27.53
CA LYS A 170 5.57 -44.24 -28.16
C LYS A 170 6.12 -44.89 -29.43
N THR A 171 5.93 -44.21 -30.55
CA THR A 171 6.23 -44.72 -31.88
C THR A 171 7.17 -43.76 -32.61
N GLY A 172 7.73 -44.23 -33.71
CA GLY A 172 8.62 -43.41 -34.55
C GLY A 172 10.06 -43.26 -34.11
N PHE A 173 10.50 -43.94 -33.04
CA PHE A 173 11.88 -43.70 -32.55
C PHE A 173 12.85 -44.80 -32.98
N LYS A 174 12.35 -45.96 -33.41
CA LYS A 174 13.22 -47.04 -33.90
C LYS A 174 13.11 -47.21 -35.41
N ASP A 175 12.12 -48.00 -35.84
CA ASP A 175 11.67 -48.01 -37.20
C ASP A 175 10.20 -48.42 -37.25
N HIS A 176 9.60 -48.27 -38.42
CA HIS A 176 8.17 -48.54 -38.59
C HIS A 176 7.76 -49.99 -38.30
N ALA A 177 8.59 -50.96 -38.71
CA ALA A 177 8.25 -52.36 -38.38
C ALA A 177 8.18 -52.62 -36.87
N PHE A 178 9.05 -51.98 -36.10
CA PHE A 178 9.00 -52.05 -34.64
C PHE A 178 7.66 -51.55 -34.09
N ASP A 179 7.14 -50.48 -34.68
CA ASP A 179 5.83 -49.94 -34.24
C ASP A 179 4.68 -50.89 -34.57
N MET A 180 4.65 -51.37 -35.79
CA MET A 180 3.63 -52.27 -36.25
C MET A 180 3.72 -53.62 -35.47
N MET A 181 4.93 -54.08 -35.15
CA MET A 181 5.09 -55.36 -34.40
C MET A 181 4.47 -55.21 -32.99
N ARG A 182 4.75 -54.09 -32.34
CA ARG A 182 4.27 -53.90 -31.00
C ARG A 182 2.78 -53.72 -30.99
N LEU A 183 2.23 -52.96 -31.95
CA LEU A 183 0.78 -52.80 -31.97
C LEU A 183 0.07 -54.13 -32.15
N GLU A 184 0.60 -54.97 -33.02
CA GLU A 184 -0.01 -56.27 -33.27
C GLU A 184 -0.03 -57.14 -32.00
N ARG A 185 1.12 -57.23 -31.34
CA ARG A 185 1.27 -58.06 -30.13
C ARG A 185 0.42 -57.54 -28.95
N LEU A 186 0.34 -56.22 -28.80
CA LEU A 186 -0.45 -55.68 -27.69
C LEU A 186 -1.93 -55.91 -27.93
N ARG A 187 -2.39 -55.75 -29.18
CA ARG A 187 -3.80 -56.03 -29.51
C ARG A 187 -4.12 -57.53 -29.32
N ALA A 188 -3.17 -58.39 -29.65
CA ALA A 188 -3.31 -59.85 -29.49
C ALA A 188 -3.33 -60.29 -28.02
N ASP A 189 -2.36 -59.82 -27.24
CA ASP A 189 -2.16 -60.30 -25.89
C ASP A 189 -2.91 -59.48 -24.84
N PHE A 190 -3.22 -58.21 -25.13
CA PHE A 190 -3.89 -57.37 -24.16
C PHE A 190 -5.10 -56.64 -24.76
N PRO A 191 -6.11 -57.41 -25.20
CA PRO A 191 -7.28 -56.82 -25.88
C PRO A 191 -8.13 -55.92 -25.03
N ALA A 192 -8.05 -56.06 -23.72
CA ALA A 192 -8.86 -55.25 -22.82
C ALA A 192 -8.32 -53.81 -22.69
N PHE A 193 -7.14 -53.56 -23.22
CA PHE A 193 -6.52 -52.24 -23.06
C PHE A 193 -6.97 -51.29 -24.19
N ASP A 194 -7.14 -50.03 -23.82
CA ASP A 194 -7.37 -48.91 -24.71
C ASP A 194 -5.98 -48.43 -25.08
N ILE A 195 -5.65 -48.44 -26.36
CA ILE A 195 -4.32 -48.13 -26.80
C ILE A 195 -4.35 -46.83 -27.59
N ARG A 196 -3.44 -45.94 -27.22
CA ARG A 196 -3.17 -44.72 -27.97
C ARG A 196 -1.76 -44.78 -28.54
N VAL A 197 -1.45 -43.85 -29.47
CA VAL A 197 -0.16 -43.80 -30.10
C VAL A 197 0.33 -42.38 -30.02
N ASP A 198 1.63 -42.21 -29.73
CA ASP A 198 2.28 -40.89 -29.69
C ASP A 198 3.61 -40.92 -30.42
N TYR A 199 3.70 -40.12 -31.49
CA TYR A 199 4.90 -40.03 -32.31
C TYR A 199 5.93 -39.01 -31.80
N ASN A 200 5.52 -38.14 -30.88
CA ASN A 200 6.39 -37.08 -30.33
C ASN A 200 7.12 -36.32 -31.40
N GLN A 201 6.37 -35.89 -32.42
CA GLN A 201 6.93 -35.15 -33.57
C GLN A 201 7.94 -35.92 -34.40
N GLY A 202 7.92 -37.24 -34.30
CA GLY A 202 9.01 -38.03 -34.83
C GLY A 202 8.94 -38.48 -36.28
N LEU A 203 7.85 -38.17 -37.02
CA LEU A 203 7.78 -38.56 -38.43
C LEU A 203 8.18 -37.41 -39.34
N HIS A 204 9.21 -37.64 -40.16
CA HIS A 204 9.55 -36.71 -41.24
C HIS A 204 8.37 -36.56 -42.16
N HIS A 205 8.18 -35.34 -42.69
CA HIS A 205 7.07 -35.09 -43.61
C HIS A 205 7.05 -35.99 -44.85
N ASP A 206 8.19 -36.49 -45.27
CA ASP A 206 8.22 -37.45 -46.42
C ASP A 206 7.35 -38.70 -46.25
N VAL A 207 7.22 -39.18 -45.03
CA VAL A 207 6.59 -40.47 -44.77
C VAL A 207 5.42 -40.43 -43.82
N ALA A 208 5.15 -39.25 -43.25
CA ALA A 208 4.27 -39.19 -42.12
C ALA A 208 2.89 -39.71 -42.44
N LEU A 209 2.28 -39.26 -43.52
CA LEU A 209 0.89 -39.70 -43.79
C LEU A 209 0.80 -41.24 -43.95
N ALA A 210 1.73 -41.82 -44.70
CA ALA A 210 1.68 -43.27 -44.97
C ALA A 210 1.80 -44.07 -43.66
N ARG A 211 2.72 -43.66 -42.80
CA ARG A 211 2.95 -44.34 -41.52
C ARG A 211 1.75 -44.21 -40.61
N VAL A 212 1.18 -43.00 -40.54
CA VAL A 212 -0.03 -42.77 -39.75
C VAL A 212 -1.19 -43.66 -40.25
N ARG A 213 -1.41 -43.70 -41.56
CA ARG A 213 -2.45 -44.56 -42.11
CA ARG A 213 -2.45 -44.58 -42.11
C ARG A 213 -2.23 -46.04 -41.73
N ASP A 214 -0.99 -46.50 -41.81
CA ASP A 214 -0.66 -47.85 -41.38
C ASP A 214 -0.98 -48.14 -39.91
N VAL A 215 -0.57 -47.26 -39.00
CA VAL A 215 -0.87 -47.51 -37.60
C VAL A 215 -2.36 -47.33 -37.31
N ALA A 216 -3.05 -46.51 -38.10
CA ALA A 216 -4.50 -46.36 -37.91
C ALA A 216 -5.26 -47.66 -38.09
N THR A 217 -4.69 -48.63 -38.81
CA THR A 217 -5.35 -49.92 -39.02
C THR A 217 -5.57 -50.71 -37.71
N PHE A 218 -4.78 -50.42 -36.68
CA PHE A 218 -5.02 -51.00 -35.34
C PHE A 218 -6.02 -50.21 -34.47
N LYS A 219 -6.65 -49.18 -35.06
CA LYS A 219 -7.68 -48.37 -34.45
C LYS A 219 -7.29 -47.85 -33.07
N PRO A 220 -6.10 -47.26 -32.95
CA PRO A 220 -5.80 -46.60 -31.68
C PRO A 220 -6.80 -45.50 -31.43
N THR A 221 -7.05 -45.19 -30.16
CA THR A 221 -8.04 -44.23 -29.75
C THR A 221 -7.69 -42.84 -30.28
N PHE A 222 -6.40 -42.51 -30.27
CA PHE A 222 -5.85 -41.36 -30.98
C PHE A 222 -4.43 -41.62 -31.40
N ILE A 223 -4.00 -40.83 -32.38
CA ILE A 223 -2.61 -40.74 -32.81
C ILE A 223 -2.16 -39.33 -32.54
N GLU A 224 -1.12 -39.20 -31.71
CA GLU A 224 -0.67 -37.91 -31.23
C GLU A 224 0.58 -37.41 -31.96
N GLN A 225 0.52 -36.12 -32.32
CA GLN A 225 1.60 -35.32 -32.91
C GLN A 225 2.59 -36.09 -33.80
N PRO A 226 2.13 -36.55 -34.98
CA PRO A 226 3.03 -37.23 -35.87
C PRO A 226 4.20 -36.40 -36.39
N VAL A 227 3.98 -35.12 -36.65
CA VAL A 227 5.00 -34.27 -37.33
C VAL A 227 5.44 -33.16 -36.42
N LYS A 228 6.48 -32.44 -36.85
CA LYS A 228 7.04 -31.35 -36.07
C LYS A 228 5.96 -30.34 -35.72
N ALA A 229 6.13 -29.72 -34.56
CA ALA A 229 5.16 -28.78 -34.01
C ALA A 229 4.72 -27.67 -34.96
N HIS A 230 5.65 -27.13 -35.76
CA HIS A 230 5.33 -25.95 -36.62
C HIS A 230 4.60 -26.34 -37.88
N LEU A 231 4.55 -27.63 -38.18
CA LEU A 231 3.93 -28.11 -39.43
C LEU A 231 2.41 -28.30 -39.28
N ARG A 232 1.74 -27.20 -38.90
CA ARG A 232 0.36 -27.26 -38.48
C ARG A 232 -0.59 -27.41 -39.66
N GLY A 233 -0.22 -26.86 -40.80
CA GLY A 233 -0.91 -27.14 -42.05
C GLY A 233 -0.93 -28.61 -42.45
N LEU A 234 0.22 -29.27 -42.28
CA LEU A 234 0.30 -30.70 -42.57
C LEU A 234 -0.52 -31.51 -41.54
N MET A 235 -0.50 -31.08 -40.27
CA MET A 235 -1.36 -31.68 -39.24
C MET A 235 -2.83 -31.63 -39.67
N ALA A 236 -3.27 -30.45 -40.13
CA ALA A 236 -4.64 -30.28 -40.61
C ALA A 236 -4.92 -31.25 -41.78
N ARG A 237 -3.96 -31.43 -42.70
CA ARG A 237 -4.16 -32.41 -43.79
C ARG A 237 -4.27 -33.86 -43.30
N ILE A 238 -3.42 -34.23 -42.37
CA ILE A 238 -3.46 -35.55 -41.78
C ILE A 238 -4.79 -35.77 -41.02
N ARG A 239 -5.27 -34.74 -40.31
CA ARG A 239 -6.54 -34.82 -39.61
C ARG A 239 -7.65 -35.25 -40.57
N ASP A 240 -7.66 -34.62 -41.74
CA ASP A 240 -8.72 -34.85 -42.70
C ASP A 240 -8.54 -36.12 -43.51
N ALA A 241 -7.37 -36.71 -43.48
CA ALA A 241 -7.11 -37.87 -44.33
C ALA A 241 -7.37 -39.20 -43.64
N VAL A 242 -7.40 -39.19 -42.31
CA VAL A 242 -7.43 -40.43 -41.53
C VAL A 242 -8.61 -40.44 -40.59
N ASP A 243 -9.31 -41.57 -40.50
CA ASP A 243 -10.48 -41.67 -39.62
C ASP A 243 -10.20 -41.61 -38.09
N VAL A 244 -9.08 -42.17 -37.69
CA VAL A 244 -8.66 -42.23 -36.30
C VAL A 244 -8.40 -40.78 -35.85
N PRO A 245 -8.82 -40.40 -34.64
CA PRO A 245 -8.59 -39.06 -34.14
C PRO A 245 -7.11 -38.68 -34.07
N LEU A 246 -6.80 -37.49 -34.56
CA LEU A 246 -5.47 -36.91 -34.45
C LEU A 246 -5.42 -35.97 -33.24
N LEU A 247 -4.40 -36.11 -32.38
CA LEU A 247 -4.26 -35.25 -31.21
C LEU A 247 -3.06 -34.33 -31.40
N ALA A 248 -3.24 -33.04 -31.19
CA ALA A 248 -2.13 -32.07 -31.19
C ALA A 248 -1.52 -32.07 -29.79
N ASP A 249 -0.20 -32.10 -29.71
CA ASP A 249 0.50 -31.88 -28.48
C ASP A 249 1.40 -30.66 -28.64
N GLU A 250 2.63 -30.85 -29.09
CA GLU A 250 3.59 -29.74 -29.20
C GLU A 250 3.10 -28.60 -30.13
N SER A 251 2.19 -28.89 -31.05
CA SER A 251 1.58 -27.80 -31.90
C SER A 251 0.73 -26.77 -31.16
N ILE A 252 0.25 -27.12 -29.97
CA ILE A 252 -0.58 -26.20 -29.19
CA ILE A 252 -0.60 -26.21 -29.19
C ILE A 252 -0.11 -26.15 -27.73
N PHE A 253 0.37 -24.99 -27.31
CA PHE A 253 0.78 -24.84 -25.91
C PHE A 253 -0.37 -24.30 -25.04
N GLY A 254 -0.86 -23.11 -25.36
CA GLY A 254 -1.87 -22.44 -24.56
C GLY A 254 -3.03 -21.89 -25.32
N PRO A 255 -3.82 -21.02 -24.69
CA PRO A 255 -5.02 -20.49 -25.32
C PRO A 255 -4.79 -19.72 -26.59
N GLU A 256 -3.65 -19.05 -26.67
CA GLU A 256 -3.32 -18.28 -27.83
C GLU A 256 -3.11 -19.21 -29.05
N ASP A 257 -2.36 -20.27 -28.85
CA ASP A 257 -2.16 -21.27 -29.91
C ASP A 257 -3.50 -21.92 -30.26
N MET A 258 -4.28 -22.24 -29.25
CA MET A 258 -5.57 -22.88 -29.50
C MET A 258 -6.46 -21.98 -30.37
N ALA A 259 -6.44 -20.67 -30.09
CA ALA A 259 -7.22 -19.67 -30.84
C ALA A 259 -6.73 -19.52 -32.25
N GLU A 260 -5.40 -19.57 -32.43
CA GLU A 260 -4.80 -19.39 -33.72
C GLU A 260 -4.95 -20.59 -34.64
N HIS A 261 -5.03 -21.80 -34.07
CA HIS A 261 -5.00 -23.04 -34.84
C HIS A 261 -6.18 -23.95 -34.49
N PRO A 262 -7.40 -23.47 -34.72
CA PRO A 262 -8.58 -24.17 -34.28
C PRO A 262 -8.86 -25.50 -34.95
N GLU A 263 -8.34 -25.75 -36.15
CA GLU A 263 -8.79 -26.93 -36.96
C GLU A 263 -7.68 -27.92 -37.33
N ILE A 264 -6.57 -27.87 -36.59
CA ILE A 264 -5.41 -28.67 -36.98
C ILE A 264 -5.48 -30.11 -36.46
N ALA A 265 -6.35 -30.37 -35.50
CA ALA A 265 -6.48 -31.74 -34.96
C ALA A 265 -7.86 -31.99 -34.39
N ASP A 266 -8.14 -33.27 -34.08
CA ASP A 266 -9.41 -33.64 -33.49
C ASP A 266 -9.49 -33.41 -31.99
N GLY A 267 -8.32 -33.25 -31.38
CA GLY A 267 -8.24 -33.01 -29.96
C GLY A 267 -6.86 -32.47 -29.61
N VAL A 268 -6.68 -32.17 -28.31
CA VAL A 268 -5.48 -31.55 -27.79
CA VAL A 268 -5.47 -31.57 -27.81
C VAL A 268 -5.03 -32.26 -26.51
N SER A 269 -3.73 -32.45 -26.35
CA SER A 269 -3.11 -32.82 -25.10
C SER A 269 -2.90 -31.56 -24.26
N ILE A 270 -3.52 -31.55 -23.09
CA ILE A 270 -3.49 -30.43 -22.14
C ILE A 270 -2.36 -30.75 -21.17
N LYS A 271 -1.37 -29.87 -21.04
CA LYS A 271 -0.27 -30.06 -20.10
C LYS A 271 -0.04 -28.73 -19.42
N ILE A 272 -0.05 -28.72 -18.10
CA ILE A 272 0.19 -27.47 -17.40
C ILE A 272 1.59 -26.92 -17.77
N MET A 273 2.55 -27.81 -18.10
CA MET A 273 3.91 -27.36 -18.47
C MET A 273 3.97 -26.62 -19.82
N LYS A 274 2.98 -26.85 -20.71
CA LYS A 274 2.80 -26.05 -21.92
C LYS A 274 1.96 -24.81 -21.69
N SER A 275 0.86 -24.95 -20.94
CA SER A 275 -0.07 -23.84 -20.84
C SER A 275 0.47 -22.81 -19.85
N GLY A 276 1.52 -23.13 -19.13
CA GLY A 276 2.07 -22.15 -18.15
C GLY A 276 1.22 -22.05 -16.91
N GLY A 277 0.49 -23.11 -16.61
CA GLY A 277 -0.26 -23.17 -15.35
C GLY A 277 -1.59 -23.87 -15.44
N LEU A 278 -2.30 -23.90 -14.31
CA LEU A 278 -3.53 -24.70 -14.20
C LEU A 278 -4.72 -23.96 -14.82
N THR A 279 -4.87 -22.68 -14.54
CA THR A 279 -5.98 -21.90 -15.06
C THR A 279 -5.95 -21.94 -16.59
N ARG A 280 -4.77 -21.71 -17.15
CA ARG A 280 -4.64 -21.70 -18.62
C ARG A 280 -4.86 -23.05 -19.28
N ALA A 281 -4.51 -24.13 -18.58
CA ALA A 281 -4.79 -25.46 -19.07
C ALA A 281 -6.30 -25.67 -19.17
N GLN A 282 -7.03 -25.27 -18.12
CA GLN A 282 -8.48 -25.36 -18.17
C GLN A 282 -9.04 -24.60 -19.36
N THR A 283 -8.50 -23.40 -19.62
CA THR A 283 -8.98 -22.58 -20.72
C THR A 283 -8.77 -23.29 -22.06
N VAL A 284 -7.62 -23.94 -22.25
CA VAL A 284 -7.37 -24.71 -23.50
C VAL A 284 -8.43 -25.81 -23.66
N ALA A 285 -8.72 -26.54 -22.58
CA ALA A 285 -9.65 -27.64 -22.66
C ALA A 285 -11.10 -27.14 -22.94
N ARG A 286 -11.46 -26.01 -22.35
CA ARG A 286 -12.78 -25.42 -22.57
C ARG A 286 -12.94 -24.90 -24.00
N MET A 287 -11.86 -24.33 -24.54
CA MET A 287 -11.84 -23.85 -25.93
C MET A 287 -11.97 -25.03 -26.92
N ALA A 288 -11.26 -26.12 -26.62
CA ALA A 288 -11.37 -27.34 -27.44
C ALA A 288 -12.82 -27.89 -27.41
N ALA A 289 -13.35 -28.08 -26.22
CA ALA A 289 -14.68 -28.66 -26.06
C ALA A 289 -15.75 -27.82 -26.70
N ALA A 290 -15.60 -26.50 -26.66
CA ALA A 290 -16.61 -25.60 -27.21
C ALA A 290 -16.88 -25.87 -28.71
N ARG A 291 -15.89 -26.41 -29.42
CA ARG A 291 -16.06 -26.71 -30.86
C ARG A 291 -16.08 -28.21 -31.18
N GLY A 292 -16.08 -29.03 -30.14
CA GLY A 292 -16.16 -30.45 -30.34
C GLY A 292 -14.82 -31.14 -30.50
N LEU A 293 -13.75 -30.52 -30.03
CA LEU A 293 -12.45 -31.16 -30.00
C LEU A 293 -12.20 -31.80 -28.64
N SER A 294 -11.62 -33.00 -28.66
CA SER A 294 -11.28 -33.77 -27.47
C SER A 294 -10.17 -33.14 -26.64
N ALA A 295 -10.14 -33.45 -25.34
CA ALA A 295 -9.07 -33.00 -24.48
C ALA A 295 -8.57 -34.14 -23.60
N TYR A 296 -7.25 -34.23 -23.51
CA TYR A 296 -6.54 -35.33 -22.85
C TYR A 296 -5.57 -34.78 -21.83
N GLY A 297 -5.43 -35.47 -20.70
CA GLY A 297 -4.52 -35.03 -19.65
C GLY A 297 -3.12 -35.54 -19.86
N GLY A 298 -2.35 -34.81 -20.64
CA GLY A 298 -0.98 -35.19 -20.93
C GLY A 298 0.00 -34.78 -19.83
N ASP A 299 1.25 -35.22 -19.95
CA ASP A 299 2.28 -34.72 -19.04
C ASP A 299 3.66 -34.73 -19.67
N MET A 300 4.64 -34.21 -18.94
CA MET A 300 6.02 -34.22 -19.34
C MET A 300 6.72 -35.31 -18.48
N PHE A 301 8.04 -35.35 -18.53
CA PHE A 301 8.79 -36.20 -17.59
C PHE A 301 8.80 -35.54 -16.20
N GLU A 302 7.78 -35.85 -15.44
CA GLU A 302 7.39 -35.11 -14.23
C GLU A 302 7.54 -35.98 -13.01
N ALA A 303 7.55 -35.35 -11.84
CA ALA A 303 7.41 -36.10 -10.60
C ALA A 303 6.01 -35.92 -9.98
N GLY A 304 5.81 -36.50 -8.80
CA GLY A 304 4.49 -36.51 -8.16
C GLY A 304 3.94 -35.15 -7.81
N LEU A 305 4.80 -34.16 -7.66
CA LEU A 305 4.30 -32.79 -7.38
C LEU A 305 3.57 -32.24 -8.61
N ALA A 306 4.21 -32.33 -9.77
CA ALA A 306 3.59 -31.89 -11.01
C ALA A 306 2.36 -32.78 -11.31
N HIS A 307 2.44 -34.07 -11.03
CA HIS A 307 1.30 -34.94 -11.22
C HIS A 307 0.08 -34.44 -10.42
N LEU A 308 0.29 -34.12 -9.14
CA LEU A 308 -0.80 -33.65 -8.30
C LEU A 308 -1.41 -32.37 -8.81
N ALA A 309 -0.57 -31.47 -9.28
CA ALA A 309 -1.05 -30.24 -9.88
C ALA A 309 -1.98 -30.55 -11.07
N GLY A 310 -1.53 -31.43 -11.95
CA GLY A 310 -2.36 -31.79 -13.11
C GLY A 310 -3.63 -32.51 -12.71
N ALA A 311 -3.54 -33.38 -11.71
CA ALA A 311 -4.72 -34.11 -11.23
C ALA A 311 -5.79 -33.19 -10.65
N HIS A 312 -5.36 -32.19 -9.89
CA HIS A 312 -6.31 -31.21 -9.36
C HIS A 312 -6.94 -30.41 -10.49
N MET A 313 -6.12 -30.05 -11.48
CA MET A 313 -6.65 -29.34 -12.64
C MET A 313 -7.71 -30.19 -13.35
N ILE A 314 -7.37 -31.43 -13.65
CA ILE A 314 -8.32 -32.33 -14.31
C ILE A 314 -9.58 -32.59 -13.47
N ALA A 315 -9.44 -32.72 -12.16
CA ALA A 315 -10.60 -32.90 -11.29
C ALA A 315 -11.62 -31.78 -11.41
N ALA A 316 -11.15 -30.56 -11.67
CA ALA A 316 -12.00 -29.41 -11.85
C ALA A 316 -12.42 -29.13 -13.28
N THR A 317 -12.05 -30.00 -14.24
CA THR A 317 -12.26 -29.67 -15.68
C THR A 317 -13.00 -30.80 -16.40
N PRO A 318 -14.35 -30.71 -16.46
CA PRO A 318 -15.12 -31.80 -17.04
C PRO A 318 -14.76 -32.10 -18.49
N GLU A 319 -14.25 -31.08 -19.21
CA GLU A 319 -13.88 -31.21 -20.64
C GLU A 319 -12.77 -32.21 -20.93
N ILE A 320 -11.93 -32.47 -19.95
CA ILE A 320 -10.85 -33.44 -20.11
C ILE A 320 -11.41 -34.82 -19.82
N THR A 321 -11.71 -35.60 -20.87
CA THR A 321 -12.42 -36.86 -20.71
C THR A 321 -11.60 -38.09 -21.16
N LEU A 322 -10.39 -37.89 -21.69
CA LEU A 322 -9.64 -39.00 -22.27
C LEU A 322 -8.64 -39.61 -21.30
N GLY A 323 -8.71 -39.23 -20.02
CA GLY A 323 -7.81 -39.77 -19.04
C GLY A 323 -6.58 -38.91 -18.91
N CYS A 324 -5.59 -39.41 -18.18
CA CYS A 324 -4.34 -38.70 -17.94
C CYS A 324 -3.18 -39.69 -17.97
N GLU A 325 -1.97 -39.19 -18.10
CA GLU A 325 -0.77 -40.05 -18.11
C GLU A 325 0.17 -39.75 -16.95
N PHE A 326 -0.40 -39.53 -15.77
CA PHE A 326 0.43 -39.25 -14.58
C PHE A 326 0.98 -40.59 -14.03
N TYR A 327 1.78 -41.27 -14.85
CA TYR A 327 2.28 -42.63 -14.55
C TYR A 327 3.71 -42.66 -14.00
N GLN A 328 4.46 -41.56 -14.13
CA GLN A 328 5.91 -41.61 -13.92
C GLN A 328 6.30 -41.84 -12.45
N ALA A 329 5.61 -41.15 -11.52
CA ALA A 329 5.86 -41.30 -10.06
C ALA A 329 5.65 -42.75 -9.58
N THR A 330 4.74 -43.47 -10.22
CA THR A 330 4.43 -44.84 -9.88
C THR A 330 5.30 -45.83 -10.60
N TYR A 331 5.61 -45.63 -11.89
CA TYR A 331 6.23 -46.68 -12.69
C TYR A 331 7.60 -46.41 -13.29
N PHE A 332 8.11 -45.18 -13.15
CA PHE A 332 9.29 -44.78 -13.92
C PHE A 332 10.40 -44.20 -13.03
N LEU A 333 10.05 -43.25 -12.16
CA LEU A 333 11.00 -42.68 -11.17
C LEU A 333 11.40 -43.75 -10.16
N CYS A 334 12.69 -43.88 -9.84
CA CYS A 334 13.09 -44.83 -8.78
C CYS A 334 12.53 -44.40 -7.44
N ASP A 335 12.57 -43.08 -7.19
CA ASP A 335 12.00 -42.48 -5.99
C ASP A 335 11.36 -41.16 -6.36
N ASP A 336 10.28 -40.84 -5.67
CA ASP A 336 9.55 -39.62 -5.94
C ASP A 336 9.94 -38.61 -4.89
N ILE A 337 9.41 -37.38 -4.98
CA ILE A 337 9.67 -36.34 -4.01
C ILE A 337 8.51 -36.01 -3.05
N LEU A 338 7.49 -36.87 -3.03
CA LEU A 338 6.38 -36.65 -2.13
C LEU A 338 6.62 -37.44 -0.81
N ALA A 339 6.00 -36.99 0.27
CA ALA A 339 6.14 -37.66 1.60
C ALA A 339 5.40 -39.01 1.68
N ALA A 340 4.43 -39.22 0.79
CA ALA A 340 3.68 -40.49 0.67
C ALA A 340 3.48 -40.82 -0.83
N PRO A 341 3.13 -42.08 -1.17
CA PRO A 341 2.97 -42.46 -2.59
C PRO A 341 1.92 -41.64 -3.36
N PHE A 342 2.30 -41.15 -4.54
CA PHE A 342 1.35 -40.47 -5.41
C PHE A 342 0.14 -41.40 -5.52
N PRO A 343 -1.08 -40.90 -5.26
CA PRO A 343 -2.21 -41.83 -5.04
C PRO A 343 -2.86 -42.41 -6.30
N VAL A 344 -2.66 -43.72 -6.48
CA VAL A 344 -3.20 -44.50 -7.58
CA VAL A 344 -3.21 -44.49 -7.58
C VAL A 344 -3.75 -45.84 -7.07
N ALA A 345 -4.98 -46.17 -7.46
CA ALA A 345 -5.55 -47.49 -7.15
C ALA A 345 -6.52 -47.83 -8.26
N ASP A 346 -6.64 -49.11 -8.56
CA ASP A 346 -7.64 -49.61 -9.47
C ASP A 346 -7.54 -48.92 -10.84
N GLY A 347 -6.32 -48.61 -11.26
CA GLY A 347 -6.13 -48.05 -12.61
C GLY A 347 -6.49 -46.58 -12.73
N HIS A 348 -6.70 -45.90 -11.60
CA HIS A 348 -7.06 -44.48 -11.59
C HIS A 348 -6.20 -43.70 -10.62
N VAL A 349 -6.02 -42.44 -10.93
CA VAL A 349 -5.44 -41.49 -10.02
C VAL A 349 -6.54 -41.10 -9.08
N LEU A 350 -6.27 -41.11 -7.77
CA LEU A 350 -7.26 -40.70 -6.79
C LEU A 350 -7.00 -39.25 -6.35
N VAL A 351 -7.94 -38.37 -6.64
CA VAL A 351 -7.73 -36.94 -6.45
C VAL A 351 -7.96 -36.69 -4.95
N PRO A 352 -6.97 -36.15 -4.25
CA PRO A 352 -7.12 -35.98 -2.81
C PRO A 352 -8.19 -34.94 -2.49
N ASP A 353 -8.71 -34.96 -1.27
CA ASP A 353 -9.64 -33.89 -0.83
C ASP A 353 -9.18 -33.16 0.43
N THR A 354 -7.91 -33.33 0.79
CA THR A 354 -7.30 -32.62 1.90
C THR A 354 -6.71 -31.32 1.41
N PRO A 355 -6.20 -30.45 2.32
CA PRO A 355 -5.78 -29.15 1.85
C PRO A 355 -4.63 -29.17 0.85
N GLY A 356 -4.62 -28.15 0.01
CA GLY A 356 -3.56 -27.94 -0.99
C GLY A 356 -3.54 -29.05 -2.03
N LEU A 357 -2.35 -29.45 -2.45
CA LEU A 357 -2.24 -30.50 -3.44
C LEU A 357 -2.52 -31.86 -2.83
N GLY A 358 -2.54 -31.95 -1.49
CA GLY A 358 -3.09 -33.14 -0.86
C GLY A 358 -2.09 -34.17 -0.38
N VAL A 359 -0.85 -34.11 -0.84
CA VAL A 359 0.21 -34.94 -0.32
C VAL A 359 1.39 -34.04 -0.04
N ASP A 360 2.04 -34.20 1.13
CA ASP A 360 3.15 -33.30 1.48
C ASP A 360 4.37 -33.53 0.59
N VAL A 361 5.05 -32.44 0.26
CA VAL A 361 6.38 -32.53 -0.35
C VAL A 361 7.43 -32.90 0.73
N ASP A 362 8.23 -33.92 0.45
CA ASP A 362 9.33 -34.30 1.33
C ASP A 362 10.60 -33.45 1.10
N GLU A 363 10.82 -32.40 1.90
CA GLU A 363 12.04 -31.56 1.67
C GLU A 363 13.39 -32.29 1.83
N ASP A 364 13.40 -33.37 2.59
CA ASP A 364 14.56 -34.25 2.69
C ASP A 364 14.84 -34.91 1.34
N ALA A 365 13.78 -35.22 0.58
CA ALA A 365 13.96 -35.79 -0.76
C ALA A 365 14.48 -34.72 -1.73
N LEU A 366 14.01 -33.47 -1.54
CA LEU A 366 14.48 -32.32 -2.32
C LEU A 366 16.00 -32.21 -2.09
N ALA A 367 16.41 -32.36 -0.83
CA ALA A 367 17.85 -32.22 -0.50
C ALA A 367 18.66 -33.36 -1.08
N ARG A 368 18.12 -34.57 -1.01
CA ARG A 368 18.83 -35.74 -1.48
C ARG A 368 19.08 -35.65 -2.99
N PHE A 369 18.08 -35.17 -3.73
CA PHE A 369 18.14 -35.17 -5.19
C PHE A 369 18.65 -33.89 -5.84
N ALA A 370 18.89 -32.85 -5.05
CA ALA A 370 19.43 -31.58 -5.56
C ALA A 370 20.81 -31.77 -6.25
N VAL A 371 21.06 -31.03 -7.35
CA VAL A 371 22.31 -31.18 -8.09
C VAL A 371 23.38 -30.37 -7.38
N GLN B 8 18.56 31.06 -14.39
CA GLN B 8 17.15 30.57 -14.32
C GLN B 8 16.54 30.84 -12.96
N ILE B 9 15.21 30.95 -12.96
CA ILE B 9 14.46 31.23 -11.74
C ILE B 9 13.43 30.13 -11.52
N ILE B 10 12.91 30.10 -10.30
CA ILE B 10 11.97 29.05 -9.93
C ILE B 10 10.58 29.49 -10.35
N ALA B 11 10.03 28.77 -11.32
CA ALA B 11 8.70 29.07 -11.90
C ALA B 11 7.56 28.30 -11.26
N GLY B 12 7.86 27.12 -10.72
CA GLY B 12 6.82 26.22 -10.17
C GLY B 12 7.30 25.59 -8.86
N PHE B 13 6.35 25.42 -7.93
CA PHE B 13 6.57 24.79 -6.62
C PHE B 13 5.32 23.98 -6.35
N THR B 14 5.46 22.66 -6.42
CA THR B 14 4.31 21.75 -6.32
C THR B 14 4.56 20.70 -5.21
N LEU B 15 3.54 20.45 -4.40
CA LEU B 15 3.61 19.42 -3.35
C LEU B 15 2.65 18.28 -3.59
N TRP B 16 3.04 17.09 -3.14
CA TRP B 16 2.14 15.98 -2.98
C TRP B 16 2.32 15.40 -1.56
N HIS B 17 1.22 15.03 -0.91
CA HIS B 17 1.29 14.31 0.37
C HIS B 17 0.88 12.88 0.04
N LEU B 18 1.83 11.96 0.16
CA LEU B 18 1.60 10.55 -0.20
C LEU B 18 1.38 9.65 1.00
N SER B 19 0.65 8.57 0.77
CA SER B 19 0.54 7.43 1.67
C SER B 19 0.93 6.22 0.82
N LEU B 20 2.03 5.58 1.23
CA LEU B 20 2.61 4.45 0.52
C LEU B 20 2.46 3.20 1.34
N PRO B 21 1.65 2.26 0.85
CA PRO B 21 1.50 0.97 1.48
C PRO B 21 2.83 0.24 1.65
N VAL B 22 2.95 -0.48 2.75
CA VAL B 22 4.14 -1.24 3.06
C VAL B 22 3.81 -2.72 3.29
N THR B 23 4.84 -3.56 3.25
CA THR B 23 4.68 -5.00 3.25
C THR B 23 4.65 -5.59 4.65
N ALA B 24 4.90 -4.80 5.69
CA ALA B 24 5.23 -5.43 6.96
C ALA B 24 4.99 -4.51 8.13
N ARG B 25 5.04 -5.09 9.33
CA ARG B 25 4.99 -4.32 10.58
C ARG B 25 6.40 -4.23 11.21
N ARG B 26 6.81 -3.01 11.56
CA ARG B 26 8.14 -2.76 12.07
C ARG B 26 8.00 -2.04 13.42
N ASP B 27 8.59 -2.64 14.46
CA ASP B 27 8.52 -2.10 15.81
C ASP B 27 9.86 -1.53 16.28
N HIS B 28 9.77 -0.53 17.16
CA HIS B 28 10.91 0.30 17.52
C HIS B 28 10.74 0.81 18.95
N GLY B 29 11.83 1.27 19.55
CA GLY B 29 11.80 1.90 20.88
C GLY B 29 11.05 3.24 21.02
N ILE B 30 10.54 3.80 19.91
CA ILE B 30 9.64 4.99 19.98
C ILE B 30 8.27 4.84 19.28
N GLY B 31 8.09 3.77 18.50
CA GLY B 31 6.81 3.58 17.80
C GLY B 31 6.84 2.48 16.77
N SER B 32 5.62 2.08 16.39
CA SER B 32 5.38 1.02 15.42
C SER B 32 4.98 1.63 14.07
N VAL B 33 5.36 0.95 12.99
CA VAL B 33 5.10 1.41 11.62
C VAL B 33 4.53 0.23 10.81
N ALA B 34 3.27 0.37 10.43
CA ALA B 34 2.52 -0.71 9.76
C ALA B 34 1.47 -0.06 8.84
N GLY B 35 0.98 -0.84 7.88
CA GLY B 35 -0.05 -0.39 6.94
C GLY B 35 0.51 0.48 5.83
N ALA B 36 0.93 1.70 6.17
CA ALA B 36 1.44 2.64 5.18
C ALA B 36 2.38 3.66 5.82
N VAL B 37 3.24 4.27 5.00
CA VAL B 37 4.05 5.38 5.42
C VAL B 37 3.75 6.61 4.58
N GLU B 38 3.75 7.76 5.25
CA GLU B 38 3.43 9.03 4.60
C GLU B 38 4.69 9.86 4.36
N VAL B 39 4.80 10.42 3.15
CA VAL B 39 5.90 11.33 2.80
C VAL B 39 5.32 12.52 2.06
N VAL B 40 6.12 13.57 1.92
CA VAL B 40 5.80 14.75 1.09
C VAL B 40 6.82 14.83 -0.01
N VAL B 41 6.36 15.02 -1.24
CA VAL B 41 7.26 15.19 -2.37
C VAL B 41 7.09 16.62 -2.87
N LEU B 42 8.22 17.25 -3.19
CA LEU B 42 8.31 18.62 -3.69
C LEU B 42 8.83 18.53 -5.11
N ARG B 43 8.18 19.22 -6.04
CA ARG B 43 8.77 19.45 -7.37
C ARG B 43 9.01 20.96 -7.53
N LEU B 44 10.23 21.32 -7.92
CA LEU B 44 10.57 22.65 -8.31
C LEU B 44 10.73 22.65 -9.82
N GLN B 45 10.15 23.64 -10.47
CA GLN B 45 10.27 23.83 -11.92
C GLN B 45 10.93 25.17 -12.19
N ALA B 46 11.96 25.13 -13.04
CA ALA B 46 12.65 26.31 -13.49
C ALA B 46 11.91 26.91 -14.71
N ASP B 47 12.19 28.17 -15.03
CA ASP B 47 11.50 28.88 -16.15
C ASP B 47 11.74 28.23 -17.50
N SER B 48 12.84 27.46 -17.65
CA SER B 48 13.10 26.67 -18.86
C SER B 48 12.13 25.52 -18.98
N GLY B 49 11.52 25.13 -17.87
CA GLY B 49 10.75 23.87 -17.80
C GLY B 49 11.53 22.73 -17.16
N ALA B 50 12.83 22.90 -16.91
CA ALA B 50 13.59 21.85 -16.20
C ALA B 50 12.98 21.66 -14.79
N VAL B 51 13.04 20.43 -14.28
CA VAL B 51 12.44 20.10 -13.00
C VAL B 51 13.45 19.42 -12.08
N GLY B 52 13.21 19.58 -10.77
CA GLY B 52 13.89 18.79 -9.73
C GLY B 52 12.91 18.39 -8.64
N TYR B 53 13.22 17.27 -7.96
CA TYR B 53 12.36 16.72 -6.95
C TYR B 53 13.13 16.45 -5.66
N GLY B 54 12.37 16.51 -4.57
CA GLY B 54 12.85 16.20 -3.21
C GLY B 54 11.77 15.58 -2.38
N GLU B 55 12.19 14.81 -1.39
CA GLU B 55 11.30 14.05 -0.52
C GLU B 55 11.56 14.44 0.92
N ALA B 56 10.48 14.68 1.65
CA ALA B 56 10.48 14.81 3.09
C ALA B 56 9.81 13.57 3.70
N SER B 57 10.49 12.91 4.63
CA SER B 57 9.98 11.66 5.21
C SER B 57 9.89 11.74 6.76
N PRO B 58 8.83 12.39 7.27
CA PRO B 58 8.76 12.65 8.70
C PRO B 58 8.32 11.44 9.50
N TRP B 59 8.79 11.35 10.73
CA TRP B 59 8.27 10.35 11.67
C TRP B 59 7.87 11.15 12.89
N VAL B 60 6.58 11.14 13.20
CA VAL B 60 5.98 12.08 14.15
C VAL B 60 6.61 12.05 15.55
N VAL B 61 7.05 10.86 15.99
CA VAL B 61 7.66 10.72 17.32
C VAL B 61 9.15 11.17 17.36
N PHE B 62 9.76 11.40 16.20
CA PHE B 62 11.21 11.58 16.05
C PHE B 62 11.43 12.99 15.46
N THR B 63 11.09 13.18 14.19
CA THR B 63 11.45 14.44 13.52
C THR B 63 10.29 15.47 13.53
N GLY B 64 9.06 15.01 13.69
CA GLY B 64 7.86 15.87 13.54
C GLY B 64 6.82 15.24 12.62
N SER B 65 5.60 15.77 12.66
CA SER B 65 4.54 15.24 11.86
C SER B 65 4.66 15.56 10.36
N VAL B 66 3.99 14.74 9.55
CA VAL B 66 3.89 15.03 8.15
C VAL B 66 3.14 16.33 7.91
N GLU B 67 2.19 16.67 8.79
CA GLU B 67 1.39 17.90 8.63
C GLU B 67 2.25 19.15 8.88
N ALA B 68 3.17 19.04 9.84
CA ALA B 68 4.11 20.10 10.16
C ALA B 68 4.99 20.33 8.96
N THR B 69 5.53 19.26 8.40
CA THR B 69 6.41 19.37 7.21
C THR B 69 5.69 19.88 5.97
N TYR B 70 4.49 19.36 5.71
CA TYR B 70 3.68 19.88 4.61
C TYR B 70 3.47 21.39 4.71
N ALA B 71 3.04 21.84 5.88
CA ALA B 71 2.76 23.27 6.10
C ALA B 71 4.00 24.12 6.00
N ALA B 72 5.11 23.62 6.58
CA ALA B 72 6.44 24.26 6.39
C ALA B 72 6.68 24.60 4.91
N LEU B 73 6.53 23.60 4.03
CA LEU B 73 6.72 23.82 2.59
C LEU B 73 5.63 24.70 1.97
N ASP B 74 4.39 24.37 2.27
CA ASP B 74 3.24 24.97 1.59
C ASP B 74 3.04 26.44 1.90
N ARG B 75 3.10 26.81 3.18
CA ARG B 75 2.85 28.19 3.63
C ARG B 75 4.09 29.03 3.81
N TYR B 76 5.13 28.45 4.40
CA TYR B 76 6.26 29.24 4.88
C TYR B 76 7.44 29.27 3.93
N LEU B 77 7.74 28.18 3.24
CA LEU B 77 8.90 28.20 2.37
C LEU B 77 8.50 28.60 0.97
N ARG B 78 7.36 28.13 0.51
CA ARG B 78 6.88 28.45 -0.84
C ARG B 78 7.17 29.93 -1.22
N PRO B 79 6.73 30.91 -0.41
CA PRO B 79 6.95 32.29 -0.91
C PRO B 79 8.40 32.77 -0.88
N LEU B 80 9.25 32.08 -0.16
CA LEU B 80 10.67 32.37 -0.12
C LEU B 80 11.41 31.69 -1.24
N VAL B 81 10.78 30.78 -1.97
CA VAL B 81 11.46 29.99 -2.97
C VAL B 81 10.98 30.37 -4.38
N LEU B 82 9.66 30.46 -4.54
CA LEU B 82 9.10 30.80 -5.85
CA LEU B 82 9.06 30.85 -5.83
C LEU B 82 9.66 32.14 -6.30
N GLY B 83 10.12 32.17 -7.55
CA GLY B 83 10.67 33.39 -8.12
C GLY B 83 12.14 33.63 -7.91
N ARG B 84 12.78 32.80 -7.08
CA ARG B 84 14.20 33.03 -6.77
C ARG B 84 15.10 32.54 -7.89
N ALA B 85 16.29 33.10 -7.98
CA ALA B 85 17.32 32.60 -8.87
C ALA B 85 17.76 31.25 -8.31
N VAL B 86 17.76 30.20 -9.14
CA VAL B 86 18.17 28.89 -8.66
CA VAL B 86 18.20 28.86 -8.73
C VAL B 86 19.66 28.91 -8.27
N GLY B 87 20.46 29.77 -8.91
CA GLY B 87 21.85 29.93 -8.47
C GLY B 87 22.01 30.45 -7.04
N ASP B 88 20.92 30.96 -6.45
CA ASP B 88 20.98 31.51 -5.09
C ASP B 88 20.69 30.45 -4.00
N HIS B 89 20.96 29.21 -4.34
CA HIS B 89 20.66 28.01 -3.52
C HIS B 89 21.12 28.22 -2.10
N ALA B 90 22.35 28.65 -1.91
CA ALA B 90 22.89 28.84 -0.58
C ALA B 90 22.07 29.88 0.22
N ALA B 91 21.75 31.02 -0.39
CA ALA B 91 20.87 32.00 0.27
C ALA B 91 19.45 31.50 0.54
N ILE B 92 18.85 30.78 -0.41
CA ILE B 92 17.52 30.28 -0.23
C ILE B 92 17.46 29.37 1.04
N MET B 93 18.51 28.58 1.25
CA MET B 93 18.51 27.61 2.38
C MET B 93 18.76 28.31 3.71
N GLU B 94 19.59 29.34 3.72
CA GLU B 94 19.69 30.20 4.90
C GLU B 94 18.33 30.78 5.26
N ASP B 95 17.63 31.31 4.27
CA ASP B 95 16.27 31.83 4.46
C ASP B 95 15.30 30.79 4.98
N ALA B 96 15.38 29.59 4.44
CA ALA B 96 14.50 28.48 4.82
C ALA B 96 14.71 28.12 6.31
N ARG B 97 15.95 27.99 6.73
CA ARG B 97 16.21 27.70 8.13
C ARG B 97 15.67 28.76 9.08
N ALA B 98 15.77 30.04 8.69
CA ALA B 98 15.27 31.14 9.52
C ALA B 98 13.72 31.23 9.51
N ALA B 99 13.05 30.67 8.51
CA ALA B 99 11.58 30.93 8.34
C ALA B 99 10.69 30.07 9.24
N VAL B 100 11.15 28.86 9.56
CA VAL B 100 10.30 27.91 10.29
C VAL B 100 11.16 27.01 11.18
N ALA B 101 10.73 26.86 12.44
CA ALA B 101 11.42 26.04 13.43
C ALA B 101 11.13 24.60 13.12
N HIS B 102 12.13 23.74 13.35
CA HIS B 102 12.00 22.31 13.11
C HIS B 102 11.75 22.02 11.64
N CYS B 103 10.97 20.99 11.34
CA CYS B 103 10.68 20.61 9.96
C CYS B 103 11.97 20.48 9.15
N THR B 104 12.94 19.77 9.72
CA THR B 104 14.20 19.53 9.03
C THR B 104 13.93 18.64 7.81
N GLU B 105 12.84 17.88 7.82
CA GLU B 105 12.52 17.01 6.69
C GLU B 105 12.09 17.83 5.48
N ALA B 106 11.24 18.82 5.75
CA ALA B 106 10.84 19.85 4.78
C ALA B 106 12.05 20.56 4.20
N LYS B 107 12.97 20.97 5.07
CA LYS B 107 14.17 21.65 4.63
C LYS B 107 15.01 20.76 3.73
N ALA B 108 15.14 19.48 4.11
CA ALA B 108 15.87 18.48 3.30
C ALA B 108 15.24 18.30 1.90
N ALA B 109 13.93 18.27 1.83
CA ALA B 109 13.23 18.09 0.56
C ALA B 109 13.54 19.29 -0.34
N LEU B 110 13.56 20.48 0.24
CA LEU B 110 13.84 21.68 -0.50
C LEU B 110 15.27 21.67 -1.00
N ASP B 111 16.22 21.36 -0.10
CA ASP B 111 17.62 21.26 -0.52
C ASP B 111 17.82 20.22 -1.60
N THR B 112 17.17 19.08 -1.45
CA THR B 112 17.27 18.01 -2.43
C THR B 112 16.74 18.46 -3.81
N ALA B 113 15.60 19.12 -3.82
CA ALA B 113 14.97 19.59 -5.07
C ALA B 113 15.84 20.64 -5.74
N LEU B 114 16.46 21.51 -4.95
CA LEU B 114 17.36 22.52 -5.52
C LEU B 114 18.61 21.89 -6.13
N TYR B 115 19.20 20.96 -5.40
CA TYR B 115 20.32 20.23 -5.96
C TYR B 115 19.92 19.49 -7.25
N ASP B 116 18.79 18.78 -7.24
CA ASP B 116 18.38 17.94 -8.37
C ASP B 116 18.15 18.86 -9.57
N LEU B 117 17.42 19.93 -9.31
CA LEU B 117 17.13 20.94 -10.36
C LEU B 117 18.40 21.56 -10.96
N ARG B 118 19.32 22.07 -10.13
CA ARG B 118 20.57 22.63 -10.69
C ARG B 118 21.42 21.55 -11.38
N ALA B 119 21.44 20.33 -10.86
CA ALA B 119 22.25 19.27 -11.47
C ALA B 119 21.72 18.94 -12.87
N ARG B 120 20.38 18.88 -12.97
CA ARG B 120 19.70 18.59 -14.22
C ARG B 120 19.89 19.68 -15.27
N ILE B 121 19.84 20.92 -14.85
CA ILE B 121 20.14 22.06 -15.73
C ILE B 121 21.57 21.99 -16.27
N ALA B 122 22.53 21.66 -15.38
CA ALA B 122 23.94 21.61 -15.72
C ALA B 122 24.28 20.36 -16.48
N GLY B 123 23.44 19.34 -16.37
CA GLY B 123 23.72 18.05 -16.97
C GLY B 123 24.69 17.16 -16.21
N VAL B 124 24.66 17.23 -14.87
CA VAL B 124 25.59 16.47 -14.04
C VAL B 124 24.81 15.75 -12.95
N PRO B 125 25.39 14.70 -12.37
CA PRO B 125 24.74 14.03 -11.24
C PRO B 125 24.78 14.89 -10.03
N VAL B 126 23.87 14.68 -9.08
CA VAL B 126 23.87 15.53 -7.88
C VAL B 126 25.23 15.47 -7.16
N TRP B 127 25.89 14.31 -7.14
CA TRP B 127 27.15 14.26 -6.38
C TRP B 127 28.23 15.19 -6.96
N ALA B 128 28.13 15.53 -8.24
CA ALA B 128 29.00 16.55 -8.84
C ALA B 128 28.81 17.96 -8.29
N LEU B 129 27.68 18.21 -7.67
CA LEU B 129 27.47 19.49 -6.99
C LEU B 129 27.85 19.48 -5.51
N LEU B 130 28.31 18.34 -5.02
CA LEU B 130 28.65 18.16 -3.62
C LEU B 130 30.12 17.81 -3.36
N GLY B 131 30.98 18.07 -4.36
CA GLY B 131 32.42 17.84 -4.23
C GLY B 131 33.01 16.83 -5.16
N GLY B 132 32.15 16.23 -5.97
CA GLY B 132 32.54 15.08 -6.77
C GLY B 132 32.39 13.81 -5.96
N ARG B 133 32.85 12.71 -6.53
CA ARG B 133 32.59 11.38 -6.04
C ARG B 133 33.82 10.80 -5.35
N CYS B 134 33.62 10.09 -4.24
CA CYS B 134 34.71 9.24 -3.72
C CYS B 134 34.37 7.75 -3.80
N ARG B 135 33.14 7.42 -4.16
CA ARG B 135 32.72 6.03 -4.25
C ARG B 135 31.53 5.95 -5.16
N ASP B 136 31.37 4.80 -5.85
CA ASP B 136 30.19 4.60 -6.71
C ASP B 136 29.22 3.53 -6.23
N ARG B 137 29.54 2.89 -5.09
CA ARG B 137 28.69 1.87 -4.48
C ARG B 137 28.75 2.11 -2.98
N ILE B 138 27.67 1.78 -2.30
CA ILE B 138 27.54 1.95 -0.83
C ILE B 138 26.97 0.66 -0.21
N PRO B 139 27.71 0.04 0.70
CA PRO B 139 27.20 -1.20 1.29
C PRO B 139 25.85 -0.99 1.96
N LEU B 140 24.89 -1.90 1.75
CA LEU B 140 23.52 -1.70 2.24
C LEU B 140 23.24 -2.53 3.51
N SER B 141 22.57 -1.92 4.49
CA SER B 141 22.06 -2.60 5.65
C SER B 141 20.55 -2.65 5.55
N CYS B 142 19.94 -3.76 5.97
CA CYS B 142 18.49 -3.85 6.15
C CYS B 142 18.17 -3.99 7.65
N SER B 143 17.13 -3.31 8.09
CA SER B 143 16.68 -3.47 9.49
C SER B 143 15.83 -4.74 9.73
N ILE B 144 15.96 -5.28 10.94
CA ILE B 144 15.31 -6.50 11.37
C ILE B 144 14.52 -6.06 12.60
N ALA B 145 13.22 -5.88 12.41
CA ALA B 145 12.40 -5.16 13.40
C ALA B 145 11.02 -5.75 13.64
N ASP B 146 10.78 -6.98 13.18
CA ASP B 146 9.44 -7.54 13.26
C ASP B 146 9.21 -8.14 14.63
N PRO B 147 8.03 -7.92 15.22
CA PRO B 147 7.72 -8.59 16.48
C PRO B 147 7.59 -10.11 16.34
N ASP B 148 7.30 -10.58 15.12
CA ASP B 148 7.29 -12.02 14.77
C ASP B 148 8.65 -12.34 14.11
N PHE B 149 9.56 -12.92 14.91
CA PHE B 149 10.94 -13.17 14.45
C PHE B 149 11.02 -14.21 13.31
N ASP B 150 10.03 -15.08 13.19
CA ASP B 150 9.98 -16.03 12.08
C ASP B 150 9.87 -15.29 10.75
N LYS B 151 9.14 -14.20 10.75
CA LYS B 151 9.08 -13.37 9.56
C LYS B 151 10.45 -12.80 9.22
N ASP B 152 11.22 -12.39 10.23
CA ASP B 152 12.53 -11.83 9.96
C ASP B 152 13.50 -12.92 9.60
N LEU B 153 13.35 -14.13 10.12
CA LEU B 153 14.20 -15.24 9.66
C LEU B 153 14.00 -15.50 8.12
N ALA B 154 12.77 -15.33 7.63
CA ALA B 154 12.49 -15.44 6.19
C ALA B 154 13.21 -14.29 5.45
N LEU B 155 13.06 -13.07 5.97
CA LEU B 155 13.75 -11.93 5.39
C LEU B 155 15.26 -12.20 5.37
N MET B 156 15.81 -12.80 6.40
CA MET B 156 17.26 -13.01 6.43
C MET B 156 17.71 -13.89 5.24
N GLN B 157 16.93 -14.91 4.90
CA GLN B 157 17.30 -15.81 3.81
CA GLN B 157 17.32 -15.80 3.79
C GLN B 157 17.26 -15.05 2.50
N ARG B 158 16.24 -14.21 2.36
CA ARG B 158 16.11 -13.34 1.21
C ARG B 158 17.31 -12.41 1.09
N LEU B 159 17.67 -11.80 2.21
CA LEU B 159 18.81 -10.89 2.20
C LEU B 159 20.08 -11.63 1.84
N GLN B 160 20.25 -12.82 2.39
CA GLN B 160 21.41 -13.61 2.04
C GLN B 160 21.48 -13.94 0.53
N ASP B 161 20.33 -14.34 -0.03
CA ASP B 161 20.21 -14.64 -1.47
C ASP B 161 20.54 -13.40 -2.30
N ASP B 162 20.18 -12.22 -1.81
CA ASP B 162 20.43 -10.96 -2.54
C ASP B 162 21.83 -10.38 -2.29
N ASP B 163 22.66 -11.10 -1.54
CA ASP B 163 24.04 -10.68 -1.23
C ASP B 163 24.16 -9.47 -0.30
N VAL B 164 23.11 -9.19 0.46
CA VAL B 164 23.16 -8.16 1.49
C VAL B 164 23.91 -8.82 2.63
N ARG B 165 24.85 -8.10 3.21
CA ARG B 165 25.66 -8.67 4.30
C ARG B 165 25.76 -7.81 5.59
N ILE B 166 24.85 -6.85 5.74
CA ILE B 166 24.70 -6.01 6.93
C ILE B 166 23.19 -5.97 7.31
N ILE B 167 22.93 -6.17 8.59
CA ILE B 167 21.66 -5.85 9.17
C ILE B 167 21.76 -5.00 10.40
N LYS B 168 20.67 -4.32 10.70
CA LYS B 168 20.56 -3.62 11.95
C LYS B 168 19.36 -4.18 12.71
N LEU B 169 19.63 -4.82 13.85
CA LEU B 169 18.58 -5.33 14.73
C LEU B 169 17.95 -4.22 15.55
N LYS B 170 16.64 -4.06 15.40
CA LYS B 170 15.91 -3.05 16.16
C LYS B 170 15.58 -3.75 17.48
N THR B 171 15.96 -3.13 18.59
CA THR B 171 15.89 -3.74 19.91
C THR B 171 15.12 -2.82 20.85
N GLY B 172 14.71 -3.34 21.99
CA GLY B 172 14.08 -2.53 23.03
C GLY B 172 12.60 -2.24 22.87
N PHE B 173 11.89 -3.00 22.03
CA PHE B 173 10.44 -2.79 21.89
C PHE B 173 9.59 -3.92 22.46
N LYS B 174 10.18 -5.08 22.70
CA LYS B 174 9.46 -6.20 23.32
C LYS B 174 9.92 -6.42 24.75
N ASP B 175 10.88 -7.32 24.97
CA ASP B 175 11.55 -7.49 26.27
C ASP B 175 13.02 -7.84 25.97
N HIS B 176 13.87 -7.71 26.96
CA HIS B 176 15.29 -7.95 26.77
C HIS B 176 15.58 -9.37 26.29
N ALA B 177 14.86 -10.36 26.81
CA ALA B 177 15.04 -11.74 26.38
C ALA B 177 14.87 -11.90 24.86
N PHE B 178 13.92 -11.18 24.28
CA PHE B 178 13.64 -11.26 22.86
C PHE B 178 14.80 -10.72 22.03
N ASP B 179 15.41 -9.65 22.51
CA ASP B 179 16.61 -9.11 21.91
C ASP B 179 17.79 -10.09 21.98
N MET B 180 18.05 -10.64 23.16
CA MET B 180 19.19 -11.56 23.32
C MET B 180 18.97 -12.86 22.50
N MET B 181 17.74 -13.39 22.44
CA MET B 181 17.39 -14.59 21.61
C MET B 181 17.67 -14.35 20.12
N ARG B 182 17.27 -13.17 19.63
CA ARG B 182 17.51 -12.82 18.24
C ARG B 182 18.98 -12.70 17.93
N LEU B 183 19.76 -11.99 18.76
CA LEU B 183 21.21 -11.89 18.51
C LEU B 183 21.91 -13.24 18.48
N GLU B 184 21.55 -14.14 19.41
CA GLU B 184 22.17 -15.48 19.45
C GLU B 184 21.87 -16.27 18.18
N ARG B 185 20.60 -16.26 17.77
CA ARG B 185 20.16 -16.99 16.57
C ARG B 185 20.78 -16.45 15.28
N LEU B 186 20.85 -15.12 15.13
CA LEU B 186 21.47 -14.52 13.95
C LEU B 186 22.98 -14.78 13.87
N ARG B 187 23.66 -14.76 15.01
CA ARG B 187 25.09 -15.06 15.02
C ARG B 187 25.36 -16.54 14.69
N ALA B 188 24.45 -17.40 15.12
CA ALA B 188 24.57 -18.84 14.88
C ALA B 188 24.25 -19.18 13.45
N ASP B 189 23.15 -18.64 12.95
CA ASP B 189 22.59 -19.03 11.65
C ASP B 189 23.12 -18.17 10.52
N PHE B 190 23.43 -16.92 10.82
CA PHE B 190 23.91 -16.00 9.77
C PHE B 190 25.24 -15.34 10.09
N PRO B 191 26.29 -16.15 10.33
CA PRO B 191 27.61 -15.65 10.79
C PRO B 191 28.35 -14.72 9.84
N ALA B 192 28.04 -14.72 8.55
CA ALA B 192 28.73 -13.82 7.63
C ALA B 192 28.17 -12.37 7.66
N PHE B 193 27.08 -12.14 8.37
CA PHE B 193 26.49 -10.82 8.49
C PHE B 193 27.21 -9.94 9.53
N ASP B 194 27.40 -8.67 9.13
CA ASP B 194 27.82 -7.60 10.04
C ASP B 194 26.52 -7.18 10.70
N ILE B 195 26.45 -7.30 12.03
CA ILE B 195 25.25 -6.98 12.76
C ILE B 195 25.42 -5.70 13.56
N ARG B 196 24.47 -4.76 13.38
CA ARG B 196 24.38 -3.55 14.20
C ARG B 196 23.11 -3.65 15.05
N VAL B 197 23.01 -2.86 16.11
CA VAL B 197 21.84 -2.83 16.99
C VAL B 197 21.35 -1.38 17.09
N ASP B 198 20.04 -1.16 17.04
CA ASP B 198 19.47 0.16 17.22
C ASP B 198 18.29 0.06 18.17
N TYR B 199 18.37 0.80 19.27
CA TYR B 199 17.32 0.82 20.28
C TYR B 199 16.27 1.90 20.00
N ASN B 200 16.55 2.85 19.12
CA ASN B 200 15.62 3.92 18.84
C ASN B 200 15.07 4.56 20.11
N GLN B 201 15.97 4.86 21.05
CA GLN B 201 15.59 5.44 22.33
C GLN B 201 14.77 4.56 23.24
N GLY B 202 14.75 3.25 23.00
CA GLY B 202 13.83 2.35 23.66
C GLY B 202 14.15 1.93 25.09
N LEU B 203 15.36 2.21 25.58
CA LEU B 203 15.72 1.75 26.89
C LEU B 203 15.42 2.82 27.91
N HIS B 204 14.61 2.48 28.92
CA HIS B 204 14.45 3.41 30.07
C HIS B 204 15.81 3.54 30.76
N HIS B 205 16.11 4.73 31.24
CA HIS B 205 17.35 4.91 32.00
C HIS B 205 17.58 3.96 33.20
N ASP B 206 16.53 3.42 33.81
CA ASP B 206 16.71 2.42 34.90
C ASP B 206 17.50 1.20 34.54
N VAL B 207 17.46 0.82 33.26
CA VAL B 207 18.01 -0.46 32.83
C VAL B 207 18.99 -0.34 31.67
N ALA B 208 19.20 0.88 31.17
CA ALA B 208 19.91 1.06 29.89
C ALA B 208 21.33 0.48 29.92
N LEU B 209 22.12 0.83 30.91
CA LEU B 209 23.53 0.37 30.91
C LEU B 209 23.60 -1.17 30.96
N ALA B 210 22.79 -1.77 31.83
CA ALA B 210 22.80 -3.24 31.98
C ALA B 210 22.45 -3.91 30.66
N ARG B 211 21.45 -3.40 29.96
CA ARG B 211 21.06 -4.05 28.71
C ARG B 211 22.05 -3.82 27.57
N VAL B 212 22.59 -2.61 27.49
CA VAL B 212 23.65 -2.33 26.55
C VAL B 212 24.85 -3.23 26.82
N ARG B 213 25.23 -3.43 28.06
CA ARG B 213 26.37 -4.32 28.33
C ARG B 213 26.09 -5.76 27.86
N ASP B 214 24.87 -6.24 28.10
CA ASP B 214 24.46 -7.60 27.70
C ASP B 214 24.54 -7.74 26.18
N VAL B 215 23.99 -6.76 25.45
CA VAL B 215 24.00 -6.92 23.99
C VAL B 215 25.40 -6.75 23.42
N ALA B 216 26.24 -5.96 24.08
CA ALA B 216 27.65 -5.80 23.65
C ALA B 216 28.43 -7.13 23.62
N THR B 217 27.99 -8.13 24.38
CA THR B 217 28.68 -9.42 24.38
C THR B 217 28.65 -10.08 23.00
N PHE B 218 27.68 -9.72 22.16
CA PHE B 218 27.59 -10.23 20.77
C PHE B 218 28.41 -9.45 19.79
N LYS B 219 29.15 -8.47 20.32
CA LYS B 219 30.02 -7.59 19.54
C LYS B 219 29.39 -7.05 18.27
N PRO B 220 28.23 -6.41 18.40
CA PRO B 220 27.67 -5.70 17.27
C PRO B 220 28.66 -4.60 16.86
N THR B 221 28.59 -4.21 15.60
CA THR B 221 29.52 -3.20 15.07
C THR B 221 29.33 -1.84 15.73
N PHE B 222 28.08 -1.51 16.02
CA PHE B 222 27.70 -0.46 16.90
C PHE B 222 26.37 -0.75 17.60
N ILE B 223 26.11 0.02 18.66
CA ILE B 223 24.84 0.07 19.36
C ILE B 223 24.37 1.50 19.29
N GLU B 224 23.22 1.69 18.65
CA GLU B 224 22.71 3.00 18.36
C GLU B 224 21.66 3.49 19.36
N GLN B 225 21.81 4.75 19.79
CA GLN B 225 20.79 5.47 20.59
C GLN B 225 19.98 4.63 21.61
N PRO B 226 20.64 4.13 22.63
CA PRO B 226 19.91 3.33 23.64
C PRO B 226 18.86 4.11 24.42
N VAL B 227 19.11 5.41 24.67
CA VAL B 227 18.27 6.21 25.59
C VAL B 227 17.69 7.41 24.88
N LYS B 228 16.79 8.10 25.55
CA LYS B 228 16.11 9.27 24.97
C LYS B 228 17.10 10.31 24.45
N ALA B 229 16.70 10.97 23.38
CA ALA B 229 17.51 11.94 22.69
C ALA B 229 18.14 12.98 23.61
N HIS B 230 17.38 13.45 24.59
CA HIS B 230 17.84 14.52 25.49
C HIS B 230 18.78 14.06 26.56
N LEU B 231 18.92 12.75 26.75
CA LEU B 231 19.74 12.21 27.83
C LEU B 231 21.21 12.08 27.40
N ARG B 232 21.77 13.21 26.98
CA ARG B 232 23.09 13.16 26.33
C ARG B 232 24.21 12.95 27.30
N GLY B 233 24.00 13.35 28.56
CA GLY B 233 24.94 13.05 29.62
C GLY B 233 25.09 11.57 29.89
N LEU B 234 23.93 10.88 29.92
CA LEU B 234 23.90 9.48 30.07
C LEU B 234 24.50 8.75 28.88
N MET B 235 24.22 9.24 27.66
CA MET B 235 24.88 8.73 26.46
C MET B 235 26.41 8.77 26.61
N ALA B 236 26.93 9.90 27.07
CA ALA B 236 28.36 10.06 27.30
C ALA B 236 28.86 9.03 28.30
N ARG B 237 28.10 8.77 29.37
CA ARG B 237 28.53 7.74 30.36
C ARG B 237 28.51 6.31 29.77
N ILE B 238 27.49 6.02 28.99
CA ILE B 238 27.40 4.73 28.29
C ILE B 238 28.54 4.54 27.28
N ARG B 239 28.86 5.61 26.57
CA ARG B 239 30.02 5.59 25.71
C ARG B 239 31.30 5.13 26.42
N ASP B 240 31.53 5.68 27.59
CA ASP B 240 32.69 5.35 28.40
C ASP B 240 32.65 4.02 29.14
N ALA B 241 31.49 3.37 29.22
CA ALA B 241 31.32 2.18 30.04
C ALA B 241 31.41 0.90 29.23
N VAL B 242 31.14 1.02 27.94
CA VAL B 242 31.04 -0.15 27.07
C VAL B 242 32.08 -0.07 25.96
N ASP B 243 32.74 -1.19 25.70
CA ASP B 243 33.72 -1.29 24.61
C ASP B 243 33.21 -1.05 23.14
N VAL B 244 32.02 -1.55 22.86
CA VAL B 244 31.41 -1.50 21.53
C VAL B 244 31.13 -0.05 21.21
N PRO B 245 31.32 0.40 19.94
CA PRO B 245 30.98 1.76 19.62
C PRO B 245 29.51 2.11 19.91
N LEU B 246 29.27 3.30 20.46
CA LEU B 246 27.96 3.85 20.67
C LEU B 246 27.71 4.85 19.57
N LEU B 247 26.58 4.72 18.90
CA LEU B 247 26.23 5.65 17.82
C LEU B 247 25.10 6.55 18.27
N ALA B 248 25.25 7.87 18.09
CA ALA B 248 24.13 8.81 18.38
C ALA B 248 23.27 8.92 17.12
N ASP B 249 21.96 8.91 17.30
CA ASP B 249 21.04 9.20 16.22
C ASP B 249 20.17 10.39 16.61
N GLU B 250 19.06 10.14 17.29
CA GLU B 250 18.16 11.23 17.66
C GLU B 250 18.83 12.30 18.50
N SER B 251 19.91 11.96 19.22
CA SER B 251 20.62 13.01 20.01
C SER B 251 21.34 14.10 19.19
N ILE B 252 21.60 13.83 17.91
CA ILE B 252 22.32 14.77 17.04
C ILE B 252 21.64 14.91 15.69
N PHE B 253 21.06 16.08 15.42
CA PHE B 253 20.40 16.32 14.14
C PHE B 253 21.33 16.96 13.12
N GLY B 254 21.89 18.10 13.46
CA GLY B 254 22.68 18.87 12.51
C GLY B 254 24.02 19.35 13.05
N PRO B 255 24.71 20.24 12.34
CA PRO B 255 26.03 20.76 12.76
C PRO B 255 26.02 21.46 14.12
N GLU B 256 24.94 22.12 14.47
CA GLU B 256 24.85 22.80 15.73
C GLU B 256 24.88 21.78 16.91
N ASP B 257 24.11 20.71 16.80
CA ASP B 257 24.05 19.65 17.83
C ASP B 257 25.42 18.97 17.89
N MET B 258 26.02 18.68 16.74
CA MET B 258 27.34 18.07 16.70
C MET B 258 28.33 18.98 17.41
N ALA B 259 28.25 20.30 17.19
CA ALA B 259 29.17 21.27 17.86
C ALA B 259 28.99 21.34 19.35
N GLU B 260 27.75 21.29 19.75
CA GLU B 260 27.39 21.30 21.15
C GLU B 260 27.69 20.02 21.93
N HIS B 261 27.68 18.87 21.27
CA HIS B 261 27.75 17.61 21.97
C HIS B 261 28.83 16.71 21.37
N PRO B 262 30.10 17.16 21.42
CA PRO B 262 31.18 16.47 20.73
C PRO B 262 31.57 15.09 21.30
N GLU B 263 31.28 14.84 22.58
CA GLU B 263 31.79 13.65 23.24
C GLU B 263 30.71 12.62 23.67
N ILE B 264 29.49 12.71 23.18
CA ILE B 264 28.39 11.86 23.71
C ILE B 264 28.40 10.47 23.10
N ALA B 265 29.12 10.27 21.98
CA ALA B 265 29.15 8.99 21.33
C ALA B 265 30.41 8.73 20.54
N ASP B 266 30.53 7.52 20.06
CA ASP B 266 31.68 7.17 19.23
C ASP B 266 31.46 7.47 17.78
N GLY B 267 30.22 7.69 17.40
CA GLY B 267 29.91 7.96 16.02
C GLY B 267 28.51 8.50 15.91
N VAL B 268 28.13 8.89 14.68
CA VAL B 268 26.88 9.55 14.45
CA VAL B 268 26.87 9.54 14.45
C VAL B 268 26.17 8.95 13.23
N SER B 269 24.86 8.81 13.34
CA SER B 269 24.03 8.48 12.19
C SER B 269 23.70 9.80 11.46
N ILE B 270 24.10 9.85 10.20
CA ILE B 270 23.88 11.02 9.35
C ILE B 270 22.59 10.76 8.53
N LYS B 271 21.61 11.64 8.67
CA LYS B 271 20.34 11.51 7.94
C LYS B 271 20.00 12.88 7.38
N ILE B 272 19.76 12.97 6.09
CA ILE B 272 19.41 14.28 5.55
C ILE B 272 18.13 14.80 6.16
N MET B 273 17.23 13.90 6.58
CA MET B 273 15.96 14.35 7.18
C MET B 273 16.17 15.03 8.57
N LYS B 274 17.26 14.70 9.24
CA LYS B 274 17.63 15.40 10.48
C LYS B 274 18.46 16.66 10.21
N SER B 275 19.37 16.55 9.26
CA SER B 275 20.30 17.66 9.01
C SER B 275 19.64 18.83 8.24
N GLY B 276 18.47 18.58 7.66
CA GLY B 276 17.80 19.62 6.88
C GLY B 276 18.45 19.80 5.52
N GLY B 277 19.09 18.75 5.01
CA GLY B 277 19.62 18.79 3.66
C GLY B 277 20.92 18.05 3.45
N LEU B 278 21.39 18.07 2.20
CA LEU B 278 22.58 17.32 1.80
C LEU B 278 23.85 18.01 2.30
N THR B 279 23.94 19.32 2.11
CA THR B 279 25.12 20.08 2.56
C THR B 279 25.37 19.93 4.05
N ARG B 280 24.31 20.10 4.83
CA ARG B 280 24.48 20.05 6.27
C ARG B 280 24.79 18.63 6.77
N ALA B 281 24.25 17.61 6.13
CA ALA B 281 24.65 16.22 6.42
C ALA B 281 26.16 16.04 6.22
N GLN B 282 26.69 16.56 5.11
CA GLN B 282 28.10 16.46 4.86
C GLN B 282 28.89 17.12 5.98
N THR B 283 28.43 18.30 6.41
CA THR B 283 29.10 19.03 7.47
C THR B 283 29.11 18.27 8.78
N VAL B 284 27.98 17.68 9.17
CA VAL B 284 27.99 16.79 10.35
C VAL B 284 29.05 15.69 10.20
N ALA B 285 29.12 15.01 9.05
CA ALA B 285 30.09 13.89 8.90
C ALA B 285 31.54 14.36 9.00
N ARG B 286 31.83 15.52 8.42
CA ARG B 286 33.16 16.10 8.43
C ARG B 286 33.55 16.54 9.84
N MET B 287 32.60 17.11 10.59
CA MET B 287 32.82 17.49 12.00
C MET B 287 33.14 16.26 12.89
N ALA B 288 32.38 15.20 12.68
CA ALA B 288 32.59 13.93 13.34
C ALA B 288 33.99 13.39 13.02
N ALA B 289 34.31 13.29 11.74
CA ALA B 289 35.62 12.71 11.31
C ALA B 289 36.83 13.51 11.83
N ALA B 290 36.67 14.84 11.93
CA ALA B 290 37.76 15.74 12.34
C ALA B 290 38.25 15.39 13.74
N ARG B 291 37.37 14.82 14.55
CA ARG B 291 37.78 14.33 15.89
C ARG B 291 37.80 12.82 16.09
N GLY B 292 37.67 12.08 15.01
CA GLY B 292 37.74 10.64 15.07
C GLY B 292 36.45 9.94 15.46
N LEU B 293 35.32 10.59 15.25
CA LEU B 293 34.02 9.94 15.42
C LEU B 293 33.57 9.37 14.06
N SER B 294 32.95 8.21 14.15
CA SER B 294 32.42 7.47 12.97
C SER B 294 31.19 8.12 12.39
N ALA B 295 30.90 7.86 11.12
CA ALA B 295 29.70 8.37 10.46
C ALA B 295 29.06 7.22 9.65
N TYR B 296 27.74 7.15 9.77
CA TYR B 296 26.93 6.12 9.19
C TYR B 296 25.78 6.75 8.40
N GLY B 297 25.45 6.15 7.25
CA GLY B 297 24.32 6.65 6.43
C GLY B 297 22.97 6.14 6.88
N GLY B 298 22.39 6.81 7.86
CA GLY B 298 21.10 6.41 8.38
C GLY B 298 19.96 6.87 7.47
N ASP B 299 18.76 6.41 7.75
CA ASP B 299 17.60 6.96 7.01
C ASP B 299 16.34 6.90 7.84
N MET B 300 15.26 7.45 7.32
CA MET B 300 13.95 7.41 7.97
C MET B 300 13.11 6.42 7.16
N PHE B 301 11.80 6.37 7.41
CA PHE B 301 10.89 5.62 6.56
C PHE B 301 10.60 6.36 5.26
N GLU B 302 11.52 6.15 4.32
CA GLU B 302 11.68 6.91 3.09
C GLU B 302 11.30 6.10 1.91
N ALA B 303 11.12 6.79 0.79
CA ALA B 303 10.96 6.15 -0.52
C ALA B 303 12.25 6.30 -1.32
N GLY B 304 12.24 5.93 -2.61
CA GLY B 304 13.48 5.91 -3.40
C GLY B 304 14.05 7.29 -3.74
N LEU B 305 13.19 8.31 -3.70
CA LEU B 305 13.63 9.69 -3.99
C LEU B 305 14.54 10.17 -2.87
N ALA B 306 14.09 9.98 -1.65
CA ALA B 306 14.92 10.30 -0.48
C ALA B 306 16.18 9.43 -0.50
N HIS B 307 16.04 8.13 -0.77
CA HIS B 307 17.20 7.23 -0.80
C HIS B 307 18.24 7.76 -1.81
N LEU B 308 17.79 8.19 -3.00
CA LEU B 308 18.75 8.75 -3.98
C LEU B 308 19.49 9.97 -3.47
N ALA B 309 18.77 10.88 -2.82
CA ALA B 309 19.41 12.09 -2.28
C ALA B 309 20.50 11.71 -1.27
N GLY B 310 20.19 10.79 -0.38
CA GLY B 310 21.18 10.28 0.58
C GLY B 310 22.36 9.56 -0.09
N ALA B 311 22.09 8.79 -1.14
CA ALA B 311 23.13 8.07 -1.88
C ALA B 311 24.12 9.02 -2.55
N HIS B 312 23.58 10.10 -3.16
CA HIS B 312 24.44 11.11 -3.73
C HIS B 312 25.26 11.83 -2.65
N MET B 313 24.61 12.20 -1.56
CA MET B 313 25.35 12.78 -0.43
C MET B 313 26.52 11.86 0.02
N ILE B 314 26.24 10.59 0.27
CA ILE B 314 27.28 9.64 0.72
C ILE B 314 28.36 9.38 -0.33
N ALA B 315 27.96 9.35 -1.60
CA ALA B 315 28.93 9.22 -2.70
C ALA B 315 29.98 10.33 -2.68
N ALA B 316 29.60 11.53 -2.25
CA ALA B 316 30.50 12.69 -2.17
C ALA B 316 31.20 12.87 -0.83
N THR B 317 31.01 11.93 0.11
CA THR B 317 31.39 12.18 1.51
C THR B 317 32.21 11.01 2.05
N PRO B 318 33.54 11.08 1.92
CA PRO B 318 34.45 10.00 2.29
C PRO B 318 34.34 9.61 3.75
N GLU B 319 33.97 10.58 4.59
CA GLU B 319 33.83 10.41 6.01
C GLU B 319 32.77 9.40 6.44
N ILE B 320 31.80 9.14 5.58
CA ILE B 320 30.72 8.20 5.93
C ILE B 320 31.19 6.84 5.45
N THR B 321 31.60 5.99 6.38
CA THR B 321 32.28 4.74 6.01
C THR B 321 31.54 3.49 6.49
N LEU B 322 30.46 3.66 7.25
CA LEU B 322 29.83 2.49 7.92
C LEU B 322 28.66 1.92 7.10
N GLY B 323 28.53 2.33 5.85
CA GLY B 323 27.42 1.91 5.03
C GLY B 323 26.18 2.79 5.11
N CYS B 324 25.09 2.34 4.49
CA CYS B 324 23.83 3.05 4.52
C CYS B 324 22.69 2.09 4.70
N GLU B 325 21.50 2.61 5.04
CA GLU B 325 20.35 1.73 5.25
C GLU B 325 19.17 2.12 4.36
N PHE B 326 19.49 2.39 3.09
CA PHE B 326 18.49 2.76 2.11
C PHE B 326 17.82 1.47 1.58
N TYR B 327 17.10 0.79 2.48
CA TYR B 327 16.57 -0.56 2.18
C TYR B 327 15.04 -0.57 1.94
N GLN B 328 14.35 0.51 2.28
CA GLN B 328 12.91 0.47 2.35
C GLN B 328 12.27 0.39 0.94
N ALA B 329 12.81 1.13 -0.03
CA ALA B 329 12.27 1.08 -1.39
C ALA B 329 12.36 -0.31 -1.95
N THR B 330 13.38 -1.06 -1.57
CA THR B 330 13.56 -2.40 -2.09
C THR B 330 12.76 -3.44 -1.31
N TYR B 331 12.74 -3.37 0.01
CA TYR B 331 12.17 -4.45 0.83
C TYR B 331 10.91 -4.12 1.62
N PHE B 332 10.53 -2.85 1.75
CA PHE B 332 9.45 -2.50 2.68
C PHE B 332 8.23 -1.92 1.95
N LEU B 333 8.47 -1.00 1.02
CA LEU B 333 7.39 -0.44 0.22
C LEU B 333 6.80 -1.49 -0.71
N CYS B 334 5.47 -1.58 -0.78
CA CYS B 334 4.83 -2.37 -1.85
C CYS B 334 5.21 -1.83 -3.22
N ASP B 335 5.11 -0.51 -3.39
CA ASP B 335 5.52 0.17 -4.60
C ASP B 335 6.25 1.46 -4.24
N ASP B 336 7.23 1.80 -5.07
CA ASP B 336 8.01 3.03 -4.92
C ASP B 336 7.41 4.16 -5.83
N ILE B 337 8.02 5.33 -5.79
CA ILE B 337 7.59 6.47 -6.61
C ILE B 337 8.57 6.81 -7.75
N LEU B 338 9.60 6.01 -7.94
CA LEU B 338 10.54 6.21 -9.01
C LEU B 338 10.06 5.45 -10.26
N ALA B 339 10.51 5.90 -11.43
CA ALA B 339 10.11 5.27 -12.73
C ALA B 339 10.83 3.96 -13.05
N ALA B 340 11.97 3.75 -12.39
CA ALA B 340 12.72 2.50 -12.47
C ALA B 340 13.11 2.13 -11.02
N PRO B 341 13.55 0.89 -10.78
CA PRO B 341 13.87 0.46 -9.41
C PRO B 341 15.04 1.20 -8.79
N PHE B 342 14.90 1.61 -7.53
CA PHE B 342 16.03 2.12 -6.78
C PHE B 342 17.23 1.15 -6.96
N PRO B 343 18.39 1.65 -7.40
CA PRO B 343 19.43 0.77 -7.92
C PRO B 343 20.26 0.10 -6.84
N VAL B 344 20.03 -1.20 -6.65
CA VAL B 344 20.74 -2.00 -5.66
C VAL B 344 21.18 -3.29 -6.33
N ALA B 345 22.45 -3.65 -6.21
CA ALA B 345 22.97 -4.90 -6.70
C ALA B 345 24.06 -5.39 -5.79
N ASP B 346 24.11 -6.73 -5.63
CA ASP B 346 25.17 -7.41 -4.89
C ASP B 346 25.34 -6.83 -3.49
N GLY B 347 24.24 -6.43 -2.87
CA GLY B 347 24.30 -5.94 -1.49
C GLY B 347 24.77 -4.51 -1.33
N HIS B 348 24.79 -3.77 -2.45
CA HIS B 348 25.28 -2.40 -2.49
C HIS B 348 24.29 -1.50 -3.21
N VAL B 349 24.20 -0.27 -2.76
CA VAL B 349 23.46 0.75 -3.48
C VAL B 349 24.43 1.15 -4.58
N LEU B 350 23.94 1.25 -5.82
CA LEU B 350 24.77 1.71 -6.94
C LEU B 350 24.47 3.17 -7.18
N VAL B 351 25.46 4.04 -7.01
CA VAL B 351 25.23 5.49 -7.17
C VAL B 351 25.20 5.83 -8.66
N PRO B 352 24.11 6.43 -9.14
CA PRO B 352 24.02 6.74 -10.59
C PRO B 352 25.03 7.78 -11.03
N ASP B 353 25.37 7.81 -12.32
CA ASP B 353 26.29 8.83 -12.85
C ASP B 353 25.65 9.67 -13.97
N THR B 354 24.33 9.58 -14.10
CA THR B 354 23.56 10.33 -15.09
C THR B 354 23.01 11.59 -14.40
N PRO B 355 22.37 12.51 -15.17
CA PRO B 355 22.06 13.81 -14.54
C PRO B 355 21.05 13.78 -13.39
N GLY B 356 21.20 14.74 -12.49
CA GLY B 356 20.33 14.85 -11.33
C GLY B 356 20.52 13.69 -10.36
N LEU B 357 19.43 13.28 -9.74
CA LEU B 357 19.43 12.16 -8.79
C LEU B 357 19.57 10.83 -9.52
N GLY B 358 19.36 10.82 -10.85
CA GLY B 358 19.79 9.69 -11.66
C GLY B 358 18.72 8.66 -12.03
N VAL B 359 17.57 8.70 -11.37
CA VAL B 359 16.40 7.93 -11.75
C VAL B 359 15.22 8.90 -11.76
N ASP B 360 14.35 8.80 -12.76
CA ASP B 360 13.18 9.70 -12.84
C ASP B 360 12.11 9.40 -11.78
N VAL B 361 11.52 10.46 -11.25
CA VAL B 361 10.31 10.35 -10.43
C VAL B 361 9.13 10.09 -11.36
N ASP B 362 8.32 9.10 -11.02
CA ASP B 362 7.12 8.73 -11.77
C ASP B 362 5.97 9.59 -11.32
N GLU B 363 5.63 10.66 -12.05
CA GLU B 363 4.52 11.52 -11.59
C GLU B 363 3.15 10.82 -11.53
N ASP B 364 2.96 9.75 -12.28
CA ASP B 364 1.74 8.95 -12.17
C ASP B 364 1.69 8.21 -10.82
N ALA B 365 2.84 7.81 -10.26
CA ALA B 365 2.85 7.21 -8.92
C ALA B 365 2.52 8.28 -7.90
N LEU B 366 3.04 9.48 -8.09
CA LEU B 366 2.67 10.61 -7.20
C LEU B 366 1.14 10.77 -7.11
N ALA B 367 0.49 10.75 -8.28
CA ALA B 367 -0.97 10.88 -8.34
C ALA B 367 -1.68 9.68 -7.72
N ARG B 368 -1.17 8.48 -7.97
CA ARG B 368 -1.75 7.24 -7.45
C ARG B 368 -1.76 7.24 -5.92
N PHE B 369 -0.67 7.73 -5.31
CA PHE B 369 -0.51 7.62 -3.86
C PHE B 369 -0.87 8.88 -3.06
N ALA B 370 -1.21 9.96 -3.78
CA ALA B 370 -1.66 11.20 -3.12
C ALA B 370 -2.81 10.95 -2.16
N VAL B 371 -2.79 11.55 -0.97
CA VAL B 371 -3.86 11.28 0.02
C VAL B 371 -5.16 11.99 -0.37
N GLN C 8 -19.31 -31.62 2.55
CA GLN C 8 -20.64 -31.54 3.25
C GLN C 8 -21.80 -31.20 2.27
N ILE C 9 -23.03 -31.52 2.65
CA ILE C 9 -24.07 -31.59 1.65
C ILE C 9 -24.97 -30.34 1.64
N ILE C 10 -25.59 -30.08 0.49
CA ILE C 10 -26.49 -28.92 0.35
C ILE C 10 -27.83 -29.36 0.93
N ALA C 11 -28.23 -28.75 2.03
CA ALA C 11 -29.37 -29.22 2.80
C ALA C 11 -30.63 -28.42 2.52
N GLY C 12 -30.46 -27.21 1.97
CA GLY C 12 -31.56 -26.35 1.62
C GLY C 12 -31.40 -25.54 0.33
N PHE C 13 -32.55 -25.24 -0.27
CA PHE C 13 -32.67 -24.62 -1.56
C PHE C 13 -33.95 -23.76 -1.53
N THR C 14 -33.78 -22.44 -1.50
CA THR C 14 -34.90 -21.52 -1.34
C THR C 14 -34.92 -20.42 -2.38
N LEU C 15 -36.11 -20.11 -2.86
CA LEU C 15 -36.31 -19.14 -3.93
C LEU C 15 -37.23 -18.02 -3.52
N TRP C 16 -36.93 -16.81 -3.96
CA TRP C 16 -37.83 -15.68 -3.89
C TRP C 16 -37.99 -15.13 -5.30
N HIS C 17 -39.24 -14.89 -5.72
CA HIS C 17 -39.55 -14.09 -6.89
C HIS C 17 -39.88 -12.66 -6.44
N LEU C 18 -39.00 -11.72 -6.80
CA LEU C 18 -39.11 -10.33 -6.37
C LEU C 18 -39.56 -9.40 -7.47
N SER C 19 -40.24 -8.32 -7.07
CA SER C 19 -40.55 -7.16 -7.93
C SER C 19 -39.96 -5.93 -7.23
N LEU C 20 -39.05 -5.25 -7.92
CA LEU C 20 -38.25 -4.18 -7.32
C LEU C 20 -38.52 -2.82 -7.99
N PRO C 21 -39.18 -1.90 -7.26
CA PRO C 21 -39.51 -0.60 -7.79
C PRO C 21 -38.27 0.12 -8.31
N VAL C 22 -38.47 0.92 -9.36
CA VAL C 22 -37.37 1.70 -9.94
C VAL C 22 -37.75 3.17 -10.06
N THR C 23 -36.74 4.04 -10.24
CA THR C 23 -36.94 5.50 -10.16
C THR C 23 -37.51 6.10 -11.45
N ALA C 36 -41.16 -1.36 -12.30
CA ALA C 36 -40.49 -2.36 -11.47
C ALA C 36 -39.81 -3.48 -12.27
N VAL C 37 -38.68 -3.98 -11.75
CA VAL C 37 -37.97 -5.10 -12.40
C VAL C 37 -38.10 -6.33 -11.53
N GLU C 38 -38.23 -7.50 -12.16
CA GLU C 38 -38.40 -8.77 -11.47
C GLU C 38 -37.10 -9.56 -11.56
N VAL C 39 -36.71 -10.11 -10.43
CA VAL C 39 -35.53 -10.96 -10.33
C VAL C 39 -35.92 -12.13 -9.47
N VAL C 40 -35.10 -13.18 -9.48
CA VAL C 40 -35.29 -14.36 -8.67
C VAL C 40 -34.02 -14.51 -7.83
N VAL C 41 -34.16 -14.70 -6.52
CA VAL C 41 -33.02 -14.93 -5.64
C VAL C 41 -33.01 -16.37 -5.16
N LEU C 42 -31.84 -16.99 -5.15
CA LEU C 42 -31.69 -18.33 -4.65
C LEU C 42 -30.85 -18.30 -3.40
N ARG C 43 -31.27 -18.98 -2.35
CA ARG C 43 -30.40 -19.25 -1.21
C ARG C 43 -30.12 -20.71 -1.13
N LEU C 44 -28.82 -21.04 -1.01
CA LEU C 44 -28.44 -22.40 -0.78
C LEU C 44 -27.95 -22.52 0.66
N GLN C 45 -28.27 -23.62 1.33
CA GLN C 45 -27.87 -23.81 2.73
C GLN C 45 -27.19 -25.14 2.89
N ALA C 46 -25.97 -25.14 3.41
CA ALA C 46 -25.23 -26.38 3.65
C ALA C 46 -25.65 -27.05 5.01
N ASP C 47 -25.35 -28.35 5.12
CA ASP C 47 -25.43 -29.15 6.38
C ASP C 47 -25.11 -28.34 7.65
N SER C 48 -24.03 -27.57 7.59
CA SER C 48 -23.53 -26.78 8.71
C SER C 48 -24.31 -25.51 9.03
N GLY C 49 -25.32 -25.15 8.23
CA GLY C 49 -26.03 -23.89 8.38
C GLY C 49 -25.48 -22.72 7.56
N ALA C 50 -24.25 -22.86 7.04
CA ALA C 50 -23.67 -21.84 6.16
C ALA C 50 -24.59 -21.57 4.97
N VAL C 51 -24.64 -20.33 4.49
CA VAL C 51 -25.53 -20.03 3.37
C VAL C 51 -24.77 -19.33 2.24
N GLY C 52 -25.29 -19.46 1.02
CA GLY C 52 -24.84 -18.70 -0.13
C GLY C 52 -26.01 -18.24 -0.96
N TYR C 53 -25.90 -17.09 -1.60
CA TYR C 53 -26.97 -16.53 -2.40
C TYR C 53 -26.58 -16.27 -3.86
N GLY C 54 -27.57 -16.28 -4.76
CA GLY C 54 -27.37 -15.88 -6.15
C GLY C 54 -28.64 -15.27 -6.66
N GLU C 55 -28.50 -14.45 -7.69
CA GLU C 55 -29.57 -13.70 -8.32
C GLU C 55 -29.66 -14.08 -9.79
N ALA C 56 -30.88 -14.26 -10.29
CA ALA C 56 -31.16 -14.37 -11.73
C ALA C 56 -31.98 -13.13 -12.12
N SER C 57 -31.57 -12.45 -13.19
CA SER C 57 -32.20 -11.20 -13.61
C SER C 57 -32.67 -11.25 -15.08
N PRO C 58 -33.82 -11.88 -15.34
CA PRO C 58 -34.21 -12.13 -16.73
C PRO C 58 -34.80 -10.92 -17.43
N TRP C 59 -34.58 -10.83 -18.74
CA TRP C 59 -35.26 -9.88 -19.59
C TRP C 59 -36.00 -10.68 -20.63
N VAL C 60 -37.34 -10.63 -20.58
CA VAL C 60 -38.21 -11.55 -21.33
C VAL C 60 -37.91 -11.54 -22.83
N VAL C 61 -37.58 -10.38 -23.39
CA VAL C 61 -37.32 -10.30 -24.83
C VAL C 61 -35.92 -10.77 -25.25
N PHE C 62 -35.02 -10.92 -24.28
CA PHE C 62 -33.57 -11.09 -24.51
C PHE C 62 -33.15 -12.48 -23.98
N THR C 63 -33.16 -12.70 -22.67
CA THR C 63 -32.69 -13.96 -22.07
C THR C 63 -33.78 -14.97 -21.80
N GLY C 64 -35.01 -14.48 -21.65
CA GLY C 64 -36.17 -15.35 -21.38
C GLY C 64 -36.95 -14.84 -20.16
N SER C 65 -38.11 -15.44 -19.89
CA SER C 65 -38.99 -14.89 -18.89
C SER C 65 -38.50 -15.21 -17.48
N VAL C 66 -38.98 -14.41 -16.54
CA VAL C 66 -38.71 -14.66 -15.13
C VAL C 66 -39.38 -15.95 -14.73
N GLU C 67 -40.54 -16.27 -15.33
CA GLU C 67 -41.21 -17.52 -15.04
C GLU C 67 -40.40 -18.73 -15.52
N ALA C 68 -39.78 -18.59 -16.68
CA ALA C 68 -38.94 -19.66 -17.20
C ALA C 68 -37.77 -19.90 -16.21
N THR C 69 -37.15 -18.82 -15.79
CA THR C 69 -36.04 -18.89 -14.84
C THR C 69 -36.50 -19.50 -13.48
N TYR C 70 -37.69 -19.13 -13.00
CA TYR C 70 -38.13 -19.60 -11.68
C TYR C 70 -38.34 -21.12 -11.77
N ALA C 71 -39.00 -21.55 -12.84
CA ALA C 71 -39.30 -22.97 -13.04
C ALA C 71 -38.02 -23.77 -13.21
N ALA C 72 -37.06 -23.21 -13.94
CA ALA C 72 -35.74 -23.88 -14.12
C ALA C 72 -35.17 -24.24 -12.75
N LEU C 73 -35.15 -23.25 -11.86
CA LEU C 73 -34.63 -23.46 -10.50
C LEU C 73 -35.55 -24.33 -9.65
N ASP C 74 -36.84 -24.00 -9.63
CA ASP C 74 -37.78 -24.64 -8.70
C ASP C 74 -38.03 -26.12 -8.99
N ARG C 75 -38.23 -26.44 -10.26
CA ARG C 75 -38.54 -27.81 -10.65
C ARG C 75 -37.37 -28.66 -11.13
N TYR C 76 -36.55 -28.10 -11.99
CA TYR C 76 -35.56 -28.90 -12.69
C TYR C 76 -34.19 -28.88 -12.02
N LEU C 77 -33.75 -27.74 -11.50
CA LEU C 77 -32.45 -27.70 -10.82
C LEU C 77 -32.46 -28.13 -9.34
N ARG C 78 -33.48 -27.70 -8.60
CA ARG C 78 -33.64 -28.12 -7.19
C ARG C 78 -33.24 -29.58 -6.90
N PRO C 79 -33.75 -30.58 -7.65
CA PRO C 79 -33.42 -31.98 -7.31
C PRO C 79 -32.01 -32.45 -7.67
N LEU C 80 -31.34 -31.75 -8.58
CA LEU C 80 -29.95 -32.03 -8.93
C LEU C 80 -29.02 -31.31 -8.01
N VAL C 81 -29.52 -30.45 -7.15
CA VAL C 81 -28.65 -29.66 -6.29
C VAL C 81 -28.82 -30.09 -4.83
N LEU C 82 -30.07 -30.26 -4.40
CA LEU C 82 -30.30 -30.71 -3.01
C LEU C 82 -29.67 -32.06 -2.77
N GLY C 83 -28.96 -32.20 -1.66
CA GLY C 83 -28.30 -33.48 -1.32
C GLY C 83 -26.92 -33.72 -1.95
N ARG C 84 -26.48 -32.83 -2.85
CA ARG C 84 -25.15 -32.92 -3.46
C ARG C 84 -24.09 -32.42 -2.48
N ALA C 85 -22.86 -32.90 -2.64
CA ALA C 85 -21.73 -32.34 -1.91
C ALA C 85 -21.40 -30.95 -2.50
N VAL C 86 -21.21 -29.95 -1.65
CA VAL C 86 -20.97 -28.58 -2.12
C VAL C 86 -19.67 -28.53 -2.95
N GLY C 87 -18.74 -29.44 -2.65
CA GLY C 87 -17.44 -29.47 -3.32
C GLY C 87 -17.56 -29.92 -4.77
N ASP C 88 -18.69 -30.56 -5.11
CA ASP C 88 -18.94 -31.05 -6.45
C ASP C 88 -19.52 -29.96 -7.39
N HIS C 89 -19.25 -28.69 -7.07
CA HIS C 89 -19.68 -27.51 -7.81
C HIS C 89 -19.55 -27.70 -9.34
N ALA C 90 -18.40 -28.12 -9.82
CA ALA C 90 -18.21 -28.26 -11.28
C ALA C 90 -19.18 -29.27 -11.93
N ALA C 91 -19.40 -30.41 -11.26
CA ALA C 91 -20.33 -31.44 -11.72
C ALA C 91 -21.78 -30.97 -11.66
N ILE C 92 -22.11 -30.27 -10.58
CA ILE C 92 -23.44 -29.75 -10.43
C ILE C 92 -23.79 -28.83 -11.60
N MET C 93 -22.87 -27.94 -11.99
CA MET C 93 -23.13 -27.03 -13.10
C MET C 93 -23.17 -27.74 -14.47
N GLU C 94 -22.40 -28.82 -14.64
CA GLU C 94 -22.54 -29.63 -15.86
C GLU C 94 -23.94 -30.19 -15.95
N ASP C 95 -24.42 -30.72 -14.84
CA ASP C 95 -25.75 -31.30 -14.77
C ASP C 95 -26.81 -30.25 -15.01
N ALA C 96 -26.62 -29.07 -14.43
CA ALA C 96 -27.55 -27.98 -14.60
C ALA C 96 -27.71 -27.57 -16.06
N ARG C 97 -26.57 -27.41 -16.75
CA ARG C 97 -26.65 -27.10 -18.17
C ARG C 97 -27.37 -28.14 -19.01
N ALA C 98 -27.21 -29.41 -18.67
CA ALA C 98 -27.84 -30.54 -19.38
C ALA C 98 -29.35 -30.68 -19.03
N ALA C 99 -29.76 -30.15 -17.87
CA ALA C 99 -31.12 -30.39 -17.35
C ALA C 99 -32.22 -29.54 -17.97
N VAL C 100 -31.88 -28.34 -18.44
CA VAL C 100 -32.89 -27.40 -18.89
C VAL C 100 -32.27 -26.47 -19.91
N ALA C 101 -32.96 -26.34 -21.04
CA ALA C 101 -32.51 -25.50 -22.13
C ALA C 101 -32.75 -24.04 -21.74
N HIS C 102 -31.86 -23.15 -22.18
CA HIS C 102 -31.94 -21.70 -21.95
C HIS C 102 -31.80 -21.42 -20.46
N CYS C 103 -32.51 -20.40 -19.96
CA CYS C 103 -32.49 -20.09 -18.53
C CYS C 103 -31.03 -19.97 -18.03
N THR C 104 -30.24 -19.27 -18.81
CA THR C 104 -28.88 -18.96 -18.43
C THR C 104 -28.87 -18.07 -17.18
N GLU C 105 -29.93 -17.29 -16.99
CA GLU C 105 -30.02 -16.48 -15.76
C GLU C 105 -30.15 -17.37 -14.52
N ALA C 106 -31.01 -18.39 -14.59
CA ALA C 106 -31.16 -19.37 -13.54
C ALA C 106 -29.82 -20.04 -13.21
N LYS C 107 -29.12 -20.45 -14.27
CA LYS C 107 -27.87 -21.18 -14.11
C LYS C 107 -26.82 -20.24 -13.45
N ALA C 108 -26.83 -18.98 -13.82
CA ALA C 108 -25.96 -17.96 -13.21
C ALA C 108 -26.26 -17.76 -11.71
N ALA C 109 -27.53 -17.73 -11.37
CA ALA C 109 -27.95 -17.63 -9.97
C ALA C 109 -27.41 -18.81 -9.17
N LEU C 110 -27.51 -20.02 -9.72
CA LEU C 110 -27.02 -21.23 -9.08
C LEU C 110 -25.49 -21.20 -8.94
N ASP C 111 -24.80 -20.90 -10.03
CA ASP C 111 -23.33 -20.76 -9.97
C ASP C 111 -22.92 -19.75 -8.91
N THR C 112 -23.59 -18.60 -8.88
CA THR C 112 -23.30 -17.51 -7.94
C THR C 112 -23.50 -17.98 -6.50
N ALA C 113 -24.61 -18.64 -6.24
CA ALA C 113 -24.88 -19.21 -4.89
C ALA C 113 -23.88 -20.27 -4.48
N LEU C 114 -23.47 -21.11 -5.42
CA LEU C 114 -22.49 -22.16 -5.12
C LEU C 114 -21.12 -21.55 -4.75
N TYR C 115 -20.68 -20.56 -5.50
CA TYR C 115 -19.42 -19.84 -5.21
C TYR C 115 -19.55 -19.10 -3.84
N ASP C 116 -20.66 -18.39 -3.64
CA ASP C 116 -20.86 -17.59 -2.43
C ASP C 116 -20.81 -18.53 -1.21
N LEU C 117 -21.54 -19.65 -1.29
CA LEU C 117 -21.57 -20.62 -0.24
C LEU C 117 -20.19 -21.23 0.03
N ARG C 118 -19.49 -21.65 -1.02
CA ARG C 118 -18.14 -22.24 -0.82
C ARG C 118 -17.13 -21.23 -0.29
N ALA C 119 -17.23 -20.00 -0.73
CA ALA C 119 -16.30 -18.95 -0.32
C ALA C 119 -16.52 -18.66 1.19
N ARG C 120 -17.79 -18.63 1.60
CA ARG C 120 -18.15 -18.34 2.99
C ARG C 120 -17.76 -19.51 3.90
N ILE C 121 -17.99 -20.74 3.47
CA ILE C 121 -17.48 -21.88 4.21
C ILE C 121 -15.96 -21.77 4.40
N ALA C 122 -15.24 -21.34 3.37
CA ALA C 122 -13.77 -21.26 3.42
C ALA C 122 -13.27 -19.96 4.07
N GLY C 123 -14.15 -18.98 4.24
CA GLY C 123 -13.80 -17.67 4.69
C GLY C 123 -12.91 -16.87 3.76
N VAL C 124 -13.25 -16.88 2.47
CA VAL C 124 -12.54 -16.13 1.44
C VAL C 124 -13.53 -15.37 0.58
N PRO C 125 -13.09 -14.28 -0.05
CA PRO C 125 -13.98 -13.59 -1.00
C PRO C 125 -14.19 -14.48 -2.23
N VAL C 126 -15.29 -14.28 -2.96
CA VAL C 126 -15.58 -15.14 -4.12
C VAL C 126 -14.47 -15.04 -5.18
N TRP C 127 -13.87 -13.86 -5.36
CA TRP C 127 -12.76 -13.77 -6.33
C TRP C 127 -11.56 -14.70 -6.02
N ALA C 128 -11.38 -15.07 -4.77
CA ALA C 128 -10.35 -16.04 -4.40
C ALA C 128 -10.67 -17.43 -4.92
N LEU C 129 -11.93 -17.67 -5.31
CA LEU C 129 -12.32 -18.95 -5.93
C LEU C 129 -12.27 -18.96 -7.46
N LEU C 130 -12.00 -17.80 -8.04
CA LEU C 130 -12.00 -17.57 -9.50
C LEU C 130 -10.61 -17.27 -10.08
N GLY C 131 -9.56 -17.57 -9.31
CA GLY C 131 -8.17 -17.31 -9.77
C GLY C 131 -7.37 -16.29 -8.98
N GLY C 132 -7.98 -15.70 -7.97
CA GLY C 132 -7.34 -14.59 -7.21
C GLY C 132 -7.65 -13.31 -7.93
N ARG C 133 -7.00 -12.21 -7.55
CA ARG C 133 -7.44 -10.87 -7.92
C ARG C 133 -6.42 -10.21 -8.82
N CYS C 134 -6.89 -9.48 -9.83
CA CYS C 134 -6.01 -8.63 -10.63
C CYS C 134 -6.31 -7.14 -10.50
N ARG C 135 -7.47 -6.81 -9.93
CA ARG C 135 -7.87 -5.42 -9.69
C ARG C 135 -8.84 -5.34 -8.49
N ASP C 136 -8.76 -4.27 -7.71
CA ASP C 136 -9.67 -4.12 -6.56
C ASP C 136 -10.74 -3.06 -6.81
N ARG C 137 -10.63 -2.38 -7.94
CA ARG C 137 -11.55 -1.33 -8.35
C ARG C 137 -11.92 -1.52 -9.83
N ILE C 138 -13.18 -1.31 -10.19
CA ILE C 138 -13.61 -1.39 -11.60
C ILE C 138 -14.28 -0.13 -12.03
N PRO C 139 -13.82 0.50 -13.12
CA PRO C 139 -14.47 1.73 -13.61
C PRO C 139 -15.95 1.48 -13.94
N LEU C 140 -16.81 2.41 -13.51
CA LEU C 140 -18.27 2.29 -13.67
C LEU C 140 -18.81 3.15 -14.79
N SER C 141 -19.79 2.58 -15.51
CA SER C 141 -20.51 3.26 -16.55
C SER C 141 -21.95 3.30 -16.13
N CYS C 142 -22.59 4.44 -16.34
CA CYS C 142 -24.03 4.55 -16.16
C CYS C 142 -24.74 4.74 -17.51
N SER C 143 -25.92 4.14 -17.68
CA SER C 143 -26.63 4.27 -18.96
C SER C 143 -27.48 5.55 -19.03
N ILE C 144 -27.56 6.11 -20.23
CA ILE C 144 -28.26 7.35 -20.52
C ILE C 144 -29.35 6.97 -21.54
N ALA C 145 -30.58 6.79 -21.03
CA ALA C 145 -31.67 6.14 -21.76
C ALA C 145 -33.04 6.80 -21.56
N ASP C 146 -33.09 8.04 -21.11
CA ASP C 146 -34.40 8.66 -20.84
C ASP C 146 -34.94 9.27 -22.12
N PRO C 147 -36.21 8.98 -22.44
CA PRO C 147 -36.86 9.71 -23.56
C PRO C 147 -36.89 11.23 -23.33
N ASP C 148 -37.01 11.64 -22.08
CA ASP C 148 -36.79 13.05 -21.70
C ASP C 148 -35.29 13.31 -21.45
N PHE C 149 -34.64 13.89 -22.43
CA PHE C 149 -33.22 14.10 -22.35
C PHE C 149 -32.84 15.12 -21.27
N ASP C 150 -33.71 16.09 -20.98
CA ASP C 150 -33.41 17.08 -19.93
C ASP C 150 -33.19 16.40 -18.59
N LYS C 151 -34.02 15.43 -18.24
CA LYS C 151 -33.78 14.60 -17.04
C LYS C 151 -32.37 13.96 -17.03
N ASP C 152 -31.94 13.45 -18.19
CA ASP C 152 -30.65 12.79 -18.29
C ASP C 152 -29.54 13.81 -18.17
N LEU C 153 -29.78 15.01 -18.68
CA LEU C 153 -28.83 16.11 -18.47
C LEU C 153 -28.67 16.46 -16.97
N ALA C 154 -29.75 16.32 -16.19
CA ALA C 154 -29.67 16.43 -14.72
C ALA C 154 -28.86 15.26 -14.15
N LEU C 155 -29.18 14.04 -14.61
CA LEU C 155 -28.46 12.84 -14.18
C LEU C 155 -26.97 13.00 -14.42
N MET C 156 -26.58 13.56 -15.57
CA MET C 156 -25.18 13.73 -15.88
C MET C 156 -24.44 14.56 -14.84
N GLN C 157 -25.04 15.68 -14.39
CA GLN C 157 -24.39 16.51 -13.37
C GLN C 157 -24.11 15.70 -12.11
N ARG C 158 -25.08 14.88 -11.69
CA ARG C 158 -24.88 14.00 -10.55
C ARG C 158 -23.74 12.99 -10.79
N LEU C 159 -23.68 12.43 -12.00
CA LEU C 159 -22.63 11.47 -12.35
C LEU C 159 -21.29 12.19 -12.27
N GLN C 160 -21.22 13.35 -12.87
CA GLN C 160 -20.00 14.13 -12.81
C GLN C 160 -19.60 14.51 -11.36
N ASP C 161 -20.57 14.91 -10.54
CA ASP C 161 -20.27 15.15 -9.12
C ASP C 161 -19.82 13.85 -8.42
N ASP C 162 -20.36 12.69 -8.85
CA ASP C 162 -20.02 11.40 -8.23
C ASP C 162 -18.69 10.81 -8.74
N ASP C 163 -18.02 11.53 -9.65
CA ASP C 163 -16.73 11.12 -10.23
C ASP C 163 -16.84 9.92 -11.24
N VAL C 164 -18.07 9.55 -11.58
CA VAL C 164 -18.33 8.65 -12.70
C VAL C 164 -17.89 9.37 -13.98
N ARG C 165 -17.12 8.67 -14.83
CA ARG C 165 -16.56 9.22 -16.05
C ARG C 165 -16.80 8.35 -17.32
N ILE C 166 -17.70 7.38 -17.21
CA ILE C 166 -18.16 6.60 -18.36
C ILE C 166 -19.69 6.58 -18.41
N ILE C 167 -20.23 6.80 -19.60
CA ILE C 167 -21.62 6.56 -19.86
C ILE C 167 -21.81 5.70 -21.12
N LYS C 168 -22.96 5.04 -21.17
CA LYS C 168 -23.43 4.31 -22.34
C LYS C 168 -24.77 4.88 -22.76
N LEU C 169 -24.77 5.57 -23.89
CA LEU C 169 -25.98 6.13 -24.48
C LEU C 169 -26.83 5.04 -25.12
N LYS C 170 -28.08 4.84 -24.67
CA LYS C 170 -29.00 3.89 -25.33
C LYS C 170 -29.60 4.59 -26.52
N THR C 171 -29.41 4.02 -27.71
CA THR C 171 -29.79 4.63 -28.98
C THR C 171 -30.84 3.81 -29.74
N GLY C 172 -31.46 4.45 -30.74
CA GLY C 172 -32.41 3.79 -31.62
C GLY C 172 -33.77 3.44 -31.06
N PHE C 173 -34.19 4.09 -29.97
CA PHE C 173 -35.53 3.85 -29.44
C PHE C 173 -36.49 4.99 -29.78
N LYS C 174 -35.97 6.16 -30.20
CA LYS C 174 -36.80 7.31 -30.60
C LYS C 174 -36.71 7.55 -32.11
N ASP C 175 -35.78 8.41 -32.51
CA ASP C 175 -35.40 8.48 -33.91
C ASP C 175 -33.93 8.85 -34.00
N HIS C 176 -33.40 8.81 -35.22
CA HIS C 176 -31.98 8.97 -35.41
C HIS C 176 -31.55 10.39 -35.00
N ALA C 177 -32.38 11.39 -35.31
CA ALA C 177 -32.06 12.76 -34.89
C ALA C 177 -31.91 12.90 -33.37
N PHE C 178 -32.76 12.23 -32.61
CA PHE C 178 -32.63 12.20 -31.14
C PHE C 178 -31.29 11.63 -30.68
N ASP C 179 -30.79 10.61 -31.38
CA ASP C 179 -29.49 10.04 -31.01
C ASP C 179 -28.36 11.00 -31.38
N MET C 180 -28.38 11.52 -32.60
CA MET C 180 -27.36 12.45 -33.05
C MET C 180 -27.34 13.75 -32.22
N MET C 181 -28.53 14.24 -31.84
CA MET C 181 -28.68 15.43 -30.97
C MET C 181 -27.96 15.22 -29.65
N ARG C 182 -28.28 14.10 -28.99
CA ARG C 182 -27.72 13.78 -27.66
C ARG C 182 -26.23 13.59 -27.69
N LEU C 183 -25.71 12.92 -28.70
CA LEU C 183 -24.27 12.74 -28.81
C LEU C 183 -23.51 14.08 -28.89
N GLU C 184 -23.98 14.98 -29.75
CA GLU C 184 -23.35 16.31 -29.95
C GLU C 184 -23.35 17.10 -28.65
N ARG C 185 -24.50 17.10 -28.00
CA ARG C 185 -24.67 17.81 -26.72
C ARG C 185 -23.73 17.24 -25.65
N LEU C 186 -23.64 15.92 -25.56
CA LEU C 186 -22.81 15.31 -24.50
C LEU C 186 -21.30 15.52 -24.71
N ARG C 187 -20.87 15.46 -25.97
CA ARG C 187 -19.49 15.76 -26.34
C ARG C 187 -19.16 17.23 -26.09
N ALA C 188 -20.16 18.10 -26.28
CA ALA C 188 -20.03 19.56 -26.03
C ALA C 188 -19.91 19.88 -24.55
N ASP C 189 -20.89 19.43 -23.79
CA ASP C 189 -21.08 19.84 -22.40
C ASP C 189 -20.38 18.94 -21.37
N PHE C 190 -20.03 17.71 -21.76
CA PHE C 190 -19.38 16.78 -20.84
C PHE C 190 -18.23 16.05 -21.53
N PRO C 191 -17.21 16.82 -21.99
CA PRO C 191 -16.13 16.30 -22.83
C PRO C 191 -15.14 15.38 -22.13
N ALA C 192 -15.17 15.34 -20.80
CA ALA C 192 -14.30 14.43 -20.05
C ALA C 192 -14.84 12.98 -19.96
N PHE C 193 -16.06 12.75 -20.44
CA PHE C 193 -16.69 11.42 -20.31
C PHE C 193 -16.27 10.55 -21.49
N ASP C 194 -15.96 9.28 -21.17
CA ASP C 194 -15.80 8.18 -22.12
C ASP C 194 -17.22 7.75 -22.48
N ILE C 195 -17.59 7.96 -23.74
CA ILE C 195 -18.93 7.68 -24.22
C ILE C 195 -18.98 6.41 -25.12
N ARG C 196 -19.90 5.51 -24.78
CA ARG C 196 -20.21 4.32 -25.56
C ARG C 196 -21.65 4.43 -26.01
N VAL C 197 -22.01 3.61 -27.01
CA VAL C 197 -23.35 3.62 -27.59
C VAL C 197 -23.88 2.19 -27.57
N ASP C 198 -25.15 2.02 -27.23
CA ASP C 198 -25.79 0.71 -27.24
C ASP C 198 -27.18 0.75 -27.89
N TYR C 199 -27.31 0.00 -28.99
CA TYR C 199 -28.57 -0.03 -29.74
C TYR C 199 -29.53 -1.12 -29.27
N ASN C 200 -29.05 -2.06 -28.48
CA ASN C 200 -29.92 -3.14 -28.00
C ASN C 200 -30.70 -3.82 -29.13
N GLN C 201 -30.03 -4.11 -30.24
CA GLN C 201 -30.67 -4.81 -31.37
C GLN C 201 -31.69 -3.95 -32.10
N GLY C 202 -31.64 -2.64 -31.90
CA GLY C 202 -32.74 -1.76 -32.32
C GLY C 202 -32.74 -1.22 -33.74
N LEU C 203 -31.68 -1.45 -34.52
CA LEU C 203 -31.65 -0.97 -35.90
C LEU C 203 -32.11 -2.03 -36.87
N HIS C 204 -33.13 -1.70 -37.66
CA HIS C 204 -33.56 -2.56 -38.75
C HIS C 204 -32.47 -2.64 -39.80
N HIS C 205 -32.32 -3.83 -40.42
CA HIS C 205 -31.24 -4.03 -41.39
C HIS C 205 -31.29 -3.04 -42.55
N ASP C 206 -32.49 -2.54 -42.86
CA ASP C 206 -32.65 -1.56 -43.95
C ASP C 206 -31.75 -0.35 -43.75
N VAL C 207 -31.55 0.04 -42.50
CA VAL C 207 -30.87 1.31 -42.17
C VAL C 207 -29.63 1.21 -41.29
N ALA C 208 -29.33 0.01 -40.79
CA ALA C 208 -28.35 -0.15 -39.71
C ALA C 208 -26.96 0.39 -40.04
N LEU C 209 -26.42 0.04 -41.20
CA LEU C 209 -25.09 0.53 -41.58
C LEU C 209 -24.98 2.07 -41.61
N ALA C 210 -25.95 2.69 -42.26
CA ALA C 210 -26.01 4.16 -42.40
C ALA C 210 -25.99 4.84 -41.02
N ARG C 211 -26.79 4.32 -40.11
CA ARG C 211 -26.94 4.94 -38.82
C ARG C 211 -25.74 4.71 -37.94
N VAL C 212 -25.18 3.51 -38.00
CA VAL C 212 -23.92 3.21 -37.32
C VAL C 212 -22.79 4.11 -37.82
N ARG C 213 -22.69 4.30 -39.12
CA ARG C 213 -21.69 5.20 -39.69
CA ARG C 213 -21.67 5.18 -39.67
C ARG C 213 -21.86 6.64 -39.19
N ASP C 214 -23.11 7.10 -39.13
CA ASP C 214 -23.42 8.43 -38.61
C ASP C 214 -22.97 8.56 -37.15
N VAL C 215 -23.39 7.65 -36.27
CA VAL C 215 -23.00 7.80 -34.86
C VAL C 215 -21.49 7.61 -34.66
N ALA C 216 -20.82 6.88 -35.57
CA ALA C 216 -19.39 6.67 -35.45
C ALA C 216 -18.62 7.99 -35.58
N THR C 217 -19.21 9.01 -36.20
CA THR C 217 -18.53 10.31 -36.34
C THR C 217 -18.23 10.96 -34.97
N PHE C 218 -18.90 10.51 -33.90
CA PHE C 218 -18.68 11.04 -32.54
C PHE C 218 -17.65 10.23 -31.78
N LYS C 219 -16.99 9.33 -32.52
CA LYS C 219 -16.05 8.34 -31.99
C LYS C 219 -16.42 7.78 -30.62
N PRO C 220 -17.62 7.22 -30.49
CA PRO C 220 -17.84 6.50 -29.28
C PRO C 220 -16.76 5.42 -29.16
N THR C 221 -16.49 5.01 -27.91
CA THR C 221 -15.46 4.01 -27.61
C THR C 221 -15.84 2.64 -28.25
N PHE C 222 -17.11 2.29 -28.17
CA PHE C 222 -17.68 1.23 -28.99
C PHE C 222 -19.12 1.52 -29.29
N ILE C 223 -19.61 0.83 -30.31
CA ILE C 223 -21.01 0.79 -30.68
C ILE C 223 -21.44 -0.65 -30.46
N GLU C 224 -22.40 -0.85 -29.57
CA GLU C 224 -22.87 -2.19 -29.18
C GLU C 224 -24.15 -2.71 -29.91
N GLN C 225 -24.10 -3.96 -30.38
CA GLN C 225 -25.26 -4.67 -30.96
C GLN C 225 -26.28 -3.81 -31.73
N PRO C 226 -25.91 -3.30 -32.92
CA PRO C 226 -26.85 -2.51 -33.72
C PRO C 226 -28.06 -3.29 -34.26
N VAL C 227 -27.88 -4.58 -34.56
CA VAL C 227 -28.91 -5.38 -35.24
C VAL C 227 -29.32 -6.58 -34.40
N LYS C 228 -30.36 -7.30 -34.84
CA LYS C 228 -30.87 -8.44 -34.10
C LYS C 228 -29.76 -9.45 -33.88
N ALA C 229 -29.83 -10.14 -32.76
CA ALA C 229 -28.81 -11.12 -32.36
C ALA C 229 -28.44 -12.17 -33.42
N HIS C 230 -29.43 -12.62 -34.18
CA HIS C 230 -29.20 -13.68 -35.16
C HIS C 230 -28.55 -13.19 -36.47
N LEU C 231 -28.46 -11.88 -36.65
CA LEU C 231 -27.93 -11.31 -37.90
C LEU C 231 -26.43 -11.15 -37.79
N ARG C 232 -25.75 -12.26 -37.52
CA ARG C 232 -24.34 -12.23 -37.23
C ARG C 232 -23.51 -11.98 -38.45
N GLY C 233 -23.95 -12.44 -39.63
CA GLY C 233 -23.25 -12.10 -40.88
C GLY C 233 -23.27 -10.58 -41.11
N LEU C 234 -24.42 -9.96 -40.87
CA LEU C 234 -24.49 -8.51 -40.98
C LEU C 234 -23.65 -7.78 -39.93
N MET C 235 -23.64 -8.27 -38.68
CA MET C 235 -22.72 -7.76 -37.66
C MET C 235 -21.27 -7.76 -38.21
N ALA C 236 -20.86 -8.89 -38.81
CA ALA C 236 -19.53 -8.98 -39.36
C ALA C 236 -19.27 -7.95 -40.45
N ARG C 237 -20.24 -7.70 -41.32
CA ARG C 237 -20.11 -6.65 -42.33
C ARG C 237 -19.96 -5.24 -41.72
N ILE C 238 -20.74 -4.97 -40.67
CA ILE C 238 -20.70 -3.66 -40.00
C ILE C 238 -19.34 -3.52 -39.32
N ARG C 239 -18.85 -4.62 -38.75
CA ARG C 239 -17.53 -4.64 -38.12
C ARG C 239 -16.46 -4.16 -39.08
N ASP C 240 -16.52 -4.70 -40.29
CA ASP C 240 -15.50 -4.43 -41.28
C ASP C 240 -15.72 -3.11 -42.01
N ALA C 241 -16.87 -2.47 -41.87
CA ALA C 241 -17.18 -1.25 -42.63
C ALA C 241 -16.83 0.04 -41.88
N VAL C 242 -16.79 -0.03 -40.55
CA VAL C 242 -16.67 1.15 -39.71
C VAL C 242 -15.43 1.03 -38.81
N ASP C 243 -14.68 2.13 -38.66
CA ASP C 243 -13.48 2.13 -37.81
C ASP C 243 -13.74 2.01 -36.32
N VAL C 244 -14.85 2.56 -35.83
CA VAL C 244 -15.21 2.49 -34.42
C VAL C 244 -15.47 1.00 -34.02
N PRO C 245 -14.92 0.52 -32.88
CA PRO C 245 -15.13 -0.86 -32.43
C PRO C 245 -16.62 -1.20 -32.34
N LEU C 246 -16.97 -2.38 -32.84
CA LEU C 246 -18.29 -2.95 -32.73
C LEU C 246 -18.32 -3.98 -31.58
N LEU C 247 -19.29 -3.87 -30.68
CA LEU C 247 -19.36 -4.77 -29.54
C LEU C 247 -20.55 -5.69 -29.73
N ALA C 248 -20.34 -7.00 -29.56
CA ALA C 248 -21.46 -7.95 -29.58
C ALA C 248 -22.00 -8.09 -28.16
N ASP C 249 -23.32 -8.14 -28.04
CA ASP C 249 -23.98 -8.46 -26.79
C ASP C 249 -24.87 -9.68 -26.97
N GLU C 250 -26.11 -9.47 -27.39
CA GLU C 250 -27.07 -10.54 -27.53
C GLU C 250 -26.62 -11.58 -28.57
N SER C 251 -25.76 -11.20 -29.49
CA SER C 251 -25.23 -12.19 -30.47
C SER C 251 -24.31 -13.29 -29.86
N ILE C 252 -23.75 -13.05 -28.68
CA ILE C 252 -22.83 -13.99 -28.03
CA ILE C 252 -22.85 -14.01 -28.03
C ILE C 252 -23.21 -14.17 -26.55
N PHE C 253 -23.68 -15.36 -26.20
CA PHE C 253 -24.03 -15.65 -24.80
C PHE C 253 -22.89 -16.29 -24.03
N GLY C 254 -22.43 -17.46 -24.48
CA GLY C 254 -21.41 -18.22 -23.75
C GLY C 254 -20.25 -18.64 -24.62
N PRO C 255 -19.38 -19.52 -24.10
CA PRO C 255 -18.20 -19.97 -24.85
C PRO C 255 -18.51 -20.64 -26.17
N GLU C 256 -19.67 -21.31 -26.26
CA GLU C 256 -20.03 -22.00 -27.51
C GLU C 256 -20.32 -20.98 -28.61
N ASP C 257 -21.09 -19.95 -28.30
CA ASP C 257 -21.30 -18.84 -29.25
C ASP C 257 -19.99 -18.15 -29.62
N MET C 258 -19.13 -17.91 -28.64
CA MET C 258 -17.86 -17.27 -28.92
C MET C 258 -17.03 -18.14 -29.90
N ALA C 259 -17.02 -19.45 -29.65
CA ALA C 259 -16.32 -20.42 -30.50
C ALA C 259 -16.89 -20.48 -31.90
N GLU C 260 -18.22 -20.43 -32.02
CA GLU C 260 -18.88 -20.42 -33.31
C GLU C 260 -18.79 -19.15 -34.16
N HIS C 261 -18.73 -17.98 -33.51
CA HIS C 261 -18.80 -16.68 -34.17
C HIS C 261 -17.61 -15.77 -33.81
N PRO C 262 -16.41 -16.21 -34.20
CA PRO C 262 -15.17 -15.59 -33.76
C PRO C 262 -14.88 -14.19 -34.34
N GLU C 263 -15.48 -13.85 -35.47
CA GLU C 263 -15.13 -12.65 -36.21
C GLU C 263 -16.31 -11.69 -36.41
N ILE C 264 -17.39 -11.86 -35.67
CA ILE C 264 -18.56 -10.97 -35.88
C ILE C 264 -18.42 -9.56 -35.26
N ALA C 265 -17.42 -9.36 -34.40
CA ALA C 265 -17.26 -8.06 -33.73
C ALA C 265 -15.83 -7.83 -33.26
N ASP C 266 -15.55 -6.61 -32.82
CA ASP C 266 -14.25 -6.24 -32.25
C ASP C 266 -14.18 -6.55 -30.75
N GLY C 267 -15.30 -6.87 -30.14
CA GLY C 267 -15.32 -7.20 -28.72
C GLY C 267 -16.69 -7.69 -28.31
N VAL C 268 -16.78 -8.11 -27.04
CA VAL C 268 -17.94 -8.72 -26.49
C VAL C 268 -18.29 -8.15 -25.10
N SER C 269 -19.59 -8.02 -24.89
CA SER C 269 -20.14 -7.73 -23.59
C SER C 269 -20.27 -9.06 -22.84
N ILE C 270 -19.59 -9.12 -21.71
CA ILE C 270 -19.56 -10.28 -20.86
C ILE C 270 -20.60 -10.07 -19.78
N LYS C 271 -21.59 -10.96 -19.71
CA LYS C 271 -22.66 -10.92 -18.70
C LYS C 271 -22.87 -12.28 -18.09
N ILE C 272 -22.85 -12.37 -16.76
CA ILE C 272 -23.04 -13.69 -16.12
C ILE C 272 -24.42 -14.24 -16.44
N MET C 273 -25.39 -13.37 -16.73
CA MET C 273 -26.76 -13.83 -16.99
C MET C 273 -26.89 -14.45 -18.40
N LYS C 274 -25.98 -14.11 -19.31
CA LYS C 274 -25.89 -14.75 -20.65
C LYS C 274 -25.01 -16.02 -20.58
N SER C 275 -23.89 -15.93 -19.88
CA SER C 275 -22.94 -17.05 -19.82
C SER C 275 -23.37 -18.19 -18.92
N GLY C 276 -24.36 -17.96 -18.07
CA GLY C 276 -24.85 -19.01 -17.24
C GLY C 276 -23.94 -19.21 -16.05
N GLY C 277 -23.18 -18.18 -15.71
CA GLY C 277 -22.33 -18.27 -14.56
C GLY C 277 -21.04 -17.49 -14.61
N LEU C 278 -20.33 -17.54 -13.47
CA LEU C 278 -19.09 -16.76 -13.30
CA LEU C 278 -19.11 -16.74 -13.33
C LEU C 278 -17.95 -17.38 -14.12
N THR C 279 -17.73 -18.67 -13.95
CA THR C 279 -16.66 -19.37 -14.67
C THR C 279 -16.77 -19.20 -16.19
N ARG C 280 -17.98 -19.41 -16.70
CA ARG C 280 -18.20 -19.33 -18.13
C ARG C 280 -18.01 -17.92 -18.66
N ALA C 281 -18.35 -16.93 -17.86
CA ALA C 281 -18.11 -15.56 -18.27
C ALA C 281 -16.61 -15.31 -18.41
N GLN C 282 -15.81 -15.83 -17.48
CA GLN C 282 -14.32 -15.74 -17.60
C GLN C 282 -13.81 -16.36 -18.89
N THR C 283 -14.33 -17.56 -19.18
CA THR C 283 -13.96 -18.27 -20.41
C THR C 283 -14.27 -17.46 -21.68
N VAL C 284 -15.45 -16.84 -21.78
CA VAL C 284 -15.74 -15.95 -22.91
C VAL C 284 -14.70 -14.84 -23.01
N ALA C 285 -14.39 -14.18 -21.90
CA ALA C 285 -13.41 -13.09 -21.95
C ALA C 285 -12.03 -13.56 -22.41
N ARG C 286 -11.62 -14.73 -21.93
CA ARG C 286 -10.34 -15.29 -22.26
C ARG C 286 -10.30 -15.68 -23.72
N MET C 287 -11.41 -16.23 -24.23
CA MET C 287 -11.47 -16.64 -25.62
C MET C 287 -11.38 -15.38 -26.50
N ALA C 288 -12.06 -14.33 -26.09
CA ALA C 288 -12.00 -13.07 -26.82
C ALA C 288 -10.57 -12.54 -26.83
N ALA C 289 -9.97 -12.46 -25.67
CA ALA C 289 -8.65 -11.86 -25.56
C ALA C 289 -7.59 -12.61 -26.36
N ALA C 290 -7.76 -13.91 -26.48
CA ALA C 290 -6.75 -14.76 -27.14
C ALA C 290 -6.54 -14.37 -28.60
N ARG C 291 -7.56 -13.75 -29.21
CA ARG C 291 -7.48 -13.26 -30.59
C ARG C 291 -7.51 -11.77 -30.75
N GLY C 292 -7.46 -11.07 -29.63
CA GLY C 292 -7.41 -9.60 -29.68
C GLY C 292 -8.75 -8.94 -29.80
N LEU C 293 -9.80 -9.56 -29.31
CA LEU C 293 -11.11 -8.95 -29.22
C LEU C 293 -11.27 -8.42 -27.78
N SER C 294 -11.94 -7.30 -27.62
CA SER C 294 -12.10 -6.70 -26.28
C SER C 294 -13.19 -7.35 -25.48
N ALA C 295 -13.14 -7.11 -24.18
CA ALA C 295 -14.17 -7.61 -23.32
C ALA C 295 -14.62 -6.51 -22.34
N TYR C 296 -15.93 -6.41 -22.15
CA TYR C 296 -16.57 -5.36 -21.34
C TYR C 296 -17.50 -5.98 -20.34
N GLY C 297 -17.58 -5.41 -19.14
CA GLY C 297 -18.42 -5.94 -18.10
C GLY C 297 -19.85 -5.44 -18.19
N GLY C 298 -20.66 -6.12 -18.99
CA GLY C 298 -22.06 -5.77 -19.17
C GLY C 298 -22.92 -6.23 -18.02
N ASP C 299 -24.20 -5.81 -18.04
CA ASP C 299 -25.16 -6.43 -17.13
C ASP C 299 -26.60 -6.30 -17.63
N MET C 300 -27.52 -6.89 -16.90
CA MET C 300 -28.93 -6.86 -17.23
C MET C 300 -29.54 -5.88 -16.19
N PHE C 301 -30.87 -5.87 -16.05
CA PHE C 301 -31.56 -5.07 -15.02
C PHE C 301 -31.50 -5.82 -13.72
N GLU C 302 -30.35 -5.68 -13.07
CA GLU C 302 -29.97 -6.49 -11.93
C GLU C 302 -30.00 -5.64 -10.68
N ALA C 303 -30.02 -6.33 -9.55
CA ALA C 303 -29.90 -5.76 -8.23
C ALA C 303 -28.48 -5.99 -7.74
N GLY C 304 -28.24 -5.68 -6.48
CA GLY C 304 -26.87 -5.60 -5.99
C GLY C 304 -26.20 -6.93 -5.81
N LEU C 305 -26.99 -7.98 -5.59
CA LEU C 305 -26.46 -9.31 -5.44
C LEU C 305 -25.78 -9.73 -6.79
N ALA C 306 -26.54 -9.61 -7.88
CA ALA C 306 -26.00 -9.84 -9.23
C ALA C 306 -24.76 -8.98 -9.50
N HIS C 307 -24.82 -7.69 -9.12
CA HIS C 307 -23.69 -6.79 -9.30
C HIS C 307 -22.44 -7.34 -8.61
N LEU C 308 -22.58 -7.79 -7.36
CA LEU C 308 -21.46 -8.31 -6.64
C LEU C 308 -20.87 -9.56 -7.31
N ALA C 309 -21.71 -10.52 -7.71
CA ALA C 309 -21.22 -11.67 -8.50
C ALA C 309 -20.40 -11.24 -9.73
N GLY C 310 -20.90 -10.28 -10.47
CA GLY C 310 -20.20 -9.81 -11.66
C GLY C 310 -18.92 -9.08 -11.30
N ALA C 311 -18.94 -8.39 -10.16
CA ALA C 311 -17.80 -7.62 -9.70
C ALA C 311 -16.65 -8.54 -9.31
N HIS C 312 -16.94 -9.64 -8.61
CA HIS C 312 -15.93 -10.62 -8.24
C HIS C 312 -15.35 -11.33 -9.47
N MET C 313 -16.25 -11.69 -10.38
CA MET C 313 -15.79 -12.19 -11.69
C MET C 313 -14.78 -11.24 -12.39
N ILE C 314 -15.13 -9.96 -12.55
CA ILE C 314 -14.25 -9.00 -13.21
C ILE C 314 -12.95 -8.81 -12.44
N ALA C 315 -13.02 -8.90 -11.11
CA ALA C 315 -11.85 -8.73 -10.25
C ALA C 315 -10.79 -9.79 -10.53
N ALA C 316 -11.26 -10.98 -10.92
CA ALA C 316 -10.38 -12.12 -11.19
C ALA C 316 -10.09 -12.31 -12.68
N THR C 317 -10.52 -11.39 -13.52
CA THR C 317 -10.42 -11.58 -15.00
C THR C 317 -9.77 -10.38 -15.65
N PRO C 318 -8.44 -10.44 -15.83
CA PRO C 318 -7.62 -9.37 -16.38
C PRO C 318 -8.07 -8.91 -17.76
N GLU C 319 -8.64 -9.85 -18.51
CA GLU C 319 -9.08 -9.60 -19.87
C GLU C 319 -10.22 -8.59 -20.01
N ILE C 320 -11.00 -8.42 -18.95
CA ILE C 320 -12.09 -7.46 -18.99
C ILE C 320 -11.53 -6.09 -18.61
N THR C 321 -11.20 -5.29 -19.62
CA THR C 321 -10.52 -4.03 -19.45
C THR C 321 -11.40 -2.80 -19.71
N LEU C 322 -12.63 -2.98 -20.20
CA LEU C 322 -13.44 -1.82 -20.63
C LEU C 322 -14.41 -1.24 -19.58
N GLY C 323 -14.23 -1.62 -18.32
CA GLY C 323 -15.10 -1.22 -17.25
C GLY C 323 -16.29 -2.12 -17.08
N CYS C 324 -17.23 -1.65 -16.25
CA CYS C 324 -18.46 -2.36 -15.98
C CYS C 324 -19.65 -1.42 -15.89
N GLU C 325 -20.85 -1.97 -16.02
CA GLU C 325 -22.07 -1.14 -15.94
C GLU C 325 -22.97 -1.54 -14.78
N PHE C 326 -22.35 -1.81 -13.63
CA PHE C 326 -23.08 -2.17 -12.43
C PHE C 326 -23.63 -0.92 -11.71
N TYR C 327 -24.48 -0.17 -12.41
CA TYR C 327 -24.97 1.14 -11.99
C TYR C 327 -26.38 1.10 -11.41
N GLN C 328 -27.13 -0.02 -11.59
CA GLN C 328 -28.58 -0.03 -11.29
C GLN C 328 -28.86 0.04 -9.78
N ALA C 329 -28.05 -0.64 -8.97
CA ALA C 329 -28.27 -0.66 -7.52
C ALA C 329 -28.03 0.75 -6.90
N THR C 330 -27.29 1.61 -7.61
CA THR C 330 -26.92 2.91 -7.11
C THR C 330 -27.86 3.96 -7.65
N TYR C 331 -28.18 3.92 -8.95
CA TYR C 331 -28.90 5.00 -9.59
C TYR C 331 -30.28 4.68 -10.14
N PHE C 332 -30.78 3.45 -9.97
CA PHE C 332 -31.98 3.05 -10.71
C PHE C 332 -33.03 2.36 -9.81
N LEU C 333 -32.59 1.44 -8.95
CA LEU C 333 -33.49 0.80 -8.00
C LEU C 333 -33.83 1.77 -6.88
N CYS C 334 -35.10 1.78 -6.46
CA CYS C 334 -35.50 2.58 -5.29
C CYS C 334 -34.78 2.03 -4.08
N ASP C 335 -34.88 0.73 -3.90
CA ASP C 335 -34.25 0.02 -2.81
C ASP C 335 -33.62 -1.29 -3.32
N ASP C 336 -32.44 -1.62 -2.78
CA ASP C 336 -31.71 -2.84 -3.13
C ASP C 336 -32.06 -3.96 -2.12
N ILE C 337 -31.47 -5.12 -2.33
CA ILE C 337 -31.70 -6.27 -1.48
C ILE C 337 -30.48 -6.67 -0.65
N LEU C 338 -29.46 -5.83 -0.65
CA LEU C 338 -28.29 -5.99 0.21
C LEU C 338 -28.51 -5.24 1.55
N ALA C 339 -27.86 -5.70 2.60
CA ALA C 339 -27.99 -5.14 3.98
C ALA C 339 -27.20 -3.83 4.15
N ALA C 340 -26.30 -3.57 3.22
CA ALA C 340 -25.54 -2.33 3.18
C ALA C 340 -25.40 -1.99 1.71
N PRO C 341 -25.03 -0.74 1.38
CA PRO C 341 -24.99 -0.34 -0.02
C PRO C 341 -23.99 -1.10 -0.88
N PHE C 342 -24.40 -1.37 -2.11
CA PHE C 342 -23.47 -1.89 -3.09
C PHE C 342 -22.30 -0.92 -3.18
N PRO C 343 -21.05 -1.40 -3.03
CA PRO C 343 -19.93 -0.46 -2.84
C PRO C 343 -19.38 0.24 -4.07
N VAL C 344 -19.67 1.54 -4.13
CA VAL C 344 -19.17 2.41 -5.19
CA VAL C 344 -19.16 2.41 -5.19
C VAL C 344 -18.62 3.70 -4.56
N ALA C 345 -17.52 4.20 -5.10
CA ALA C 345 -16.90 5.45 -4.67
C ALA C 345 -15.94 5.92 -5.76
N ASP C 346 -15.95 7.23 -6.03
CA ASP C 346 -15.01 7.80 -6.99
C ASP C 346 -15.15 7.19 -8.39
N GLY C 347 -16.40 6.90 -8.76
CA GLY C 347 -16.71 6.41 -10.08
C GLY C 347 -16.19 5.02 -10.38
N HIS C 348 -15.96 4.23 -9.33
CA HIS C 348 -15.47 2.86 -9.47
C HIS C 348 -16.30 1.99 -8.56
N VAL C 349 -16.48 0.74 -8.98
CA VAL C 349 -16.96 -0.30 -8.09
C VAL C 349 -15.77 -0.68 -7.26
N LEU C 350 -16.01 -0.88 -5.96
CA LEU C 350 -14.95 -1.28 -5.04
C LEU C 350 -15.17 -2.72 -4.70
N VAL C 351 -14.26 -3.57 -5.16
CA VAL C 351 -14.38 -5.00 -4.97
C VAL C 351 -14.08 -5.39 -3.51
N PRO C 352 -15.02 -6.01 -2.82
CA PRO C 352 -14.78 -6.38 -1.41
C PRO C 352 -13.71 -7.43 -1.23
N ASP C 353 -13.09 -7.48 -0.04
CA ASP C 353 -12.13 -8.54 0.23
C ASP C 353 -12.51 -9.41 1.44
N THR C 354 -13.74 -9.23 1.90
CA THR C 354 -14.28 -10.00 3.01
C THR C 354 -14.93 -11.26 2.44
N PRO C 355 -15.40 -12.16 3.31
CA PRO C 355 -15.82 -13.46 2.78
C PRO C 355 -17.09 -13.48 1.89
N GLY C 356 -17.17 -14.48 1.02
CA GLY C 356 -18.29 -14.56 0.08
C GLY C 356 -18.32 -13.39 -0.88
N LEU C 357 -19.52 -13.01 -1.32
CA LEU C 357 -19.73 -11.88 -2.18
C LEU C 357 -19.42 -10.56 -1.50
N GLY C 358 -19.39 -10.56 -0.17
CA GLY C 358 -18.79 -9.45 0.58
C GLY C 358 -19.74 -8.45 1.20
N VAL C 359 -21.01 -8.47 0.78
CA VAL C 359 -22.07 -7.73 1.46
C VAL C 359 -23.20 -8.72 1.72
N ASP C 360 -23.79 -8.61 2.91
CA ASP C 360 -24.89 -9.46 3.34
C ASP C 360 -26.14 -9.19 2.52
N VAL C 361 -26.83 -10.28 2.19
CA VAL C 361 -28.14 -10.22 1.62
C VAL C 361 -29.11 -10.04 2.80
N ASP C 362 -30.04 -9.11 2.63
CA ASP C 362 -31.02 -8.77 3.66
C ASP C 362 -32.29 -9.56 3.41
N GLU C 363 -32.50 -10.61 4.19
CA GLU C 363 -33.68 -11.44 4.03
C GLU C 363 -35.01 -10.71 4.30
N ASP C 364 -34.98 -9.62 5.08
CA ASP C 364 -36.17 -8.79 5.26
C ASP C 364 -36.53 -8.04 3.97
N ALA C 365 -35.53 -7.58 3.24
CA ALA C 365 -35.77 -6.95 1.95
C ALA C 365 -36.35 -7.99 0.97
N LEU C 366 -35.92 -9.24 1.09
CA LEU C 366 -36.44 -10.34 0.26
C LEU C 366 -37.93 -10.53 0.52
N ALA C 367 -38.31 -10.67 1.80
CA ALA C 367 -39.72 -10.81 2.18
C ALA C 367 -40.53 -9.60 1.69
N ARG C 368 -40.00 -8.40 1.91
CA ARG C 368 -40.68 -7.17 1.52
C ARG C 368 -41.04 -7.11 0.03
N PHE C 369 -40.10 -7.53 -0.83
CA PHE C 369 -40.30 -7.36 -2.27
C PHE C 369 -40.77 -8.64 -2.97
N ALA C 370 -41.02 -9.71 -2.22
CA ALA C 370 -41.47 -10.95 -2.82
C ALA C 370 -42.86 -10.72 -3.43
N VAL C 371 -43.15 -11.30 -4.60
CA VAL C 371 -44.45 -11.11 -5.27
C VAL C 371 -45.60 -11.87 -4.62
N GLN D 8 -14.39 10.55 35.90
CA GLN D 8 -15.17 10.86 34.64
C GLN D 8 -14.32 10.59 33.39
N ILE D 9 -14.92 10.07 32.31
CA ILE D 9 -14.12 9.93 31.07
C ILE D 9 -14.25 11.14 30.13
N ILE D 10 -13.22 11.38 29.34
CA ILE D 10 -13.23 12.52 28.40
C ILE D 10 -14.03 12.07 27.17
N ALA D 11 -15.17 12.73 26.99
CA ALA D 11 -16.15 12.36 25.95
C ALA D 11 -16.09 13.27 24.72
N GLY D 12 -15.56 14.48 24.86
CA GLY D 12 -15.41 15.41 23.72
C GLY D 12 -14.06 16.13 23.65
N PHE D 13 -13.63 16.42 22.42
CA PHE D 13 -12.34 17.04 22.12
C PHE D 13 -12.56 17.96 20.90
N THR D 14 -12.51 19.27 21.09
CA THR D 14 -12.84 20.21 20.05
C THR D 14 -11.79 21.27 19.90
N LEU D 15 -11.44 21.56 18.65
CA LEU D 15 -10.42 22.54 18.32
C LEU D 15 -11.00 23.71 17.54
N TRP D 16 -10.50 24.91 17.82
CA TRP D 16 -10.62 26.09 16.96
C TRP D 16 -9.24 26.63 16.58
N HIS D 17 -9.00 26.80 15.29
CA HIS D 17 -7.87 27.60 14.80
C HIS D 17 -8.38 29.03 14.69
N LEU D 18 -7.80 29.94 15.48
CA LEU D 18 -8.18 31.36 15.50
C LEU D 18 -7.18 32.33 14.85
N SER D 19 -7.73 33.38 14.26
CA SER D 19 -6.95 34.55 13.86
C SER D 19 -7.51 35.75 14.62
N LEU D 20 -6.68 36.35 15.46
CA LEU D 20 -7.08 37.46 16.31
C LEU D 20 -6.38 38.77 15.90
N PRO D 21 -7.17 39.78 15.44
CA PRO D 21 -6.53 41.04 15.05
C PRO D 21 -5.87 41.74 16.22
N VAL D 22 -4.82 42.49 15.93
CA VAL D 22 -4.07 43.25 16.92
C VAL D 22 -3.91 44.72 16.48
N THR D 23 -3.61 45.61 17.43
CA THR D 23 -3.47 47.05 17.20
C THR D 23 -2.00 47.42 16.95
N GLY D 35 -0.27 41.98 11.80
CA GLY D 35 -1.70 42.40 11.65
C GLY D 35 -2.72 41.55 12.43
N ALA D 36 -2.35 40.30 12.71
CA ALA D 36 -3.18 39.35 13.48
C ALA D 36 -2.29 38.25 14.06
N VAL D 37 -2.71 37.66 15.18
CA VAL D 37 -2.04 36.49 15.72
C VAL D 37 -2.95 35.26 15.73
N GLU D 38 -2.35 34.11 15.41
CA GLU D 38 -3.08 32.85 15.30
C GLU D 38 -2.83 31.99 16.53
N VAL D 39 -3.90 31.43 17.08
CA VAL D 39 -3.78 30.50 18.21
C VAL D 39 -4.69 29.34 17.96
N VAL D 40 -4.57 28.29 18.76
CA VAL D 40 -5.47 27.16 18.70
C VAL D 40 -6.06 27.03 20.09
N VAL D 41 -7.38 26.85 20.17
CA VAL D 41 -8.06 26.63 21.42
C VAL D 41 -8.64 25.22 21.40
N LEU D 42 -8.47 24.54 22.54
CA LEU D 42 -8.96 23.21 22.79
C LEU D 42 -10.00 23.27 23.87
N ARG D 43 -11.11 22.61 23.62
CA ARG D 43 -12.09 22.30 24.67
C ARG D 43 -12.19 20.79 24.88
N LEU D 44 -12.08 20.38 26.14
CA LEU D 44 -12.30 19.02 26.54
C LEU D 44 -13.66 18.98 27.25
N GLN D 45 -14.44 17.94 26.98
CA GLN D 45 -15.71 17.72 27.65
C GLN D 45 -15.70 16.40 28.34
N ALA D 46 -16.06 16.39 29.62
CA ALA D 46 -16.25 15.15 30.35
C ALA D 46 -17.63 14.52 30.13
N ASP D 47 -17.77 13.25 30.52
CA ASP D 47 -19.03 12.53 30.35
C ASP D 47 -20.21 13.18 31.12
N SER D 48 -19.91 13.89 32.21
CA SER D 48 -20.89 14.70 32.96
C SER D 48 -21.34 15.97 32.25
N GLY D 49 -20.66 16.35 31.17
CA GLY D 49 -20.85 17.64 30.55
C GLY D 49 -19.93 18.76 31.00
N ALA D 50 -19.18 18.58 32.09
CA ALA D 50 -18.23 19.64 32.49
C ALA D 50 -17.16 19.85 31.41
N VAL D 51 -16.67 21.08 31.31
CA VAL D 51 -15.73 21.46 30.26
C VAL D 51 -14.51 22.18 30.81
N GLY D 52 -13.42 22.10 30.04
CA GLY D 52 -12.18 22.81 30.34
C GLY D 52 -11.54 23.23 29.03
N TYR D 53 -10.86 24.38 29.06
CA TYR D 53 -10.23 24.95 27.88
C TYR D 53 -8.71 25.21 28.03
N GLY D 54 -8.04 25.19 26.90
CA GLY D 54 -6.61 25.44 26.84
C GLY D 54 -6.28 26.12 25.54
N GLU D 55 -5.21 26.91 25.57
CA GLU D 55 -4.76 27.66 24.43
C GLU D 55 -3.32 27.27 24.10
N ALA D 56 -3.05 27.14 22.79
CA ALA D 56 -1.73 26.96 22.24
C ALA D 56 -1.43 28.19 21.37
N SER D 57 -0.27 28.80 21.60
CA SER D 57 0.10 30.08 20.98
C SER D 57 1.47 30.01 20.29
N PRO D 58 1.52 29.38 19.13
CA PRO D 58 2.76 29.10 18.42
C PRO D 58 3.36 30.32 17.73
N TRP D 59 4.68 30.40 17.70
CA TRP D 59 5.42 31.34 16.85
C TRP D 59 6.34 30.61 15.90
N VAL D 60 6.02 30.73 14.61
CA VAL D 60 6.60 29.82 13.60
C VAL D 60 8.13 29.79 13.62
N VAL D 61 8.77 30.92 13.90
CA VAL D 61 10.23 30.99 13.85
C VAL D 61 10.93 30.41 15.12
N PHE D 62 10.17 30.20 16.20
CA PHE D 62 10.64 29.95 17.59
C PHE D 62 10.12 28.58 18.03
N THR D 63 8.82 28.44 18.26
CA THR D 63 8.26 27.20 18.82
C THR D 63 7.78 26.21 17.74
N GLY D 64 7.35 26.73 16.58
CA GLY D 64 6.87 25.91 15.45
C GLY D 64 5.57 26.53 14.94
N SER D 65 5.08 26.04 13.81
CA SER D 65 3.88 26.64 13.20
C SER D 65 2.58 26.31 13.89
N VAL D 66 1.56 27.13 13.59
CA VAL D 66 0.25 26.86 14.07
C VAL D 66 -0.31 25.59 13.44
N GLU D 67 0.07 25.29 12.21
CA GLU D 67 -0.36 24.08 11.55
C GLU D 67 0.18 22.81 12.26
N ALA D 68 1.44 22.89 12.67
CA ALA D 68 2.10 21.82 13.44
C ALA D 68 1.34 21.55 14.74
N THR D 69 1.06 22.64 15.45
CA THR D 69 0.33 22.56 16.71
C THR D 69 -1.10 22.02 16.55
N TYR D 70 -1.82 22.49 15.52
CA TYR D 70 -3.16 22.01 15.25
C TYR D 70 -3.17 20.54 14.94
N ALA D 71 -2.21 20.09 14.12
CA ALA D 71 -2.20 18.67 13.73
C ALA D 71 -1.82 17.77 14.92
N ALA D 72 -0.88 18.23 15.73
CA ALA D 72 -0.49 17.51 16.95
C ALA D 72 -1.74 17.17 17.77
N LEU D 73 -2.57 18.18 17.99
CA LEU D 73 -3.80 18.01 18.72
C LEU D 73 -4.83 17.19 17.94
N ASP D 74 -5.05 17.54 16.69
CA ASP D 74 -6.19 17.02 15.94
C ASP D 74 -6.04 15.53 15.63
N ARG D 75 -4.83 15.13 15.25
CA ARG D 75 -4.58 13.81 14.76
C ARG D 75 -3.88 12.90 15.78
N TYR D 76 -2.87 13.42 16.48
CA TYR D 76 -1.99 12.58 17.30
C TYR D 76 -2.42 12.51 18.77
N LEU D 77 -2.86 13.62 19.33
CA LEU D 77 -3.23 13.65 20.70
C LEU D 77 -4.71 13.29 20.92
N ARG D 78 -5.59 13.72 20.01
CA ARG D 78 -7.01 13.42 20.13
C ARG D 78 -7.29 11.95 20.56
N PRO D 79 -6.77 10.95 19.81
CA PRO D 79 -7.09 9.56 20.15
C PRO D 79 -6.46 9.08 21.44
N LEU D 80 -5.47 9.79 21.94
CA LEU D 80 -4.81 9.44 23.22
C LEU D 80 -5.50 10.10 24.42
N VAL D 81 -6.39 11.06 24.17
CA VAL D 81 -7.11 11.79 25.20
C VAL D 81 -8.58 11.37 25.30
N LEU D 82 -9.24 11.21 24.14
CA LEU D 82 -10.66 10.76 24.14
C LEU D 82 -10.79 9.37 24.73
N GLY D 83 -11.75 9.23 25.63
CA GLY D 83 -12.01 7.95 26.27
C GLY D 83 -11.20 7.75 27.54
N ARG D 84 -10.28 8.67 27.85
CA ARG D 84 -9.46 8.47 29.04
C ARG D 84 -10.20 8.97 30.25
N ALA D 85 -9.85 8.43 31.42
CA ALA D 85 -10.29 8.96 32.70
C ALA D 85 -9.58 10.29 32.97
N VAL D 86 -10.34 11.31 33.36
CA VAL D 86 -9.72 12.63 33.52
C VAL D 86 -8.71 12.62 34.69
N GLY D 87 -8.92 11.75 35.67
CA GLY D 87 -7.99 11.61 36.78
C GLY D 87 -6.60 11.06 36.39
N ASP D 88 -6.48 10.43 35.22
CA ASP D 88 -5.17 9.94 34.72
C ASP D 88 -4.33 11.03 34.04
N HIS D 89 -4.61 12.27 34.37
CA HIS D 89 -3.93 13.44 33.84
C HIS D 89 -2.42 13.25 33.69
N ALA D 90 -1.76 12.72 34.71
CA ALA D 90 -0.31 12.63 34.67
C ALA D 90 0.10 11.60 33.61
N ALA D 91 -0.63 10.49 33.46
CA ALA D 91 -0.29 9.50 32.45
C ALA D 91 -0.60 10.04 31.07
N ILE D 92 -1.72 10.77 30.94
CA ILE D 92 -2.11 11.32 29.65
C ILE D 92 -0.98 12.20 29.11
N MET D 93 -0.43 13.05 29.97
CA MET D 93 0.63 13.98 29.57
C MET D 93 1.98 13.30 29.27
N GLU D 94 2.29 12.20 29.97
CA GLU D 94 3.44 11.34 29.56
C GLU D 94 3.23 10.82 28.15
N ASP D 95 2.01 10.36 27.89
CA ASP D 95 1.70 9.75 26.59
C ASP D 95 1.78 10.86 25.51
N ALA D 96 1.33 12.06 25.86
CA ALA D 96 1.26 13.21 24.94
C ALA D 96 2.67 13.61 24.53
N ARG D 97 3.58 13.68 25.50
CA ARG D 97 4.98 14.02 25.16
C ARG D 97 5.65 13.01 24.20
N ALA D 98 5.38 11.73 24.42
CA ALA D 98 5.97 10.66 23.61
C ALA D 98 5.34 10.53 22.22
N ALA D 99 4.09 10.99 22.08
CA ALA D 99 3.34 10.77 20.84
C ALA D 99 3.70 11.71 19.68
N VAL D 100 4.26 12.87 19.98
CA VAL D 100 4.50 13.87 18.94
C VAL D 100 5.72 14.71 19.33
N ALA D 101 6.66 14.84 18.41
CA ALA D 101 7.88 15.59 18.70
C ALA D 101 7.53 17.10 18.65
N HIS D 102 8.20 17.92 19.44
CA HIS D 102 8.00 19.38 19.44
C HIS D 102 6.56 19.71 19.85
N CYS D 103 5.97 20.75 19.26
CA CYS D 103 4.57 21.10 19.54
C CYS D 103 4.36 21.21 21.04
N THR D 104 5.30 21.88 21.71
CA THR D 104 5.18 22.11 23.15
C THR D 104 3.97 23.00 23.42
N GLU D 105 3.61 23.83 22.45
CA GLU D 105 2.40 24.66 22.58
C GLU D 105 1.12 23.83 22.62
N ALA D 106 1.03 22.85 21.71
CA ALA D 106 -0.07 21.89 21.70
C ALA D 106 -0.18 21.14 23.03
N LYS D 107 0.98 20.79 23.56
CA LYS D 107 1.03 20.06 24.81
C LYS D 107 0.60 20.94 25.99
N ALA D 108 1.02 22.22 25.99
CA ALA D 108 0.56 23.21 27.00
C ALA D 108 -0.96 23.39 26.94
N ALA D 109 -1.52 23.45 25.74
CA ALA D 109 -3.00 23.58 25.64
C ALA D 109 -3.74 22.37 26.26
N LEU D 110 -3.25 21.17 25.99
CA LEU D 110 -3.82 19.98 26.56
C LEU D 110 -3.68 19.98 28.08
N ASP D 111 -2.50 20.32 28.59
CA ASP D 111 -2.27 20.30 30.04
C ASP D 111 -3.20 21.35 30.65
N THR D 112 -3.30 22.50 30.02
CA THR D 112 -4.15 23.58 30.54
C THR D 112 -5.64 23.16 30.62
N ALA D 113 -6.15 22.57 29.54
CA ALA D 113 -7.55 22.04 29.49
C ALA D 113 -7.81 20.90 30.48
N LEU D 114 -6.85 20.01 30.64
CA LEU D 114 -6.95 18.99 31.68
C LEU D 114 -7.08 19.62 33.09
N TYR D 115 -6.23 20.61 33.42
CA TYR D 115 -6.29 21.26 34.72
C TYR D 115 -7.61 22.03 34.87
N ASP D 116 -7.99 22.76 33.84
CA ASP D 116 -9.23 23.57 33.87
C ASP D 116 -10.41 22.64 34.12
N LEU D 117 -10.50 21.57 33.35
CA LEU D 117 -11.55 20.59 33.52
C LEU D 117 -11.63 19.90 34.88
N ARG D 118 -10.50 19.45 35.41
CA ARG D 118 -10.47 18.82 36.73
C ARG D 118 -10.78 19.84 37.83
N ALA D 119 -10.32 21.06 37.68
CA ALA D 119 -10.55 22.12 38.66
C ALA D 119 -12.06 22.50 38.69
N ARG D 120 -12.68 22.54 37.53
CA ARG D 120 -14.12 22.89 37.44
C ARG D 120 -14.97 21.71 37.94
N ILE D 121 -14.54 20.48 37.70
CA ILE D 121 -15.24 19.32 38.28
C ILE D 121 -15.18 19.39 39.82
N ALA D 122 -14.03 19.83 40.33
CA ALA D 122 -13.80 19.83 41.77
C ALA D 122 -14.34 21.08 42.41
N GLY D 123 -14.68 22.08 41.63
CA GLY D 123 -15.08 23.39 42.20
C GLY D 123 -13.96 24.22 42.79
N VAL D 124 -12.74 24.07 42.27
CA VAL D 124 -11.59 24.81 42.81
C VAL D 124 -10.89 25.59 41.67
N PRO D 125 -10.16 26.66 42.02
CA PRO D 125 -9.35 27.30 40.98
C PRO D 125 -8.16 26.40 40.54
N VAL D 126 -7.69 26.58 39.31
CA VAL D 126 -6.56 25.76 38.81
C VAL D 126 -5.31 25.81 39.74
N TRP D 127 -4.95 26.98 40.28
CA TRP D 127 -3.87 27.00 41.26
C TRP D 127 -4.01 26.00 42.42
N ALA D 128 -5.23 25.67 42.79
CA ALA D 128 -5.42 24.70 43.89
C ALA D 128 -5.02 23.28 43.49
N LEU D 129 -4.79 23.06 42.19
CA LEU D 129 -4.31 21.75 41.69
C LEU D 129 -2.80 21.74 41.44
N LEU D 130 -2.16 22.88 41.66
CA LEU D 130 -0.71 23.11 41.42
C LEU D 130 0.11 23.35 42.69
N GLY D 131 -0.47 22.99 43.84
CA GLY D 131 0.18 23.18 45.12
C GLY D 131 -0.46 24.22 46.04
N GLY D 132 -1.56 24.82 45.62
CA GLY D 132 -2.10 25.97 46.35
C GLY D 132 -1.33 27.22 45.96
N ARG D 133 -1.54 28.30 46.68
CA ARG D 133 -1.20 29.65 46.27
C ARG D 133 -0.15 30.29 47.17
N CYS D 134 0.75 31.07 46.59
CA CYS D 134 1.67 31.90 47.35
C CYS D 134 1.52 33.42 47.13
N ARG D 135 0.76 33.82 46.10
CA ARG D 135 0.53 35.20 45.81
C ARG D 135 -0.82 35.29 45.12
N ASP D 136 -1.54 36.39 45.32
CA ASP D 136 -2.81 36.61 44.58
C ASP D 136 -2.70 37.68 43.52
N ARG D 137 -1.53 38.29 43.38
CA ARG D 137 -1.29 39.33 42.40
C ARG D 137 0.08 39.10 41.86
N ILE D 138 0.29 39.43 40.58
CA ILE D 138 1.60 39.30 39.91
C ILE D 138 1.95 40.59 39.19
N PRO D 139 3.11 41.18 39.49
CA PRO D 139 3.48 42.42 38.80
C PRO D 139 3.59 42.26 37.28
N LEU D 140 3.07 43.24 36.52
CA LEU D 140 2.98 43.10 35.07
C LEU D 140 4.00 43.96 34.33
N SER D 141 4.58 43.36 33.29
CA SER D 141 5.47 44.01 32.35
C SER D 141 4.78 44.11 31.04
N CYS D 142 4.98 45.23 30.35
CA CYS D 142 4.49 45.40 28.98
C CYS D 142 5.69 45.62 28.06
N SER D 143 5.69 44.96 26.89
CA SER D 143 6.78 45.07 25.95
C SER D 143 6.68 46.35 25.11
N ILE D 144 7.83 46.95 24.86
CA ILE D 144 7.96 48.17 24.09
C ILE D 144 8.73 47.77 22.84
N ALA D 145 8.03 47.61 21.72
CA ALA D 145 8.58 46.97 20.52
C ALA D 145 8.26 47.67 19.19
N ASP D 146 7.66 48.85 19.21
CA ASP D 146 7.20 49.49 17.97
C ASP D 146 8.38 50.09 17.21
N PRO D 147 8.51 49.81 15.89
CA PRO D 147 9.54 50.55 15.17
C PRO D 147 9.31 52.07 15.22
N ASP D 148 8.06 52.52 15.29
CA ASP D 148 7.77 53.93 15.52
C ASP D 148 7.78 54.18 17.01
N PHE D 149 8.88 54.78 17.48
CA PHE D 149 9.08 54.98 18.92
C PHE D 149 8.11 55.99 19.53
N ASP D 150 7.60 56.91 18.72
CA ASP D 150 6.65 57.91 19.23
C ASP D 150 5.34 57.23 19.61
N LYS D 151 4.89 56.25 18.84
CA LYS D 151 3.72 55.44 19.25
C LYS D 151 3.98 54.81 20.64
N ASP D 152 5.19 54.28 20.86
CA ASP D 152 5.52 53.66 22.14
C ASP D 152 5.66 54.65 23.27
N LEU D 153 6.13 55.87 22.98
CA LEU D 153 6.12 56.92 24.00
C LEU D 153 4.68 57.30 24.42
N ALA D 154 3.75 57.27 23.45
CA ALA D 154 2.31 57.43 23.76
C ALA D 154 1.88 56.27 24.66
N LEU D 155 2.28 55.05 24.29
CA LEU D 155 1.96 53.85 25.08
C LEU D 155 2.51 53.97 26.48
N MET D 156 3.70 54.54 26.65
CA MET D 156 4.27 54.68 28.00
C MET D 156 3.39 55.53 28.92
N GLN D 157 2.70 56.54 28.36
CA GLN D 157 1.80 57.40 29.16
C GLN D 157 0.64 56.58 29.65
N ARG D 158 0.04 55.81 28.76
CA ARG D 158 -1.05 54.92 29.15
C ARG D 158 -0.57 53.97 30.28
N LEU D 159 0.51 53.24 30.04
CA LEU D 159 1.04 52.30 31.05
C LEU D 159 1.22 53.02 32.38
N GLN D 160 1.84 54.20 32.34
CA GLN D 160 2.07 54.98 33.56
C GLN D 160 0.75 55.31 34.26
N ASP D 161 -0.22 55.79 33.48
CA ASP D 161 -1.55 56.13 34.02
C ASP D 161 -2.19 54.90 34.63
N ASP D 162 -1.94 53.74 34.00
CA ASP D 162 -2.51 52.46 34.46
C ASP D 162 -1.73 51.82 35.63
N ASP D 163 -0.72 52.51 36.17
CA ASP D 163 0.12 52.02 37.28
C ASP D 163 1.01 50.79 36.96
N VAL D 164 1.17 50.45 35.69
CA VAL D 164 2.21 49.50 35.24
C VAL D 164 3.58 50.13 35.44
N ARG D 165 4.49 49.40 36.10
CA ARG D 165 5.82 49.89 36.45
C ARG D 165 6.96 48.98 35.96
N ILE D 166 6.66 48.09 35.02
CA ILE D 166 7.70 47.29 34.34
C ILE D 166 7.49 47.31 32.85
N ILE D 167 8.59 47.49 32.11
CA ILE D 167 8.56 47.33 30.67
C ILE D 167 9.72 46.47 30.20
N LYS D 168 9.52 45.76 29.10
CA LYS D 168 10.64 45.10 28.43
C LYS D 168 10.82 45.68 27.03
N LEU D 169 11.99 46.27 26.81
CA LEU D 169 12.37 46.86 25.54
C LEU D 169 12.82 45.78 24.57
N LYS D 170 12.14 45.66 23.43
CA LYS D 170 12.59 44.72 22.42
C LYS D 170 13.69 45.43 21.66
N THR D 171 14.84 44.77 21.58
CA THR D 171 16.02 45.33 20.96
C THR D 171 16.56 44.45 19.81
N GLY D 172 17.49 45.03 19.05
CA GLY D 172 18.17 44.29 18.01
C GLY D 172 17.38 44.04 16.74
N PHE D 173 16.30 44.79 16.51
CA PHE D 173 15.57 44.62 15.23
C PHE D 173 15.78 45.75 14.23
N LYS D 174 16.24 46.93 14.68
CA LYS D 174 16.53 48.05 13.76
C LYS D 174 18.02 48.24 13.59
N ASP D 175 18.60 49.01 14.49
CA ASP D 175 20.05 49.15 14.57
C ASP D 175 20.37 49.51 16.00
N HIS D 176 21.64 49.41 16.36
CA HIS D 176 22.07 49.56 17.74
C HIS D 176 21.80 50.96 18.30
N ALA D 177 21.92 51.96 17.41
CA ALA D 177 21.66 53.36 17.79
C ALA D 177 20.23 53.52 18.31
N PHE D 178 19.28 52.90 17.61
CA PHE D 178 17.86 52.89 17.99
C PHE D 178 17.63 52.29 19.39
N ASP D 179 18.38 51.25 19.73
CA ASP D 179 18.27 50.66 21.06
C ASP D 179 18.82 51.61 22.11
N MET D 180 20.00 52.17 21.86
CA MET D 180 20.67 53.04 22.83
C MET D 180 19.87 54.36 23.04
N MET D 181 19.32 54.91 21.96
CA MET D 181 18.37 56.06 22.03
C MET D 181 17.18 55.74 22.93
N ARG D 182 16.47 54.64 22.65
CA ARG D 182 15.26 54.34 23.41
C ARG D 182 15.56 54.14 24.90
N LEU D 183 16.65 53.43 25.22
CA LEU D 183 17.05 53.26 26.60
C LEU D 183 17.33 54.59 27.29
N GLU D 184 18.08 55.49 26.65
CA GLU D 184 18.38 56.81 27.26
C GLU D 184 17.08 57.57 27.51
N ARG D 185 16.20 57.61 26.51
CA ARG D 185 14.95 58.37 26.62
C ARG D 185 14.04 57.83 27.73
N LEU D 186 13.87 56.51 27.76
CA LEU D 186 13.01 55.88 28.75
C LEU D 186 13.57 56.07 30.15
N ARG D 187 14.88 55.95 30.31
CA ARG D 187 15.52 56.20 31.59
C ARG D 187 15.35 57.67 32.05
N ALA D 188 15.38 58.61 31.10
CA ALA D 188 15.25 60.05 31.42
C ALA D 188 13.80 60.43 31.74
N ASP D 189 12.88 60.10 30.83
CA ASP D 189 11.47 60.48 30.99
C ASP D 189 10.66 59.59 31.94
N PHE D 190 11.05 58.31 32.09
CA PHE D 190 10.28 57.38 32.93
C PHE D 190 11.16 56.61 33.91
N PRO D 191 11.79 57.33 34.85
CA PRO D 191 12.77 56.77 35.79
C PRO D 191 12.19 55.82 36.85
N ALA D 192 10.88 55.86 37.04
CA ALA D 192 10.25 55.00 38.03
C ALA D 192 10.07 53.56 37.52
N PHE D 193 10.18 53.35 36.22
CA PHE D 193 9.98 52.03 35.63
C PHE D 193 11.19 51.11 35.81
N ASP D 194 10.90 49.83 36.04
CA ASP D 194 11.87 48.73 36.00
C ASP D 194 11.99 48.33 34.52
N ILE D 195 13.19 48.42 33.95
CA ILE D 195 13.34 48.21 32.52
C ILE D 195 14.17 46.94 32.28
N ARG D 196 13.63 46.07 31.44
CA ARG D 196 14.34 44.88 31.00
C ARG D 196 14.56 45.01 29.51
N VAL D 197 15.45 44.16 28.99
CA VAL D 197 15.78 44.16 27.59
C VAL D 197 15.64 42.75 27.03
N ASP D 198 15.04 42.64 25.86
CA ASP D 198 14.95 41.36 25.15
C ASP D 198 15.34 41.45 23.67
N TYR D 199 16.41 40.74 23.33
CA TYR D 199 16.91 40.71 21.98
C TYR D 199 16.28 39.66 21.07
N ASN D 200 15.57 38.69 21.66
CA ASN D 200 14.90 37.64 20.89
C ASN D 200 15.81 36.98 19.88
N GLN D 201 17.04 36.67 20.30
CA GLN D 201 18.04 36.02 19.43
C GLN D 201 18.59 36.89 18.31
N GLY D 202 18.41 38.21 18.43
CA GLY D 202 18.67 39.11 17.29
C GLY D 202 20.10 39.57 17.06
N LEU D 203 21.04 39.20 17.93
CA LEU D 203 22.40 39.70 17.75
C LEU D 203 23.24 38.61 17.12
N HIS D 204 23.82 38.91 15.97
CA HIS D 204 24.80 38.02 15.36
C HIS D 204 26.04 37.92 16.25
N HIS D 205 26.64 36.73 16.30
CA HIS D 205 27.79 36.51 17.19
C HIS D 205 28.99 37.45 16.95
N ASP D 206 29.12 37.94 15.74
CA ASP D 206 30.15 38.95 15.39
C ASP D 206 30.12 40.13 16.34
N VAL D 207 28.94 40.52 16.79
CA VAL D 207 28.80 41.76 17.54
C VAL D 207 28.12 41.64 18.88
N ALA D 208 27.70 40.44 19.25
CA ALA D 208 26.84 40.24 20.43
C ALA D 208 27.39 40.81 21.74
N LEU D 209 28.61 40.40 22.10
CA LEU D 209 29.21 40.85 23.36
C LEU D 209 29.32 42.38 23.47
N ALA D 210 29.86 43.01 22.44
CA ALA D 210 29.94 44.48 22.36
C ALA D 210 28.62 45.17 22.62
N ARG D 211 27.57 44.74 21.95
CA ARG D 211 26.27 45.41 22.09
C ARG D 211 25.60 45.13 23.41
N VAL D 212 25.75 43.89 23.92
CA VAL D 212 25.27 43.59 25.28
C VAL D 212 25.94 44.48 26.32
N ARG D 213 27.27 44.59 26.25
CA ARG D 213 28.04 45.50 27.11
C ARG D 213 27.54 46.94 27.04
N ASP D 214 27.30 47.44 25.84
CA ASP D 214 26.70 48.77 25.65
C ASP D 214 25.36 48.94 26.35
N VAL D 215 24.39 48.08 26.05
CA VAL D 215 23.08 48.25 26.68
C VAL D 215 23.17 48.02 28.19
N ALA D 216 24.17 47.26 28.65
CA ALA D 216 24.33 47.02 30.09
C ALA D 216 24.65 48.29 30.89
N THR D 217 25.19 49.31 30.22
CA THR D 217 25.48 50.61 30.86
C THR D 217 24.20 51.30 31.40
N PHE D 218 23.03 50.96 30.87
CA PHE D 218 21.74 51.45 31.40
C PHE D 218 21.17 50.65 32.56
N LYS D 219 21.89 49.61 32.98
CA LYS D 219 21.49 48.74 34.07
C LYS D 219 20.06 48.18 33.96
N PRO D 220 19.69 47.62 32.80
CA PRO D 220 18.44 46.90 32.78
C PRO D 220 18.45 45.76 33.83
N THR D 221 17.29 45.34 34.28
CA THR D 221 17.21 44.33 35.35
C THR D 221 17.74 42.96 34.84
N PHE D 222 17.46 42.70 33.57
CA PHE D 222 18.11 41.60 32.86
C PHE D 222 18.15 41.87 31.37
N ILE D 223 19.07 41.18 30.69
CA ILE D 223 19.17 41.23 29.21
C ILE D 223 18.86 39.83 28.75
N GLU D 224 17.80 39.70 27.96
CA GLU D 224 17.26 38.40 27.60
C GLU D 224 17.72 37.91 26.23
N GLN D 225 18.14 36.65 26.19
CA GLN D 225 18.46 35.93 24.95
C GLN D 225 19.05 36.77 23.79
N PRO D 226 20.26 37.30 23.97
CA PRO D 226 20.98 38.07 22.93
C PRO D 226 21.27 37.29 21.66
N VAL D 227 21.63 36.00 21.76
CA VAL D 227 22.10 35.20 20.59
C VAL D 227 21.16 34.05 20.28
N LYS D 228 21.40 33.37 19.15
CA LYS D 228 20.56 32.31 18.72
C LYS D 228 20.52 31.20 19.80
N ALA D 229 19.37 30.57 19.91
CA ALA D 229 19.06 29.55 20.92
C ALA D 229 20.16 28.51 21.11
N HIS D 230 20.74 28.06 19.99
CA HIS D 230 21.67 26.93 20.01
C HIS D 230 23.10 27.34 20.43
N LEU D 231 23.31 28.65 20.54
CA LEU D 231 24.65 29.19 20.85
C LEU D 231 24.82 29.30 22.36
N ARG D 232 24.67 28.15 23.00
CA ARG D 232 24.65 28.13 24.46
C ARG D 232 26.01 28.32 25.09
N GLY D 233 27.07 27.87 24.44
CA GLY D 233 28.43 28.18 24.94
C GLY D 233 28.72 29.67 24.91
N LEU D 234 28.23 30.33 23.85
CA LEU D 234 28.35 31.78 23.73
C LEU D 234 27.49 32.52 24.77
N MET D 235 26.26 32.04 25.04
CA MET D 235 25.45 32.58 26.17
C MET D 235 26.27 32.55 27.49
N ALA D 236 26.94 31.43 27.74
CA ALA D 236 27.70 31.25 28.98
C ALA D 236 28.86 32.24 29.00
N ARG D 237 29.51 32.46 27.86
CA ARG D 237 30.58 33.48 27.85
C ARG D 237 30.06 34.87 28.20
N ILE D 238 28.89 35.20 27.66
CA ILE D 238 28.28 36.52 27.85
C ILE D 238 27.80 36.66 29.29
N ARG D 239 27.24 35.57 29.84
CA ARG D 239 26.87 35.53 31.24
C ARG D 239 28.03 35.95 32.10
N ASP D 240 29.21 35.40 31.84
CA ASP D 240 30.37 35.64 32.74
C ASP D 240 31.08 36.95 32.46
N ALA D 241 30.86 37.53 31.29
CA ALA D 241 31.55 38.75 30.85
C ALA D 241 30.92 40.07 31.35
N VAL D 242 29.64 40.05 31.68
CA VAL D 242 28.84 41.26 31.93
C VAL D 242 28.14 41.16 33.29
N ASP D 243 28.12 42.25 34.06
CA ASP D 243 27.54 42.24 35.41
C ASP D 243 26.01 42.15 35.44
N VAL D 244 25.36 42.76 34.46
CA VAL D 244 23.91 42.69 34.36
C VAL D 244 23.44 41.23 34.16
N PRO D 245 22.36 40.80 34.84
CA PRO D 245 21.82 39.45 34.64
C PRO D 245 21.48 39.13 33.20
N LEU D 246 21.90 37.94 32.74
CA LEU D 246 21.53 37.37 31.48
C LEU D 246 20.38 36.37 31.66
N LEU D 247 19.32 36.52 30.86
CA LEU D 247 18.18 35.65 30.97
C LEU D 247 18.09 34.77 29.73
N ALA D 248 18.04 33.45 29.91
CA ALA D 248 17.78 32.54 28.79
C ALA D 248 16.31 32.50 28.48
N ASP D 249 15.96 32.51 27.20
CA ASP D 249 14.60 32.25 26.77
C ASP D 249 14.58 31.01 25.86
N GLU D 250 14.73 31.23 24.55
CA GLU D 250 14.66 30.17 23.56
C GLU D 250 15.69 29.04 23.81
N SER D 251 16.78 29.36 24.52
CA SER D 251 17.84 28.39 24.80
C SER D 251 17.36 27.30 25.79
N ILE D 252 16.28 27.58 26.53
CA ILE D 252 15.74 26.63 27.55
C ILE D 252 14.22 26.53 27.46
N PHE D 253 13.74 25.38 26.99
CA PHE D 253 12.29 25.12 26.92
C PHE D 253 11.74 24.48 28.20
N GLY D 254 12.27 23.31 28.56
CA GLY D 254 11.76 22.53 29.66
C GLY D 254 12.79 22.01 30.65
N PRO D 255 12.37 21.10 31.54
CA PRO D 255 13.28 20.59 32.56
C PRO D 255 14.51 19.88 31.99
N GLU D 256 14.36 19.27 30.83
CA GLU D 256 15.47 18.57 30.19
C GLU D 256 16.55 19.56 29.77
N ASP D 257 16.13 20.65 29.12
CA ASP D 257 17.09 21.69 28.73
C ASP D 257 17.73 22.32 29.97
N MET D 258 16.92 22.55 31.00
CA MET D 258 17.42 23.18 32.23
C MET D 258 18.52 22.30 32.83
N ALA D 259 18.34 20.97 32.77
CA ALA D 259 19.27 20.01 33.30
C ALA D 259 20.53 19.91 32.46
N GLU D 260 20.38 19.96 31.14
CA GLU D 260 21.51 19.92 30.23
CA GLU D 260 21.52 19.91 30.23
C GLU D 260 22.39 21.17 30.25
N HIS D 261 21.78 22.33 30.54
CA HIS D 261 22.48 23.61 30.39
C HIS D 261 22.36 24.45 31.63
N PRO D 262 22.88 23.93 32.75
CA PRO D 262 22.73 24.59 34.04
C PRO D 262 23.40 25.95 34.20
N GLU D 263 24.41 26.28 33.41
CA GLU D 263 25.22 27.46 33.68
C GLU D 263 25.26 28.52 32.54
N ILE D 264 24.30 28.44 31.64
CA ILE D 264 24.33 29.31 30.47
C ILE D 264 23.82 30.74 30.75
N ALA D 265 23.11 30.93 31.85
CA ALA D 265 22.50 32.23 32.12
C ALA D 265 22.27 32.41 33.60
N ASP D 266 21.97 33.66 34.00
CA ASP D 266 21.69 33.99 35.41
C ASP D 266 20.25 33.70 35.77
N GLY D 267 19.43 33.43 34.77
CA GLY D 267 18.02 33.14 35.05
C GLY D 267 17.33 32.68 33.79
N VAL D 268 16.05 32.38 33.91
CA VAL D 268 15.30 31.83 32.80
CA VAL D 268 15.30 31.79 32.82
C VAL D 268 13.89 32.39 32.68
N SER D 269 13.44 32.52 31.43
CA SER D 269 12.07 32.90 31.16
C SER D 269 11.24 31.62 31.14
N ILE D 270 10.27 31.56 32.05
CA ILE D 270 9.40 30.40 32.15
C ILE D 270 8.16 30.63 31.33
N LYS D 271 7.87 29.77 30.34
CA LYS D 271 6.65 29.89 29.54
C LYS D 271 6.00 28.53 29.42
N ILE D 272 4.69 28.46 29.65
CA ILE D 272 3.99 27.18 29.50
C ILE D 272 4.09 26.66 28.06
N MET D 273 4.14 27.60 27.09
CA MET D 273 4.17 27.24 25.69
C MET D 273 5.51 26.55 25.29
N LYS D 274 6.58 26.85 26.02
CA LYS D 274 7.88 26.12 25.91
C LYS D 274 7.92 24.82 26.72
N SER D 275 7.48 24.88 27.96
CA SER D 275 7.65 23.74 28.85
C SER D 275 6.62 22.66 28.59
N GLY D 276 5.64 22.97 27.74
CA GLY D 276 4.64 22.01 27.37
C GLY D 276 3.62 21.79 28.43
N GLY D 277 3.43 22.82 29.25
CA GLY D 277 2.41 22.80 30.28
C GLY D 277 2.74 23.45 31.59
N LEU D 278 1.76 23.39 32.51
CA LEU D 278 1.89 24.11 33.77
C LEU D 278 2.86 23.41 34.75
N THR D 279 2.69 22.09 34.94
CA THR D 279 3.52 21.32 35.86
C THR D 279 5.00 21.49 35.49
N ARG D 280 5.33 21.25 34.22
CA ARG D 280 6.72 21.35 33.74
C ARG D 280 7.31 22.78 33.88
N ALA D 281 6.52 23.81 33.66
CA ALA D 281 6.95 25.19 33.91
C ALA D 281 7.37 25.35 35.38
N GLN D 282 6.59 24.79 36.30
CA GLN D 282 6.95 24.88 37.71
C GLN D 282 8.28 24.16 37.98
N THR D 283 8.46 23.01 37.36
CA THR D 283 9.69 22.24 37.56
C THR D 283 10.88 23.05 37.09
N VAL D 284 10.75 23.73 35.95
CA VAL D 284 11.85 24.54 35.45
C VAL D 284 12.21 25.65 36.47
N ALA D 285 11.20 26.37 36.95
CA ALA D 285 11.42 27.38 37.96
C ALA D 285 12.11 26.84 39.24
N ARG D 286 11.63 25.71 39.73
CA ARG D 286 12.22 25.09 40.92
C ARG D 286 13.67 24.64 40.71
N MET D 287 13.99 24.11 39.52
CA MET D 287 15.34 23.70 39.16
C MET D 287 16.27 24.91 39.11
N ALA D 288 15.77 26.01 38.58
CA ALA D 288 16.54 27.25 38.52
C ALA D 288 16.84 27.77 39.92
N ALA D 289 15.80 27.88 40.74
CA ALA D 289 15.92 28.43 42.10
C ALA D 289 16.86 27.61 42.98
N ALA D 290 16.84 26.30 42.75
CA ALA D 290 17.65 25.34 43.52
C ALA D 290 19.12 25.69 43.49
N ARG D 291 19.56 26.30 42.38
CA ARG D 291 20.95 26.77 42.20
C ARG D 291 21.18 28.29 42.24
N GLY D 292 20.14 29.06 42.51
CA GLY D 292 20.25 30.50 42.60
C GLY D 292 20.14 31.20 41.27
N LEU D 293 19.43 30.58 40.34
CA LEU D 293 19.12 31.21 39.08
C LEU D 293 17.70 31.79 39.20
N SER D 294 17.49 32.97 38.62
CA SER D 294 16.22 33.67 38.65
C SER D 294 15.19 33.03 37.72
N ALA D 295 13.91 33.31 37.99
CA ALA D 295 12.83 32.82 37.14
C ALA D 295 11.83 33.97 36.85
N TYR D 296 11.44 34.10 35.59
CA TYR D 296 10.58 35.18 35.12
C TYR D 296 9.38 34.61 34.38
N GLY D 297 8.21 35.23 34.55
CA GLY D 297 7.00 34.76 33.88
C GLY D 297 6.85 35.32 32.48
N GLY D 298 7.47 34.65 31.51
CA GLY D 298 7.39 35.09 30.12
C GLY D 298 6.11 34.65 29.46
N ASP D 299 5.93 35.10 28.23
CA ASP D 299 4.85 34.55 27.42
C ASP D 299 5.11 34.68 25.93
N MET D 300 4.20 34.12 25.13
CA MET D 300 4.29 34.22 23.68
C MET D 300 3.20 35.23 23.24
N PHE D 301 2.90 35.28 21.94
CA PHE D 301 1.77 36.07 21.45
C PHE D 301 0.46 35.40 21.73
N GLU D 302 -0.01 35.61 22.95
CA GLU D 302 -1.06 34.84 23.58
C GLU D 302 -2.33 35.62 23.74
N ALA D 303 -3.45 34.93 23.89
CA ALA D 303 -4.72 35.54 24.30
C ALA D 303 -4.92 35.30 25.81
N GLY D 304 -6.06 35.73 26.33
CA GLY D 304 -6.28 35.73 27.77
C GLY D 304 -6.45 34.35 28.38
N LEU D 305 -6.78 33.37 27.55
CA LEU D 305 -6.91 32.00 28.03
C LEU D 305 -5.54 31.48 28.45
N ALA D 306 -4.56 31.60 27.56
CA ALA D 306 -3.17 31.24 27.90
C ALA D 306 -2.63 32.10 29.04
N HIS D 307 -2.93 33.41 29.02
CA HIS D 307 -2.55 34.28 30.15
C HIS D 307 -3.05 33.72 31.52
N LEU D 308 -4.32 33.36 31.58
CA LEU D 308 -4.86 32.78 32.82
C LEU D 308 -4.11 31.49 33.23
N ALA D 309 -3.77 30.64 32.26
CA ALA D 309 -3.05 29.39 32.52
C ALA D 309 -1.70 29.75 33.15
N GLY D 310 -1.04 30.74 32.57
CA GLY D 310 0.23 31.22 33.09
C GLY D 310 0.08 31.82 34.47
N ALA D 311 -1.02 32.54 34.68
CA ALA D 311 -1.23 33.24 35.94
C ALA D 311 -1.46 32.27 37.11
N HIS D 312 -2.25 31.21 36.88
CA HIS D 312 -2.47 30.20 37.91
C HIS D 312 -1.16 29.48 38.24
N MET D 313 -0.41 29.12 37.20
CA MET D 313 0.93 28.53 37.43
C MET D 313 1.79 29.40 38.31
N ILE D 314 1.94 30.67 37.92
CA ILE D 314 2.77 31.59 38.70
C ILE D 314 2.23 31.78 40.15
N ALA D 315 0.91 31.79 40.30
CA ALA D 315 0.31 31.92 41.64
C ALA D 315 0.74 30.80 42.59
N ALA D 316 0.98 29.62 42.01
CA ALA D 316 1.38 28.45 42.76
C ALA D 316 2.93 28.22 42.80
N THR D 317 3.72 29.17 42.30
CA THR D 317 5.17 28.95 42.16
C THR D 317 5.95 30.11 42.73
N PRO D 318 6.33 30.02 44.02
CA PRO D 318 7.08 31.06 44.72
C PRO D 318 8.38 31.48 44.06
N GLU D 319 8.99 30.58 43.29
CA GLU D 319 10.29 30.81 42.70
C GLU D 319 10.23 31.87 41.60
N ILE D 320 9.08 32.05 40.98
CA ILE D 320 8.95 33.02 39.90
C ILE D 320 8.70 34.38 40.54
N THR D 321 9.78 35.15 40.66
CA THR D 321 9.81 36.39 41.42
C THR D 321 9.97 37.68 40.55
N LEU D 322 10.28 37.55 39.25
CA LEU D 322 10.56 38.72 38.38
C LEU D 322 9.33 39.29 37.63
N GLY D 323 8.13 38.85 38.01
CA GLY D 323 6.92 39.35 37.38
C GLY D 323 6.51 38.52 36.18
N CYS D 324 5.50 39.00 35.45
CA CYS D 324 5.05 38.36 34.23
C CYS D 324 4.83 39.37 33.12
N GLU D 325 4.67 38.88 31.89
CA GLU D 325 4.37 39.75 30.72
C GLU D 325 3.05 39.38 30.03
N PHE D 326 2.02 39.12 30.81
CA PHE D 326 0.70 38.77 30.25
C PHE D 326 -0.03 40.09 29.91
N TYR D 327 0.52 40.86 28.96
CA TYR D 327 0.05 42.22 28.58
C TYR D 327 -0.80 42.19 27.29
N GLN D 328 -0.72 41.11 26.51
CA GLN D 328 -1.27 41.12 25.17
C GLN D 328 -2.79 41.29 25.14
N ALA D 329 -3.50 40.60 26.03
CA ALA D 329 -4.97 40.64 26.05
C ALA D 329 -5.45 42.05 26.41
N THR D 330 -4.72 42.73 27.28
CA THR D 330 -5.05 44.09 27.69
C THR D 330 -4.61 45.13 26.67
N TYR D 331 -3.42 45.01 26.08
CA TYR D 331 -2.83 46.14 25.32
C TYR D 331 -2.47 45.91 23.85
N PHE D 332 -2.73 44.72 23.31
CA PHE D 332 -2.25 44.38 21.98
C PHE D 332 -3.35 43.80 21.11
N LEU D 333 -4.10 42.85 21.67
CA LEU D 333 -5.26 42.29 20.99
C LEU D 333 -6.41 43.33 20.90
N CYS D 334 -7.00 43.44 19.72
CA CYS D 334 -8.21 44.25 19.56
C CYS D 334 -9.33 43.72 20.44
N ASP D 335 -9.60 42.41 20.32
CA ASP D 335 -10.54 41.69 21.18
C ASP D 335 -9.90 40.36 21.66
N ASP D 336 -10.35 39.92 22.83
CA ASP D 336 -9.87 38.70 23.48
C ASP D 336 -10.96 37.65 23.36
N ILE D 337 -10.68 36.43 23.81
CA ILE D 337 -11.60 35.31 23.70
C ILE D 337 -12.31 34.97 25.02
N LEU D 338 -12.06 35.75 26.06
CA LEU D 338 -12.69 35.59 27.36
C LEU D 338 -14.02 36.38 27.42
N ALA D 339 -14.95 35.89 28.24
CA ALA D 339 -16.28 36.47 28.39
C ALA D 339 -16.26 37.77 29.19
N ALA D 340 -15.19 37.99 29.93
CA ALA D 340 -15.02 39.19 30.74
C ALA D 340 -13.53 39.56 30.59
N PRO D 341 -13.14 40.78 31.00
CA PRO D 341 -11.73 41.16 30.76
C PRO D 341 -10.72 40.34 31.55
N PHE D 342 -9.59 40.03 30.91
CA PHE D 342 -8.45 39.47 31.63
C PHE D 342 -8.08 40.40 32.80
N PRO D 343 -8.16 39.88 34.06
CA PRO D 343 -8.10 40.72 35.27
C PRO D 343 -6.74 41.33 35.60
N VAL D 344 -6.66 42.64 35.34
CA VAL D 344 -5.48 43.44 35.67
CA VAL D 344 -5.48 43.44 35.66
C VAL D 344 -5.93 44.71 36.38
N ALA D 345 -5.24 45.06 37.47
CA ALA D 345 -5.55 46.26 38.26
C ALA D 345 -4.27 46.76 38.90
N ASP D 346 -4.08 48.07 38.91
CA ASP D 346 -2.94 48.66 39.60
C ASP D 346 -1.58 48.10 39.13
N GLY D 347 -1.44 47.79 37.85
CA GLY D 347 -0.16 47.30 37.30
C GLY D 347 0.18 45.84 37.64
N HIS D 348 -0.82 45.08 38.09
CA HIS D 348 -0.68 43.70 38.52
C HIS D 348 -1.76 42.85 37.84
N VAL D 349 -1.43 41.60 37.57
CA VAL D 349 -2.44 40.61 37.19
C VAL D 349 -3.06 40.14 38.48
N LEU D 350 -4.40 40.02 38.52
CA LEU D 350 -5.12 39.57 39.70
C LEU D 350 -5.53 38.12 39.46
N VAL D 351 -4.94 37.20 40.23
CA VAL D 351 -5.23 35.80 40.11
C VAL D 351 -6.62 35.47 40.64
N PRO D 352 -7.49 34.89 39.81
CA PRO D 352 -8.82 34.57 40.28
C PRO D 352 -8.85 33.49 41.34
N ASP D 353 -9.89 33.50 42.15
CA ASP D 353 -10.07 32.46 43.13
C ASP D 353 -11.39 31.71 42.97
N THR D 354 -12.03 31.87 41.81
CA THR D 354 -13.23 31.11 41.47
C THR D 354 -12.81 29.83 40.73
N PRO D 355 -13.77 28.95 40.36
CA PRO D 355 -13.34 27.67 39.78
C PRO D 355 -12.65 27.74 38.40
N GLY D 356 -11.85 26.69 38.14
CA GLY D 356 -11.16 26.55 36.89
C GLY D 356 -10.20 27.68 36.73
N LEU D 357 -10.01 28.11 35.48
CA LEU D 357 -9.12 29.23 35.16
C LEU D 357 -9.64 30.61 35.61
N GLY D 358 -10.96 30.71 35.82
CA GLY D 358 -11.49 31.84 36.59
C GLY D 358 -12.29 32.85 35.81
N VAL D 359 -12.12 32.88 34.49
CA VAL D 359 -12.98 33.64 33.60
C VAL D 359 -13.48 32.67 32.52
N ASP D 360 -14.75 32.78 32.16
CA ASP D 360 -15.31 31.92 31.12
C ASP D 360 -14.70 32.24 29.75
N VAL D 361 -14.51 31.20 28.96
CA VAL D 361 -14.17 31.34 27.54
C VAL D 361 -15.47 31.65 26.80
N ASP D 362 -15.43 32.66 25.93
CA ASP D 362 -16.60 33.05 25.14
C ASP D 362 -16.67 32.25 23.84
N GLU D 363 -17.53 31.26 23.75
CA GLU D 363 -17.55 30.41 22.54
C GLU D 363 -18.01 31.14 21.26
N ASP D 364 -18.69 32.28 21.42
CA ASP D 364 -19.11 33.08 20.24
C ASP D 364 -17.91 33.85 19.74
N ALA D 365 -17.00 34.26 20.63
CA ALA D 365 -15.73 34.80 20.18
C ALA D 365 -14.88 33.72 19.47
N LEU D 366 -14.92 32.47 19.96
CA LEU D 366 -14.25 31.36 19.27
C LEU D 366 -14.76 31.25 17.80
N ALA D 367 -16.09 31.24 17.67
CA ALA D 367 -16.77 31.19 16.37
C ALA D 367 -16.45 32.41 15.52
N ARG D 368 -16.52 33.59 16.13
CA ARG D 368 -16.18 34.84 15.44
C ARG D 368 -14.80 34.82 14.78
N PHE D 369 -13.76 34.42 15.53
CA PHE D 369 -12.36 34.56 15.06
C PHE D 369 -11.75 33.30 14.39
N ALA D 370 -12.54 32.23 14.26
CA ALA D 370 -12.08 31.00 13.57
C ALA D 370 -11.74 31.29 12.09
N VAL D 371 -10.67 30.69 11.58
CA VAL D 371 -10.20 31.02 10.23
C VAL D 371 -11.07 30.32 9.17
K K E . -8.90 -37.70 -38.06
MG MG F . 3.00 -35.99 -26.67
K K G . 32.07 2.77 23.50
MG MG H . 18.21 5.07 14.56
K K I . -15.09 -1.82 -36.39
MG MG J . -26.53 -4.37 -24.47
K K K . 25.74 38.31 34.04
MG MG L . 11.92 36.38 24.99
#